data_4GZX
#
_entry.id   4GZX
#
_cell.length_a   80.587
_cell.length_b   110.176
_cell.length_c   110.043
_cell.angle_alpha   90.00
_cell.angle_beta   97.45
_cell.angle_gamma   90.00
#
_symmetry.space_group_name_H-M   'P 1 21 1'
#
loop_
_entity.id
_entity.type
_entity.pdbx_description
1 polymer neuraminidase
2 branched 'N-acetyl-alpha-neuraminic acid-(2-6)-beta-D-galactopyranose'
3 branched alpha-D-mannopyranose-(1-3)-[alpha-D-mannopyranose-(1-6)]beta-D-mannopyranose-(1-4)-2-acetamido-2-deoxy-beta-D-glucopyranose-(1-4)-2-acetamido-2-deoxy-beta-D-glucopyranose
4 branched 2-acetamido-2-deoxy-beta-D-glucopyranose-(1-4)-[alpha-L-fucopyranose-(1-6)]2-acetamido-2-deoxy-beta-D-glucopyranose
5 branched beta-L-fucopyranose-(1-3)-2-acetamido-2-deoxy-beta-D-glucopyranose
6 non-polymer 2-acetamido-2-deoxy-beta-D-glucopyranose
7 non-polymer 'CALCIUM ION'
8 non-polymer 'N-acetyl-alpha-neuraminic acid'
9 water water
#
_entity_poly.entity_id   1
_entity_poly.type   'polypeptide(L)'
_entity_poly.pdbx_seq_one_letter_code
;GSPSRAEYRNWSKPQCDITGFAPFSKDNSIRLSAGGDIWVTREPYVSCDPDKCYQFALGQGTTLNNVHSNNTVRGRTPYR
TLLMNELGVPFHLGTKQVCIAWSSSSCHDGKAWLHVCITGDDKNATASFIYNGRLVDSVVSWSKEILRTQESECVCINGT
CTVVMTDGSASGKADTKILFIEEGKIVHTSTLSGSAQHVEECSCYPRYPGVRCVCRDNWKGSNRPIVDINIKDHSIVSSY
VCSGLVGDTPRKNDSSSSSHCLDPNNEEGGHGVKGWAFDDGNDVWMGRTINETSRLGYETFKVIEGWSNPKSKLQINRQV
IVDRGNRSGYSGIFSVEGKSCINRCFYVELIRGRKEETEVLWTSNSIVVFCGTSGTYGTGSWPDGADLNLMPI
;
_entity_poly.pdbx_strand_id   A,B,C,D
#
loop_
_chem_comp.id
_chem_comp.type
_chem_comp.name
_chem_comp.formula
BMA D-saccharide, beta linking beta-D-mannopyranose 'C6 H12 O6'
CA non-polymer 'CALCIUM ION' 'Ca 2'
FUC L-saccharide, alpha linking alpha-L-fucopyranose 'C6 H12 O5'
FUL L-saccharide, beta linking beta-L-fucopyranose 'C6 H12 O5'
GAL D-saccharide, beta linking beta-D-galactopyranose 'C6 H12 O6'
MAN D-saccharide, alpha linking alpha-D-mannopyranose 'C6 H12 O6'
NAG D-saccharide, beta linking 2-acetamido-2-deoxy-beta-D-glucopyranose 'C8 H15 N O6'
SIA D-saccharide, alpha linking 'N-acetyl-alpha-neuraminic acid' 'C11 H19 N O9'
#
# COMPACT_ATOMS: atom_id res chain seq x y z
N ALA A 6 -8.91 3.67 23.66
CA ALA A 6 -9.43 2.28 23.48
C ALA A 6 -10.52 1.89 24.50
N GLU A 7 -11.68 2.55 24.44
CA GLU A 7 -12.87 2.10 25.19
C GLU A 7 -13.84 1.40 24.21
N TYR A 8 -14.75 0.58 24.74
CA TYR A 8 -15.80 -0.05 23.91
C TYR A 8 -16.86 0.97 23.49
N ARG A 9 -17.40 0.79 22.28
CA ARG A 9 -18.52 1.61 21.81
C ARG A 9 -19.83 1.15 22.45
N ASN A 10 -20.67 2.10 22.86
CA ASN A 10 -22.00 1.75 23.32
C ASN A 10 -23.13 2.43 22.58
N TRP A 11 -22.78 3.43 21.76
CA TRP A 11 -23.73 4.14 20.89
C TRP A 11 -24.83 4.91 21.65
N SER A 12 -24.54 5.25 22.90
CA SER A 12 -25.48 5.88 23.83
C SER A 12 -25.60 7.37 23.53
N LYS A 13 -26.26 7.65 22.41
CA LYS A 13 -26.37 8.98 21.84
C LYS A 13 -27.57 8.93 20.87
N PRO A 14 -28.30 10.06 20.74
CA PRO A 14 -29.50 10.15 19.90
C PRO A 14 -29.24 9.97 18.40
N GLN A 15 -30.26 9.54 17.70
CA GLN A 15 -30.19 9.43 16.26
C GLN A 15 -30.20 10.86 15.69
N CYS A 16 -29.32 11.12 14.73
CA CYS A 16 -29.19 12.48 14.17
C CYS A 16 -30.47 12.88 13.45
N ASP A 17 -30.77 14.19 13.44
CA ASP A 17 -31.85 14.72 12.61
C ASP A 17 -31.60 14.30 11.15
N ILE A 18 -32.60 13.73 10.50
CA ILE A 18 -32.41 13.28 9.12
C ILE A 18 -33.46 13.86 8.17
N THR A 19 -32.98 14.57 7.16
CA THR A 19 -33.83 15.17 6.16
C THR A 19 -33.69 14.39 4.86
N GLY A 20 -32.75 13.45 4.85
CA GLY A 20 -32.46 12.63 3.70
C GLY A 20 -30.96 12.37 3.57
N PHE A 21 -30.54 12.01 2.36
CA PHE A 21 -29.20 11.50 2.20
C PHE A 21 -28.33 12.30 1.25
N ALA A 22 -27.09 12.50 1.69
CA ALA A 22 -26.08 13.17 0.91
C ALA A 22 -25.04 12.12 0.45
N PRO A 23 -24.55 12.23 -0.80
CA PRO A 23 -23.54 11.34 -1.38
C PRO A 23 -22.29 11.24 -0.53
N PHE A 24 -21.76 10.03 -0.38
CA PHE A 24 -20.63 9.81 0.50
C PHE A 24 -19.45 9.17 -0.23
N SER A 25 -19.73 8.19 -1.07
CA SER A 25 -18.68 7.43 -1.75
C SER A 25 -19.20 6.59 -2.89
N LYS A 26 -18.35 6.44 -3.89
CA LYS A 26 -18.61 5.61 -5.05
C LYS A 26 -17.30 4.92 -5.41
N ASP A 27 -17.35 3.63 -5.74
CA ASP A 27 -16.11 2.88 -5.95
C ASP A 27 -15.72 2.65 -7.42
N ASN A 28 -16.69 2.72 -8.32
CA ASN A 28 -16.42 2.66 -9.77
C ASN A 28 -15.69 1.39 -10.25
N SER A 29 -15.95 0.28 -9.58
CA SER A 29 -15.15 -0.92 -9.66
C SER A 29 -15.12 -1.66 -11.00
N ILE A 30 -16.27 -1.76 -11.67
CA ILE A 30 -16.38 -2.48 -12.94
C ILE A 30 -15.73 -1.67 -14.05
N ARG A 31 -15.90 -0.35 -13.97
CA ARG A 31 -15.36 0.55 -14.97
C ARG A 31 -13.85 0.47 -14.98
N LEU A 32 -13.29 0.30 -13.79
CA LEU A 32 -11.85 0.19 -13.66
C LEU A 32 -11.29 -1.16 -14.15
N SER A 33 -12.03 -2.24 -13.93
CA SER A 33 -11.57 -3.56 -14.34
C SER A 33 -11.57 -3.74 -15.85
N ALA A 34 -12.04 -2.71 -16.57
CA ALA A 34 -11.92 -2.68 -18.02
C ALA A 34 -10.49 -2.37 -18.42
N GLY A 35 -9.68 -1.97 -17.44
CA GLY A 35 -8.28 -1.64 -17.66
C GLY A 35 -7.53 -1.60 -16.34
N GLY A 36 -7.59 -2.69 -15.60
CA GLY A 36 -7.05 -2.74 -14.25
C GLY A 36 -7.40 -4.09 -13.65
N ASP A 37 -6.63 -4.52 -12.67
CA ASP A 37 -6.86 -5.84 -12.08
C ASP A 37 -7.71 -5.73 -10.81
N ILE A 38 -9.01 -5.99 -10.99
CA ILE A 38 -10.00 -5.78 -9.94
C ILE A 38 -10.74 -7.08 -9.62
N TRP A 39 -10.99 -7.28 -8.33
CA TRP A 39 -11.69 -8.47 -7.81
C TRP A 39 -13.14 -8.58 -8.29
N VAL A 40 -13.55 -9.81 -8.61
CA VAL A 40 -14.96 -10.09 -8.76
C VAL A 40 -15.55 -10.24 -7.35
N THR A 41 -16.67 -9.58 -7.14
CA THR A 41 -17.24 -9.48 -5.83
C THR A 41 -18.74 -9.57 -5.94
N ARG A 42 -19.37 -9.87 -4.81
CA ARG A 42 -20.76 -9.56 -4.60
C ARG A 42 -21.05 -9.45 -3.10
N GLU A 43 -22.30 -9.19 -2.76
CA GLU A 43 -22.72 -9.03 -1.37
C GLU A 43 -21.81 -8.04 -0.61
N PRO A 44 -21.65 -6.81 -1.13
CA PRO A 44 -20.74 -5.89 -0.47
C PRO A 44 -21.39 -5.22 0.71
N TYR A 45 -20.59 -4.54 1.52
CA TYR A 45 -21.09 -3.74 2.63
C TYR A 45 -20.01 -2.89 3.25
N VAL A 46 -20.43 -1.92 4.04
CA VAL A 46 -19.54 -0.95 4.62
C VAL A 46 -19.74 -1.01 6.12
N SER A 47 -18.64 -0.98 6.89
CA SER A 47 -18.63 -0.75 8.35
C SER A 47 -17.43 0.13 8.77
N CYS A 48 -17.49 0.78 9.92
CA CYS A 48 -16.45 1.76 10.26
C CYS A 48 -15.95 1.52 11.66
N ASP A 49 -14.67 1.80 11.87
CA ASP A 49 -14.11 1.83 13.22
C ASP A 49 -14.28 3.24 13.74
N PRO A 50 -13.83 3.55 14.97
CA PRO A 50 -14.05 4.92 15.41
C PRO A 50 -13.49 6.02 14.51
N ASP A 51 -12.44 5.75 13.73
CA ASP A 51 -11.84 6.80 12.90
C ASP A 51 -12.39 6.91 11.46
N LYS A 52 -12.53 5.76 10.79
CA LYS A 52 -12.79 5.72 9.35
C LYS A 52 -13.55 4.48 8.90
N CYS A 53 -14.10 4.54 7.70
CA CYS A 53 -14.94 3.48 7.17
C CYS A 53 -14.22 2.57 6.20
N TYR A 54 -14.56 1.28 6.26
CA TYR A 54 -14.01 0.28 5.38
C TYR A 54 -15.14 -0.32 4.56
N GLN A 55 -14.80 -0.87 3.38
CA GLN A 55 -15.76 -1.55 2.51
C GLN A 55 -15.41 -3.03 2.34
N PHE A 56 -16.40 -3.89 2.56
CA PHE A 56 -16.22 -5.32 2.43
C PHE A 56 -17.03 -5.86 1.26
N ALA A 57 -16.58 -6.97 0.68
CA ALA A 57 -17.38 -7.70 -0.30
C ALA A 57 -16.84 -9.11 -0.46
N LEU A 58 -17.63 -9.96 -1.10
CA LEU A 58 -17.29 -11.35 -1.20
C LEU A 58 -16.63 -11.62 -2.53
N GLY A 59 -15.35 -11.92 -2.49
CA GLY A 59 -14.60 -12.19 -3.69
C GLY A 59 -15.00 -13.52 -4.29
N GLN A 60 -14.57 -13.77 -5.51
CA GLN A 60 -14.87 -15.03 -6.15
C GLN A 60 -13.55 -15.74 -6.40
N GLY A 61 -12.60 -15.47 -5.50
CA GLY A 61 -11.23 -15.93 -5.70
C GLY A 61 -10.66 -15.58 -7.07
N THR A 62 -11.12 -14.48 -7.64
CA THR A 62 -10.59 -14.03 -8.93
C THR A 62 -10.75 -12.54 -9.15
N THR A 63 -9.97 -12.03 -10.09
CA THR A 63 -10.18 -10.72 -10.72
C THR A 63 -11.06 -10.85 -11.97
N LEU A 64 -11.51 -9.72 -12.50
CA LEU A 64 -12.47 -9.71 -13.61
C LEU A 64 -11.83 -10.13 -14.94
N ASN A 65 -10.85 -9.38 -15.41
CA ASN A 65 -10.14 -9.80 -16.60
C ASN A 65 -9.17 -10.92 -16.25
N ASN A 66 -9.68 -12.15 -16.37
CA ASN A 66 -9.14 -13.36 -15.75
C ASN A 66 -10.10 -14.46 -16.11
N VAL A 67 -9.59 -15.57 -16.65
CA VAL A 67 -10.45 -16.66 -17.17
C VAL A 67 -11.30 -17.33 -16.08
N HIS A 68 -10.83 -17.24 -14.84
CA HIS A 68 -11.57 -17.77 -13.69
C HIS A 68 -12.85 -17.01 -13.37
N SER A 69 -13.10 -15.92 -14.08
CA SER A 69 -14.26 -15.09 -13.81
C SER A 69 -15.54 -15.62 -14.48
N ASN A 70 -15.37 -16.55 -15.42
CA ASN A 70 -16.52 -17.23 -16.03
C ASN A 70 -17.28 -17.96 -14.96
N ASN A 71 -18.59 -17.73 -14.91
CA ASN A 71 -19.50 -18.49 -14.04
C ASN A 71 -19.67 -17.99 -12.65
N THR A 72 -19.32 -16.74 -12.41
CA THR A 72 -19.27 -16.22 -11.06
C THR A 72 -20.65 -15.81 -10.52
N VAL A 73 -21.70 -16.16 -11.26
CA VAL A 73 -23.09 -16.03 -10.81
C VAL A 73 -23.37 -16.99 -9.63
N ARG A 74 -22.54 -18.03 -9.52
CA ARG A 74 -22.57 -18.96 -8.40
C ARG A 74 -22.12 -18.29 -7.11
N GLY A 75 -22.95 -18.40 -6.07
CA GLY A 75 -22.68 -17.67 -4.83
C GLY A 75 -21.89 -18.36 -3.75
N ARG A 76 -21.74 -19.67 -3.85
CA ARG A 76 -21.05 -20.45 -2.83
C ARG A 76 -20.02 -21.35 -3.50
N THR A 77 -18.76 -20.91 -3.44
CA THR A 77 -17.60 -21.68 -3.89
C THR A 77 -16.53 -21.63 -2.81
N PRO A 78 -15.67 -22.67 -2.75
CA PRO A 78 -14.58 -22.71 -1.77
C PRO A 78 -13.52 -21.60 -1.97
N TYR A 79 -13.60 -20.87 -3.07
CA TYR A 79 -12.66 -19.79 -3.35
C TYR A 79 -13.17 -18.40 -2.93
N ARG A 80 -14.33 -18.34 -2.28
CA ARG A 80 -14.87 -17.05 -1.89
C ARG A 80 -14.32 -16.57 -0.57
N THR A 81 -13.73 -15.38 -0.59
CA THR A 81 -13.16 -14.80 0.61
C THR A 81 -13.75 -13.43 0.85
N LEU A 82 -13.87 -13.05 2.11
CA LEU A 82 -14.28 -11.71 2.52
C LEU A 82 -13.13 -10.73 2.29
N LEU A 83 -13.41 -9.65 1.55
CA LEU A 83 -12.44 -8.57 1.26
C LEU A 83 -12.60 -7.36 2.19
N MET A 84 -11.51 -6.66 2.50
CA MET A 84 -11.60 -5.48 3.39
C MET A 84 -10.61 -4.35 3.09
N ASN A 85 -11.03 -3.38 2.29
CA ASN A 85 -10.25 -2.14 2.06
C ASN A 85 -10.84 -0.99 2.83
N GLU A 86 -10.10 0.11 2.92
CA GLU A 86 -10.67 1.36 3.37
C GLU A 86 -11.65 1.81 2.29
N LEU A 87 -12.68 2.54 2.71
CA LEU A 87 -13.76 2.93 1.82
C LEU A 87 -13.25 3.79 0.68
N GLY A 88 -13.68 3.49 -0.54
CA GLY A 88 -13.26 4.27 -1.70
C GLY A 88 -11.94 3.78 -2.29
N VAL A 89 -11.18 3.00 -1.52
CA VAL A 89 -10.08 2.23 -2.11
C VAL A 89 -10.77 1.00 -2.67
N PRO A 90 -10.71 0.82 -4.01
CA PRO A 90 -11.36 -0.31 -4.66
C PRO A 90 -10.56 -1.60 -4.50
N PHE A 91 -11.19 -2.72 -4.82
CA PHE A 91 -10.60 -4.03 -4.59
C PHE A 91 -9.61 -4.43 -5.68
N HIS A 92 -8.40 -3.88 -5.56
CA HIS A 92 -7.27 -4.20 -6.41
C HIS A 92 -6.51 -5.39 -5.82
N LEU A 93 -5.38 -5.76 -6.42
CA LEU A 93 -4.60 -6.93 -5.99
C LEU A 93 -3.89 -6.78 -4.65
N GLY A 94 -3.92 -5.58 -4.09
CA GLY A 94 -3.35 -5.37 -2.76
C GLY A 94 -4.35 -5.50 -1.63
N THR A 95 -5.59 -5.81 -1.99
CA THR A 95 -6.65 -5.95 -1.02
C THR A 95 -6.50 -7.18 -0.13
N LYS A 96 -6.69 -6.99 1.19
CA LYS A 96 -6.64 -8.07 2.14
C LYS A 96 -7.92 -8.93 2.19
N GLN A 97 -7.77 -10.20 1.80
CA GLN A 97 -8.72 -11.26 2.12
C GLN A 97 -8.62 -11.56 3.59
N VAL A 98 -9.73 -11.42 4.30
CA VAL A 98 -9.65 -11.42 5.76
C VAL A 98 -10.13 -12.72 6.36
N CYS A 99 -10.90 -13.47 5.57
CA CYS A 99 -11.31 -14.83 5.89
C CYS A 99 -11.90 -15.54 4.69
N ILE A 100 -12.00 -16.86 4.80
CA ILE A 100 -12.77 -17.69 3.87
C ILE A 100 -14.25 -17.46 4.20
N ALA A 101 -15.06 -17.23 3.17
CA ALA A 101 -16.48 -16.88 3.34
C ALA A 101 -17.27 -16.77 2.05
N TRP A 102 -18.33 -17.57 1.93
CA TRP A 102 -19.35 -17.30 0.95
C TRP A 102 -20.56 -16.61 1.59
N SER A 103 -20.44 -16.24 2.87
CA SER A 103 -21.42 -15.42 3.58
C SER A 103 -20.75 -14.87 4.84
N SER A 104 -21.04 -13.64 5.21
CA SER A 104 -20.36 -13.03 6.34
C SER A 104 -21.07 -11.80 6.89
N SER A 105 -20.59 -11.37 8.06
CA SER A 105 -20.89 -10.09 8.67
C SER A 105 -19.57 -9.59 9.28
N SER A 106 -19.53 -8.29 9.61
CA SER A 106 -18.35 -7.65 10.22
C SER A 106 -18.70 -6.49 11.16
N CYS A 107 -17.90 -6.27 12.18
CA CYS A 107 -18.09 -5.08 13.01
C CYS A 107 -16.94 -4.84 13.96
N HIS A 108 -16.73 -3.57 14.29
CA HIS A 108 -15.68 -3.13 15.17
C HIS A 108 -16.43 -2.73 16.40
N ASP A 109 -15.91 -3.14 17.56
CA ASP A 109 -16.58 -2.94 18.83
C ASP A 109 -15.94 -1.78 19.57
N GLY A 110 -15.07 -1.07 18.87
CA GLY A 110 -14.32 0.02 19.45
C GLY A 110 -12.86 -0.29 19.73
N LYS A 111 -12.53 -1.57 19.92
CA LYS A 111 -11.15 -1.95 20.21
C LYS A 111 -10.57 -2.77 19.07
N ALA A 112 -11.35 -3.69 18.55
CA ALA A 112 -10.89 -4.44 17.40
C ALA A 112 -12.04 -4.88 16.50
N TRP A 113 -11.69 -5.46 15.36
CA TRP A 113 -12.66 -6.01 14.44
C TRP A 113 -13.11 -7.40 14.83
N LEU A 114 -14.42 -7.63 14.76
CA LEU A 114 -14.95 -8.98 14.63
C LEU A 114 -15.35 -9.24 13.19
N HIS A 115 -14.96 -10.39 12.65
CA HIS A 115 -15.56 -10.89 11.40
C HIS A 115 -16.25 -12.22 11.70
N VAL A 116 -17.47 -12.37 11.20
CA VAL A 116 -18.21 -13.63 11.26
C VAL A 116 -18.21 -14.24 9.86
N CYS A 117 -17.49 -15.33 9.68
CA CYS A 117 -17.17 -15.86 8.38
C CYS A 117 -17.69 -17.27 8.24
N ILE A 118 -18.37 -17.54 7.13
CA ILE A 118 -19.08 -18.80 6.90
C ILE A 118 -18.73 -19.37 5.56
N THR A 119 -18.20 -20.58 5.57
CA THR A 119 -17.82 -21.29 4.36
C THR A 119 -18.01 -22.79 4.62
N GLY A 120 -17.68 -23.64 3.64
CA GLY A 120 -17.93 -25.08 3.73
C GLY A 120 -19.04 -25.61 2.83
N ASP A 121 -19.37 -26.89 3.00
CA ASP A 121 -20.49 -27.55 2.28
C ASP A 121 -21.86 -26.91 2.56
N ASP A 122 -22.70 -26.88 1.51
CA ASP A 122 -24.09 -26.40 1.62
C ASP A 122 -24.79 -27.00 2.84
N LYS A 123 -24.67 -28.32 2.98
CA LYS A 123 -25.32 -29.09 4.04
C LYS A 123 -24.55 -29.22 5.37
N ASN A 124 -23.44 -28.48 5.55
CA ASN A 124 -22.60 -28.62 6.76
C ASN A 124 -21.63 -27.42 7.02
N ALA A 125 -22.11 -26.22 6.72
CA ALA A 125 -21.28 -25.01 6.78
C ALA A 125 -20.61 -24.79 8.11
N THR A 126 -19.42 -24.19 8.10
CA THR A 126 -18.79 -23.71 9.34
C THR A 126 -18.85 -22.19 9.35
N ALA A 127 -19.14 -21.64 10.52
CA ALA A 127 -19.04 -20.23 10.77
C ALA A 127 -17.88 -20.01 11.71
N SER A 128 -16.89 -19.26 11.25
CA SER A 128 -15.75 -18.88 12.06
C SER A 128 -15.93 -17.47 12.60
N PHE A 129 -15.42 -17.24 13.80
CA PHE A 129 -15.57 -15.96 14.44
C PHE A 129 -14.17 -15.45 14.74
N ILE A 130 -13.77 -14.41 14.02
CA ILE A 130 -12.40 -13.91 14.07
C ILE A 130 -12.36 -12.53 14.68
N TYR A 131 -11.69 -12.41 15.83
CA TYR A 131 -11.63 -11.14 16.55
C TYR A 131 -10.21 -10.70 16.83
N ASN A 132 -9.97 -9.39 16.72
CA ASN A 132 -8.65 -8.80 16.95
C ASN A 132 -7.55 -9.64 16.31
N GLY A 133 -7.79 -10.03 15.06
CA GLY A 133 -6.77 -10.67 14.24
C GLY A 133 -6.51 -12.13 14.53
N ARG A 134 -7.38 -12.77 15.31
CA ARG A 134 -7.22 -14.19 15.64
C ARG A 134 -8.56 -14.92 15.76
N LEU A 135 -8.53 -16.22 15.53
CA LEU A 135 -9.74 -17.06 15.53
C LEU A 135 -10.10 -17.47 16.94
N VAL A 136 -11.28 -17.05 17.39
CA VAL A 136 -11.72 -17.25 18.76
C VAL A 136 -12.84 -18.31 18.90
N ASP A 137 -13.56 -18.63 17.80
CA ASP A 137 -14.67 -19.56 17.90
C ASP A 137 -15.17 -20.07 16.56
N SER A 138 -16.04 -21.09 16.61
CA SER A 138 -16.76 -21.52 15.42
C SER A 138 -18.02 -22.32 15.77
N VAL A 139 -19.03 -22.31 14.88
CA VAL A 139 -20.22 -23.14 15.02
C VAL A 139 -20.44 -23.92 13.74
N VAL A 140 -20.97 -25.14 13.86
CA VAL A 140 -21.57 -25.83 12.70
C VAL A 140 -22.94 -25.30 12.41
N SER A 141 -23.31 -25.46 11.14
CA SER A 141 -24.66 -25.31 10.69
C SER A 141 -25.56 -26.17 11.56
N TRP A 142 -26.68 -25.61 12.04
CA TRP A 142 -27.56 -26.33 12.97
C TRP A 142 -28.72 -27.08 12.32
N SER A 143 -29.07 -26.74 11.09
CA SER A 143 -30.16 -27.42 10.41
C SER A 143 -29.73 -27.98 9.05
N LYS A 144 -28.48 -27.77 8.69
CA LYS A 144 -27.85 -28.42 7.53
C LYS A 144 -28.41 -28.00 6.17
N GLU A 145 -28.79 -26.73 6.04
CA GLU A 145 -29.30 -26.22 4.75
C GLU A 145 -28.87 -24.77 4.49
N ILE A 146 -27.63 -24.61 4.04
CA ILE A 146 -27.05 -23.30 3.74
C ILE A 146 -27.11 -22.30 4.91
N LEU A 147 -26.32 -22.54 5.96
CA LEU A 147 -26.15 -21.60 7.07
C LEU A 147 -25.71 -20.25 6.49
N ARG A 148 -26.27 -19.17 7.04
CA ARG A 148 -26.08 -17.84 6.48
C ARG A 148 -26.23 -16.74 7.50
N THR A 149 -25.62 -15.59 7.21
CA THR A 149 -25.72 -14.46 8.10
C THR A 149 -26.04 -13.20 7.29
N GLN A 150 -25.71 -12.02 7.83
CA GLN A 150 -26.29 -10.75 7.40
C GLN A 150 -25.85 -10.19 6.06
N GLU A 151 -24.56 -10.32 5.72
CA GLU A 151 -23.94 -9.57 4.62
C GLU A 151 -24.02 -8.05 4.84
N SER A 152 -23.93 -7.64 6.11
CA SER A 152 -23.74 -6.24 6.49
C SER A 152 -23.20 -6.16 7.92
N GLU A 153 -22.92 -4.96 8.40
CA GLU A 153 -22.29 -4.84 9.69
C GLU A 153 -23.14 -5.46 10.78
N CYS A 154 -22.47 -6.09 11.75
CA CYS A 154 -23.09 -6.45 13.00
C CYS A 154 -23.04 -5.22 13.91
N VAL A 155 -23.51 -5.34 15.14
CA VAL A 155 -23.53 -4.21 16.05
C VAL A 155 -22.98 -4.67 17.39
N CYS A 156 -22.17 -3.83 18.04
CA CYS A 156 -21.58 -4.15 19.33
C CYS A 156 -21.88 -3.04 20.29
N ILE A 157 -22.15 -3.40 21.55
CA ILE A 157 -22.51 -2.44 22.59
C ILE A 157 -21.87 -2.87 23.93
N ASN A 158 -21.25 -1.92 24.62
CA ASN A 158 -20.44 -2.20 25.81
C ASN A 158 -19.64 -3.50 25.71
N GLY A 159 -19.11 -3.77 24.53
CA GLY A 159 -18.26 -4.94 24.30
C GLY A 159 -19.00 -6.21 23.94
N THR A 160 -20.32 -6.17 23.85
CA THR A 160 -21.08 -7.33 23.38
C THR A 160 -21.59 -7.09 21.98
N CYS A 161 -21.20 -7.97 21.07
CA CYS A 161 -21.56 -7.88 19.68
C CYS A 161 -22.66 -8.87 19.39
N THR A 162 -23.45 -8.58 18.36
CA THR A 162 -24.57 -9.41 18.03
C THR A 162 -24.76 -9.53 16.53
N VAL A 163 -25.09 -10.74 16.10
CA VAL A 163 -25.19 -11.11 14.70
C VAL A 163 -26.45 -11.96 14.54
N VAL A 164 -27.10 -11.91 13.37
CA VAL A 164 -28.25 -12.77 13.13
C VAL A 164 -27.82 -13.81 12.13
N MET A 165 -28.12 -15.08 12.41
CA MET A 165 -27.76 -16.18 11.52
C MET A 165 -28.99 -17.04 11.20
N THR A 166 -28.97 -17.70 10.05
CA THR A 166 -30.11 -18.48 9.58
C THR A 166 -29.62 -19.80 8.96
N ASP A 167 -30.35 -20.89 9.25
CA ASP A 167 -30.11 -22.18 8.61
C ASP A 167 -31.46 -22.79 8.29
N GLY A 168 -31.61 -23.33 7.08
CA GLY A 168 -32.87 -23.95 6.70
C GLY A 168 -33.46 -23.43 5.41
N SER A 169 -34.65 -23.92 5.08
CA SER A 169 -35.34 -23.56 3.85
C SER A 169 -35.30 -22.07 3.49
N ALA A 170 -35.18 -21.83 2.19
CA ALA A 170 -35.30 -20.49 1.66
C ALA A 170 -36.78 -20.16 1.43
N SER A 171 -37.62 -21.19 1.25
CA SER A 171 -39.03 -20.96 0.98
C SER A 171 -40.00 -21.73 1.89
N GLY A 172 -39.66 -21.74 3.18
CA GLY A 172 -40.50 -22.31 4.21
C GLY A 172 -39.93 -21.94 5.57
N LYS A 173 -40.59 -22.39 6.65
CA LYS A 173 -40.07 -22.15 8.00
C LYS A 173 -38.58 -22.47 8.01
N ALA A 174 -37.83 -21.79 8.88
CA ALA A 174 -36.38 -22.00 8.97
C ALA A 174 -35.83 -21.55 10.31
N ASP A 175 -34.58 -21.92 10.58
CA ASP A 175 -34.02 -21.79 11.90
C ASP A 175 -33.05 -20.62 11.99
N THR A 176 -33.53 -19.56 12.63
CA THR A 176 -32.80 -18.31 12.79
C THR A 176 -32.40 -18.15 14.24
N LYS A 177 -31.14 -17.79 14.48
CA LYS A 177 -30.63 -17.58 15.84
C LYS A 177 -29.92 -16.24 15.93
N ILE A 178 -29.80 -15.73 17.14
CA ILE A 178 -29.09 -14.50 17.37
C ILE A 178 -27.91 -14.79 18.30
N LEU A 179 -26.70 -14.63 17.79
CA LEU A 179 -25.51 -14.96 18.56
C LEU A 179 -25.00 -13.71 19.23
N PHE A 180 -24.51 -13.88 20.45
CA PHE A 180 -23.90 -12.79 21.16
C PHE A 180 -22.45 -13.09 21.34
N ILE A 181 -21.60 -12.14 20.96
CA ILE A 181 -20.17 -12.43 20.90
C ILE A 181 -19.34 -11.41 21.67
N GLU A 182 -18.56 -11.90 22.61
CA GLU A 182 -17.66 -11.03 23.37
C GLU A 182 -16.23 -11.40 23.03
N GLU A 183 -15.52 -10.46 22.41
CA GLU A 183 -14.13 -10.66 22.02
C GLU A 183 -13.97 -11.93 21.17
N GLY A 184 -14.91 -12.17 20.27
CA GLY A 184 -14.86 -13.33 19.39
C GLY A 184 -15.47 -14.60 19.96
N LYS A 185 -15.89 -14.56 21.22
CA LYS A 185 -16.45 -15.73 21.85
C LYS A 185 -17.99 -15.70 21.86
N ILE A 186 -18.59 -16.69 21.20
CA ILE A 186 -20.04 -16.88 21.30
C ILE A 186 -20.41 -17.12 22.76
N VAL A 187 -20.95 -16.11 23.41
CA VAL A 187 -21.24 -16.17 24.85
C VAL A 187 -22.69 -16.62 25.13
N HIS A 188 -23.59 -16.32 24.20
CA HIS A 188 -24.98 -16.76 24.32
C HIS A 188 -25.59 -16.94 22.94
N THR A 189 -26.65 -17.73 22.87
CA THR A 189 -27.40 -17.91 21.65
C THR A 189 -28.87 -17.93 21.99
N SER A 190 -29.59 -16.87 21.60
CA SER A 190 -31.05 -16.83 21.60
C SER A 190 -31.58 -17.31 20.25
N THR A 191 -32.74 -17.97 20.24
CA THR A 191 -33.39 -18.33 18.99
C THR A 191 -34.45 -17.29 18.65
N LEU A 192 -34.82 -17.22 17.37
CA LEU A 192 -35.75 -16.21 16.87
C LEU A 192 -37.15 -16.43 17.43
N SER A 193 -37.76 -15.32 17.82
CA SER A 193 -39.07 -15.33 18.45
C SER A 193 -39.95 -14.19 17.91
N GLY A 194 -41.27 -14.26 18.17
CA GLY A 194 -42.17 -13.18 17.80
C GLY A 194 -42.90 -13.42 16.50
N SER A 195 -43.39 -12.34 15.90
CA SER A 195 -44.27 -12.40 14.74
C SER A 195 -43.57 -12.80 13.45
N ALA A 196 -42.26 -12.52 13.34
CA ALA A 196 -41.56 -12.67 12.05
C ALA A 196 -41.40 -14.13 11.68
N GLN A 197 -41.74 -14.46 10.44
CA GLN A 197 -41.85 -15.85 10.05
C GLN A 197 -40.66 -16.37 9.22
N HIS A 198 -39.90 -15.44 8.64
CA HIS A 198 -38.72 -15.76 7.83
C HIS A 198 -37.74 -14.59 7.83
N VAL A 199 -36.51 -14.84 8.30
CA VAL A 199 -35.55 -13.79 8.56
C VAL A 199 -34.22 -14.13 7.90
N GLU A 200 -33.86 -13.32 6.89
CA GLU A 200 -32.62 -13.36 6.12
C GLU A 200 -31.98 -12.00 6.16
N GLU A 201 -30.65 -11.97 6.06
CA GLU A 201 -29.85 -10.77 5.74
C GLU A 201 -30.26 -9.46 6.43
N CYS A 202 -30.30 -9.50 7.74
CA CYS A 202 -30.71 -8.35 8.52
C CYS A 202 -29.74 -7.19 8.40
N SER A 203 -30.30 -6.00 8.22
CA SER A 203 -29.52 -4.81 8.27
C SER A 203 -29.72 -4.24 9.66
N CYS A 204 -28.72 -4.39 10.51
CA CYS A 204 -28.85 -4.04 11.92
C CYS A 204 -28.22 -2.71 12.28
N TYR A 205 -28.78 -2.04 13.28
CA TYR A 205 -28.20 -0.81 13.78
C TYR A 205 -28.32 -0.67 15.30
N PRO A 206 -27.41 0.10 15.92
CA PRO A 206 -27.45 0.37 17.37
C PRO A 206 -28.55 1.36 17.78
N ARG A 207 -29.60 0.85 18.43
CA ARG A 207 -30.64 1.72 18.95
C ARG A 207 -30.65 1.59 20.47
N TYR A 208 -29.74 2.32 21.11
CA TYR A 208 -29.52 2.23 22.56
C TYR A 208 -30.81 2.11 23.35
N PRO A 209 -30.87 1.16 24.29
CA PRO A 209 -29.80 0.30 24.80
C PRO A 209 -29.65 -1.02 24.06
N GLY A 210 -30.40 -1.21 22.97
CA GLY A 210 -30.43 -2.47 22.25
C GLY A 210 -30.11 -2.30 20.78
N VAL A 211 -30.38 -3.36 20.01
CA VAL A 211 -30.02 -3.41 18.60
C VAL A 211 -31.31 -3.65 17.86
N ARG A 212 -31.42 -3.08 16.67
CA ARG A 212 -32.58 -3.29 15.82
C ARG A 212 -32.11 -3.69 14.42
N CYS A 213 -32.86 -4.60 13.78
CA CYS A 213 -32.53 -5.07 12.45
C CYS A 213 -33.80 -5.02 11.62
N VAL A 214 -33.65 -4.74 10.32
CA VAL A 214 -34.72 -4.80 9.34
C VAL A 214 -34.25 -5.81 8.29
N CYS A 215 -35.02 -6.87 8.07
CA CYS A 215 -34.47 -8.00 7.35
C CYS A 215 -35.13 -8.28 6.01
N ARG A 216 -34.88 -9.48 5.51
CA ARG A 216 -35.50 -9.99 4.29
C ARG A 216 -36.24 -11.29 4.57
N ASP A 217 -37.46 -11.36 4.04
CA ASP A 217 -38.36 -12.49 4.15
C ASP A 217 -38.39 -13.11 2.76
N ASN A 218 -37.78 -14.27 2.59
CA ASN A 218 -37.72 -14.91 1.26
C ASN A 218 -38.96 -15.77 0.96
N TRP A 219 -39.91 -15.79 1.89
CA TRP A 219 -40.99 -16.79 1.87
C TRP A 219 -42.41 -16.26 1.54
N LYS A 220 -43.01 -15.51 2.46
CA LYS A 220 -44.39 -15.09 2.29
C LYS A 220 -44.59 -13.57 2.34
N GLY A 221 -43.50 -12.81 2.42
CA GLY A 221 -43.60 -11.37 2.64
C GLY A 221 -42.91 -10.46 1.64
N SER A 222 -43.57 -9.34 1.35
CA SER A 222 -42.94 -8.23 0.63
C SER A 222 -42.70 -7.08 1.59
N ASN A 223 -43.40 -7.07 2.72
CA ASN A 223 -42.97 -6.25 3.85
C ASN A 223 -41.77 -6.89 4.52
N ARG A 224 -41.05 -6.13 5.33
CA ARG A 224 -39.73 -6.54 5.78
C ARG A 224 -39.75 -6.89 7.27
N PRO A 225 -39.19 -8.06 7.62
CA PRO A 225 -39.08 -8.42 9.02
C PRO A 225 -38.27 -7.39 9.80
N ILE A 226 -38.67 -7.17 11.05
CA ILE A 226 -37.96 -6.35 11.99
C ILE A 226 -37.65 -7.28 13.14
N VAL A 227 -36.45 -7.18 13.70
CA VAL A 227 -36.02 -8.00 14.80
C VAL A 227 -35.35 -7.14 15.86
N ASP A 228 -35.99 -7.02 17.02
CA ASP A 228 -35.39 -6.29 18.14
C ASP A 228 -34.51 -7.24 18.94
N ILE A 229 -33.30 -6.79 19.23
CA ILE A 229 -32.39 -7.55 20.05
C ILE A 229 -32.10 -6.78 21.32
N ASN A 230 -32.29 -7.43 22.45
CA ASN A 230 -31.89 -6.87 23.73
C ASN A 230 -30.54 -7.46 24.06
N ILE A 231 -29.63 -6.63 24.53
CA ILE A 231 -28.22 -7.04 24.66
C ILE A 231 -27.90 -7.48 26.08
N LYS A 232 -28.76 -7.10 27.02
CA LYS A 232 -28.48 -7.40 28.43
C LYS A 232 -29.11 -8.73 28.89
N ASP A 233 -30.37 -8.95 28.55
CA ASP A 233 -31.04 -10.19 28.91
C ASP A 233 -31.31 -11.12 27.69
N HIS A 234 -30.72 -10.77 26.54
CA HIS A 234 -30.70 -11.64 25.36
C HIS A 234 -32.05 -11.91 24.69
N SER A 235 -33.05 -11.10 25.03
CA SER A 235 -34.40 -11.31 24.53
C SER A 235 -34.58 -10.83 23.10
N ILE A 236 -35.47 -11.51 22.41
CA ILE A 236 -35.75 -11.25 21.02
C ILE A 236 -37.25 -11.06 20.94
N VAL A 237 -37.68 -9.97 20.31
CA VAL A 237 -39.06 -9.86 19.81
C VAL A 237 -38.95 -9.70 18.30
N SER A 238 -40.06 -9.76 17.58
CA SER A 238 -40.00 -9.52 16.15
C SER A 238 -41.37 -9.20 15.57
N SER A 239 -41.36 -8.65 14.37
CA SER A 239 -42.55 -8.17 13.72
C SER A 239 -42.22 -7.81 12.27
N TYR A 240 -43.04 -6.98 11.64
CA TYR A 240 -42.80 -6.49 10.28
C TYR A 240 -42.89 -4.97 10.19
N VAL A 241 -42.34 -4.44 9.10
CA VAL A 241 -42.34 -2.99 8.80
C VAL A 241 -43.74 -2.55 8.38
N CYS A 242 -44.47 -1.97 9.34
CA CYS A 242 -45.87 -1.54 9.19
C CYS A 242 -46.16 -0.82 7.87
N SER A 243 -45.39 0.23 7.58
CA SER A 243 -45.52 1.01 6.35
C SER A 243 -46.16 0.29 5.15
N GLY A 244 -47.18 0.92 4.57
CA GLY A 244 -47.94 0.35 3.45
C GLY A 244 -47.18 0.33 2.13
N LEU A 245 -46.12 1.15 2.08
CA LEU A 245 -45.10 1.08 1.03
C LEU A 245 -44.02 0.11 1.48
N VAL A 246 -43.88 -1.00 0.77
CA VAL A 246 -43.09 -2.14 1.25
C VAL A 246 -41.67 -2.18 0.69
N GLY A 247 -40.71 -2.63 1.52
CA GLY A 247 -39.29 -2.55 1.21
C GLY A 247 -38.65 -3.64 0.35
N ASP A 248 -39.36 -4.75 0.11
CA ASP A 248 -38.75 -5.90 -0.54
C ASP A 248 -38.88 -5.86 -2.08
N THR A 249 -38.12 -6.71 -2.78
CA THR A 249 -38.30 -6.94 -4.22
C THR A 249 -38.15 -8.45 -4.45
N PRO A 250 -39.17 -9.10 -5.05
CA PRO A 250 -40.38 -8.53 -5.66
C PRO A 250 -41.45 -8.02 -4.69
N ARG A 251 -42.39 -7.25 -5.21
CA ARG A 251 -43.51 -6.72 -4.44
C ARG A 251 -44.63 -6.36 -5.40
N LYS A 252 -45.80 -6.05 -4.85
CA LYS A 252 -46.86 -5.44 -5.66
C LYS A 252 -46.64 -3.93 -5.71
N ASN A 253 -47.13 -3.28 -6.78
CA ASN A 253 -47.01 -1.81 -6.92
C ASN A 253 -47.69 -0.99 -5.81
N ASP A 254 -47.45 0.32 -5.84
CA ASP A 254 -47.80 1.20 -4.71
C ASP A 254 -49.32 1.42 -4.54
N SER A 255 -50.09 1.17 -5.60
CA SER A 255 -51.55 1.24 -5.52
C SER A 255 -52.13 -0.06 -4.96
N SER A 256 -51.55 -1.19 -5.38
CA SER A 256 -52.07 -2.52 -5.07
C SER A 256 -51.53 -3.12 -3.77
N SER A 257 -50.34 -2.68 -3.36
CA SER A 257 -49.65 -3.27 -2.22
C SER A 257 -50.35 -3.02 -0.88
N SER A 258 -50.03 -3.87 0.11
CA SER A 258 -50.44 -3.64 1.50
C SER A 258 -49.42 -4.29 2.44
N SER A 259 -49.38 -3.79 3.68
CA SER A 259 -48.48 -4.33 4.67
C SER A 259 -49.32 -4.78 5.87
N HIS A 260 -48.64 -5.18 6.95
CA HIS A 260 -49.27 -5.64 8.17
C HIS A 260 -48.15 -5.60 9.21
N CYS A 261 -48.44 -5.03 10.38
CA CYS A 261 -47.43 -4.87 11.44
C CYS A 261 -46.89 -6.17 12.04
N LEU A 262 -47.68 -7.25 12.01
CA LEU A 262 -47.33 -8.50 12.70
C LEU A 262 -46.96 -9.69 11.79
N ASP A 263 -47.64 -9.85 10.66
CA ASP A 263 -47.43 -11.04 9.85
C ASP A 263 -46.88 -10.69 8.47
N PRO A 264 -46.32 -11.68 7.73
CA PRO A 264 -45.99 -11.36 6.34
C PRO A 264 -47.25 -10.88 5.67
N ASN A 265 -47.14 -10.22 4.53
CA ASN A 265 -48.33 -9.69 3.88
C ASN A 265 -48.94 -10.63 2.84
N ASN A 266 -48.22 -11.69 2.52
CA ASN A 266 -48.64 -12.68 1.51
C ASN A 266 -48.78 -12.15 0.10
N GLU A 267 -47.97 -11.16 -0.28
CA GLU A 267 -48.11 -10.50 -1.59
C GLU A 267 -46.85 -10.63 -2.45
N GLU A 268 -46.90 -11.49 -3.47
CA GLU A 268 -45.73 -11.78 -4.33
C GLU A 268 -44.50 -12.11 -3.46
N GLY A 269 -44.78 -12.43 -2.18
CA GLY A 269 -43.82 -12.48 -1.09
C GLY A 269 -42.55 -13.28 -1.24
N GLY A 270 -42.64 -14.47 -1.83
CA GLY A 270 -41.48 -15.32 -2.08
C GLY A 270 -40.32 -14.59 -2.72
N HIS A 271 -39.11 -15.08 -2.50
CA HIS A 271 -37.89 -14.40 -2.95
C HIS A 271 -37.70 -13.08 -2.20
N GLY A 272 -36.67 -12.34 -2.55
CA GLY A 272 -36.42 -11.05 -1.93
C GLY A 272 -35.12 -10.41 -2.36
N VAL A 273 -34.71 -9.41 -1.58
CA VAL A 273 -33.44 -8.74 -1.73
C VAL A 273 -33.15 -8.14 -0.36
N LYS A 274 -31.88 -8.17 0.04
CA LYS A 274 -31.46 -7.50 1.26
C LYS A 274 -31.78 -6.00 1.11
N GLY A 275 -32.20 -5.39 2.23
CA GLY A 275 -32.55 -3.98 2.27
C GLY A 275 -32.52 -3.50 3.71
N TRP A 276 -32.94 -2.26 3.95
CA TRP A 276 -32.82 -1.65 5.29
C TRP A 276 -33.97 -0.67 5.57
N ALA A 277 -34.21 -0.39 6.84
CA ALA A 277 -35.08 0.70 7.23
C ALA A 277 -34.74 1.09 8.64
N PHE A 278 -35.08 2.31 9.01
CA PHE A 278 -34.96 2.68 10.41
C PHE A 278 -36.09 3.61 10.79
N ASP A 279 -36.40 3.63 12.08
CA ASP A 279 -37.49 4.42 12.60
C ASP A 279 -37.03 5.85 12.81
N ASP A 280 -37.95 6.77 12.60
CA ASP A 280 -37.78 8.17 12.99
C ASP A 280 -39.06 8.55 13.71
N GLY A 281 -39.04 8.50 15.04
CA GLY A 281 -40.28 8.52 15.83
C GLY A 281 -41.23 7.40 15.37
N ASN A 282 -42.34 7.79 14.73
CA ASN A 282 -43.32 6.85 14.16
C ASN A 282 -43.22 6.81 12.65
N ASP A 283 -42.25 7.53 12.11
CA ASP A 283 -42.05 7.55 10.68
C ASP A 283 -40.98 6.53 10.32
N VAL A 284 -40.91 6.18 9.04
CA VAL A 284 -39.91 5.23 8.63
C VAL A 284 -39.12 5.73 7.44
N TRP A 285 -37.81 5.81 7.64
CA TRP A 285 -36.87 6.01 6.55
C TRP A 285 -36.53 4.64 5.98
N MET A 286 -36.62 4.50 4.67
CA MET A 286 -36.39 3.21 4.05
C MET A 286 -35.92 3.38 2.61
N GLY A 287 -35.23 2.37 2.10
CA GLY A 287 -34.86 2.34 0.70
C GLY A 287 -35.43 1.12 0.03
N ARG A 288 -35.39 1.09 -1.29
CA ARG A 288 -35.83 -0.06 -2.02
C ARG A 288 -35.51 0.20 -3.47
N THR A 289 -35.51 -0.87 -4.27
CA THR A 289 -35.38 -0.77 -5.72
C THR A 289 -36.58 0.01 -6.24
N ILE A 290 -36.46 0.53 -7.46
CA ILE A 290 -37.58 1.28 -8.02
C ILE A 290 -38.52 0.36 -8.79
N ASN A 291 -37.96 -0.55 -9.58
CA ASN A 291 -38.72 -1.63 -10.22
C ASN A 291 -39.28 -2.56 -9.15
N GLU A 292 -40.50 -3.03 -9.35
CA GLU A 292 -41.15 -3.87 -8.34
C GLU A 292 -40.73 -5.34 -8.40
N THR A 293 -40.15 -5.76 -9.51
CA THR A 293 -39.96 -7.18 -9.76
C THR A 293 -38.54 -7.51 -10.21
N SER A 294 -37.77 -6.47 -10.48
CA SER A 294 -36.36 -6.62 -10.77
C SER A 294 -35.56 -5.70 -9.87
N ARG A 295 -34.25 -5.89 -9.86
CA ARG A 295 -33.37 -5.03 -9.06
C ARG A 295 -32.83 -3.88 -9.93
N LEU A 296 -33.75 -3.24 -10.64
CA LEU A 296 -33.48 -2.01 -11.36
C LEU A 296 -33.78 -0.78 -10.51
N GLY A 297 -32.91 0.24 -10.64
CA GLY A 297 -33.09 1.51 -9.94
C GLY A 297 -32.99 1.41 -8.42
N TYR A 298 -32.95 2.56 -7.75
CA TYR A 298 -32.92 2.59 -6.29
C TYR A 298 -33.31 3.97 -5.77
N GLU A 299 -34.24 3.97 -4.82
CA GLU A 299 -34.84 5.19 -4.29
C GLU A 299 -34.90 5.11 -2.77
N THR A 300 -34.92 6.25 -2.12
CA THR A 300 -35.16 6.34 -0.69
C THR A 300 -36.23 7.39 -0.45
N PHE A 301 -37.04 7.17 0.58
CA PHE A 301 -38.05 8.14 1.00
C PHE A 301 -38.37 7.98 2.47
N LYS A 302 -39.08 8.96 3.02
CA LYS A 302 -39.66 8.83 4.36
C LYS A 302 -41.17 8.58 4.26
N VAL A 303 -41.67 7.63 5.06
CA VAL A 303 -43.11 7.36 5.15
C VAL A 303 -43.64 7.89 6.46
N ILE A 304 -44.55 8.85 6.37
CA ILE A 304 -45.13 9.45 7.55
C ILE A 304 -46.04 8.41 8.20
N GLU A 305 -45.86 8.21 9.51
CA GLU A 305 -46.51 7.13 10.25
C GLU A 305 -46.18 5.77 9.66
N GLY A 306 -44.96 5.59 9.20
CA GLY A 306 -44.60 4.33 8.54
C GLY A 306 -44.08 3.30 9.52
N TRP A 307 -43.85 3.71 10.75
CA TRP A 307 -43.36 2.77 11.73
C TRP A 307 -44.44 2.28 12.71
N SER A 308 -45.69 2.70 12.51
CA SER A 308 -46.78 2.22 13.37
C SER A 308 -48.11 1.95 12.63
N ASN A 309 -48.40 2.76 11.62
CA ASN A 309 -49.64 2.64 10.87
C ASN A 309 -49.46 1.81 9.59
N PRO A 310 -49.95 0.57 9.59
CA PRO A 310 -49.80 -0.32 8.43
C PRO A 310 -50.69 0.05 7.24
N LYS A 311 -51.46 1.12 7.37
CA LYS A 311 -52.32 1.62 6.30
C LYS A 311 -51.66 2.81 5.59
N SER A 312 -50.73 3.45 6.28
CA SER A 312 -50.04 4.65 5.82
C SER A 312 -49.25 4.43 4.52
N LYS A 313 -49.51 5.25 3.51
CA LYS A 313 -48.76 5.20 2.25
C LYS A 313 -48.30 6.60 1.84
N LEU A 314 -48.07 7.45 2.84
CA LEU A 314 -47.72 8.84 2.59
C LEU A 314 -46.20 9.07 2.63
N GLN A 315 -45.57 9.03 1.46
CA GLN A 315 -44.13 9.26 1.39
C GLN A 315 -43.77 10.72 1.19
N ILE A 316 -42.74 11.15 1.91
CA ILE A 316 -42.15 12.47 1.76
C ILE A 316 -40.64 12.29 1.54
N ASN A 317 -40.01 13.31 0.97
CA ASN A 317 -38.56 13.38 0.81
C ASN A 317 -37.93 12.29 -0.05
N ARG A 318 -38.60 11.90 -1.12
CA ARG A 318 -38.01 10.93 -2.06
C ARG A 318 -36.69 11.43 -2.64
N GLN A 319 -35.74 10.51 -2.77
CA GLN A 319 -34.53 10.73 -3.57
C GLN A 319 -34.32 9.51 -4.45
N VAL A 320 -33.94 9.74 -5.71
CA VAL A 320 -33.45 8.69 -6.58
C VAL A 320 -31.94 8.58 -6.36
N ILE A 321 -31.49 7.41 -5.93
CA ILE A 321 -30.06 7.14 -5.82
C ILE A 321 -29.52 6.57 -7.13
N VAL A 322 -30.26 5.64 -7.72
CA VAL A 322 -29.92 5.07 -9.04
C VAL A 322 -31.18 5.11 -9.88
N ASP A 323 -31.07 5.65 -11.09
CA ASP A 323 -32.21 5.76 -11.99
C ASP A 323 -32.78 4.39 -12.38
N ARG A 324 -34.07 4.39 -12.71
CA ARG A 324 -34.88 3.19 -12.93
C ARG A 324 -34.37 2.27 -14.02
N GLY A 325 -33.61 2.80 -14.95
CA GLY A 325 -33.05 2.02 -16.06
C GLY A 325 -31.65 1.49 -15.80
N ASN A 326 -31.14 1.69 -14.59
CA ASN A 326 -29.83 1.16 -14.18
C ASN A 326 -29.95 0.13 -13.07
N ARG A 327 -29.04 -0.85 -13.09
CA ARG A 327 -29.10 -1.95 -12.15
C ARG A 327 -28.73 -1.52 -10.75
N SER A 328 -29.34 -2.18 -9.78
CA SER A 328 -28.88 -2.09 -8.40
C SER A 328 -28.67 -3.51 -7.86
N GLY A 329 -29.05 -3.74 -6.62
CA GLY A 329 -28.88 -5.04 -5.99
C GLY A 329 -29.11 -4.88 -4.50
N TYR A 330 -28.32 -5.60 -3.70
CA TYR A 330 -28.39 -5.48 -2.24
C TYR A 330 -28.18 -4.03 -1.83
N SER A 331 -28.55 -3.73 -0.60
CA SER A 331 -28.38 -2.41 -0.04
C SER A 331 -28.52 -2.67 1.42
N GLY A 332 -27.77 -1.97 2.26
CA GLY A 332 -27.86 -2.20 3.68
C GLY A 332 -27.49 -0.94 4.43
N ILE A 333 -27.66 -0.96 5.74
CA ILE A 333 -27.39 0.22 6.54
C ILE A 333 -26.09 0.02 7.29
N PHE A 334 -25.49 1.13 7.71
CA PHE A 334 -24.50 1.15 8.77
C PHE A 334 -24.62 2.49 9.46
N SER A 335 -23.97 2.60 10.61
CA SER A 335 -24.16 3.71 11.50
C SER A 335 -22.82 4.33 11.84
N VAL A 336 -22.78 5.66 11.95
CA VAL A 336 -21.55 6.39 12.21
C VAL A 336 -21.73 7.36 13.39
N GLU A 337 -20.86 7.29 14.38
CA GLU A 337 -20.97 8.14 15.56
C GLU A 337 -20.39 9.53 15.34
N GLY A 338 -21.26 10.52 15.39
CA GLY A 338 -20.85 11.92 15.31
C GLY A 338 -20.49 12.49 16.66
N LYS A 339 -20.10 13.77 16.65
CA LYS A 339 -19.84 14.52 17.86
C LYS A 339 -20.99 14.29 18.84
N SER A 340 -22.23 14.46 18.35
CA SER A 340 -23.42 14.49 19.21
C SER A 340 -24.47 13.41 18.93
N CYS A 341 -24.33 12.67 17.83
CA CYS A 341 -25.41 11.77 17.44
C CYS A 341 -25.01 10.62 16.54
N ILE A 342 -25.82 9.57 16.51
CA ILE A 342 -25.56 8.48 15.61
C ILE A 342 -26.24 8.80 14.29
N ASN A 343 -25.46 8.86 13.21
CA ASN A 343 -26.00 9.02 11.87
C ASN A 343 -26.24 7.65 11.23
N ARG A 344 -27.10 7.59 10.20
CA ARG A 344 -27.35 6.35 9.47
C ARG A 344 -27.03 6.53 8.01
N CYS A 345 -26.25 5.60 7.47
CA CYS A 345 -25.84 5.63 6.07
C CYS A 345 -26.18 4.31 5.45
N PHE A 346 -26.11 4.25 4.12
CA PHE A 346 -26.44 3.03 3.38
C PHE A 346 -25.54 2.87 2.18
N TYR A 347 -25.37 1.64 1.72
CA TYR A 347 -24.57 1.34 0.53
C TYR A 347 -25.54 0.65 -0.45
N VAL A 348 -25.24 0.65 -1.74
CA VAL A 348 -26.13 0.01 -2.68
C VAL A 348 -25.28 -0.80 -3.62
N GLU A 349 -25.55 -2.08 -3.68
CA GLU A 349 -24.81 -2.96 -4.57
C GLU A 349 -25.31 -2.68 -5.98
N LEU A 350 -24.40 -2.36 -6.89
CA LEU A 350 -24.77 -2.21 -8.29
C LEU A 350 -24.22 -3.42 -9.03
N ILE A 351 -25.08 -4.45 -9.18
CA ILE A 351 -24.70 -5.71 -9.84
C ILE A 351 -24.70 -5.59 -11.35
N ARG A 352 -23.63 -6.05 -11.97
CA ARG A 352 -23.53 -6.12 -13.42
C ARG A 352 -23.20 -7.54 -13.85
N GLY A 353 -23.58 -7.88 -15.07
CA GLY A 353 -23.34 -9.21 -15.63
C GLY A 353 -24.47 -10.21 -15.41
N ARG A 354 -24.18 -11.45 -15.79
CA ARG A 354 -25.08 -12.61 -15.71
C ARG A 354 -25.93 -12.75 -14.43
N LYS A 355 -27.13 -13.34 -14.56
CA LYS A 355 -27.58 -13.91 -15.85
C LYS A 355 -28.44 -12.92 -16.65
N GLU A 356 -28.75 -11.79 -16.02
CA GLU A 356 -29.47 -10.70 -16.67
C GLU A 356 -28.76 -10.16 -17.91
N GLU A 357 -27.52 -9.74 -17.73
CA GLU A 357 -26.75 -9.15 -18.83
C GLU A 357 -25.86 -10.24 -19.40
N THR A 358 -26.02 -10.52 -20.70
CA THR A 358 -25.36 -11.68 -21.30
C THR A 358 -24.28 -11.28 -22.30
N GLU A 359 -23.79 -10.05 -22.18
CA GLU A 359 -22.69 -9.57 -23.04
C GLU A 359 -21.36 -10.10 -22.53
N VAL A 360 -21.35 -10.54 -21.28
CA VAL A 360 -20.13 -10.97 -20.57
C VAL A 360 -20.39 -12.31 -19.84
N LEU A 361 -19.32 -13.00 -19.48
CA LEU A 361 -19.47 -14.30 -18.84
C LEU A 361 -19.51 -14.23 -17.32
N TRP A 362 -18.98 -13.14 -16.78
CA TRP A 362 -18.86 -12.93 -15.34
C TRP A 362 -20.09 -12.25 -14.71
N THR A 363 -20.16 -12.32 -13.39
CA THR A 363 -21.13 -11.57 -12.62
C THR A 363 -20.35 -10.86 -11.55
N SER A 364 -20.43 -9.53 -11.52
CA SER A 364 -19.78 -8.75 -10.47
C SER A 364 -20.59 -7.52 -10.05
N ASN A 365 -19.97 -6.61 -9.29
CA ASN A 365 -20.66 -5.39 -8.87
C ASN A 365 -19.73 -4.23 -8.57
N SER A 366 -20.27 -3.01 -8.63
CA SER A 366 -19.64 -1.81 -8.07
C SER A 366 -20.56 -1.33 -6.98
N ILE A 367 -20.21 -0.24 -6.29
CA ILE A 367 -21.06 0.28 -5.18
C ILE A 367 -21.14 1.81 -4.94
N VAL A 368 -22.31 2.28 -4.50
CA VAL A 368 -22.49 3.69 -4.09
C VAL A 368 -22.87 3.79 -2.61
N VAL A 369 -22.50 4.87 -1.93
CA VAL A 369 -22.75 5.01 -0.47
C VAL A 369 -23.20 6.41 -0.14
N PHE A 370 -24.32 6.52 0.57
CA PHE A 370 -24.90 7.77 0.98
C PHE A 370 -24.96 7.77 2.48
N CYS A 371 -24.95 8.96 3.07
CA CYS A 371 -25.07 9.13 4.52
C CYS A 371 -26.17 10.12 4.87
N GLY A 372 -26.86 9.85 5.97
CA GLY A 372 -27.87 10.77 6.50
C GLY A 372 -27.30 12.16 6.68
N THR A 373 -28.09 13.16 6.32
CA THR A 373 -27.71 14.57 6.54
C THR A 373 -28.85 15.31 7.23
N SER A 374 -28.52 16.31 8.03
CA SER A 374 -29.53 17.19 8.58
C SER A 374 -29.61 18.49 7.76
N GLY A 375 -28.84 18.57 6.68
CA GLY A 375 -28.84 19.73 5.81
C GLY A 375 -29.66 19.55 4.54
N THR A 376 -29.35 20.29 3.48
CA THR A 376 -30.10 20.17 2.22
C THR A 376 -29.38 19.40 1.13
N TYR A 377 -30.09 19.05 0.07
CA TYR A 377 -29.49 18.25 -1.00
C TYR A 377 -30.24 18.42 -2.32
N GLY A 378 -29.55 18.18 -3.41
CA GLY A 378 -30.20 18.28 -4.70
C GLY A 378 -30.66 16.91 -5.11
N THR A 379 -30.55 16.65 -6.41
CA THR A 379 -30.85 15.34 -6.99
C THR A 379 -29.75 14.86 -7.96
N GLY A 380 -29.83 13.59 -8.32
CA GLY A 380 -28.98 13.01 -9.33
C GLY A 380 -29.21 11.52 -9.37
N SER A 381 -28.29 10.83 -10.00
CA SER A 381 -28.32 9.39 -10.19
C SER A 381 -26.84 8.98 -10.31
N TRP A 382 -26.47 7.87 -9.68
CA TRP A 382 -25.07 7.44 -9.66
C TRP A 382 -24.98 5.95 -9.92
N PRO A 383 -25.20 5.53 -11.16
CA PRO A 383 -25.19 4.12 -11.47
C PRO A 383 -23.77 3.57 -11.59
N ASP A 384 -23.66 2.26 -11.74
CA ASP A 384 -22.40 1.60 -12.00
C ASP A 384 -21.63 2.33 -13.10
N GLY A 385 -22.29 2.49 -14.24
CA GLY A 385 -21.75 3.30 -15.30
C GLY A 385 -20.70 2.61 -16.14
N ALA A 386 -20.57 1.30 -15.99
CA ALA A 386 -19.66 0.54 -16.87
C ALA A 386 -20.35 0.21 -18.19
N ASP A 387 -19.56 -0.04 -19.22
CA ASP A 387 -20.10 -0.26 -20.55
C ASP A 387 -19.86 -1.69 -20.99
N LEU A 388 -20.79 -2.59 -20.65
CA LEU A 388 -20.58 -4.03 -20.88
C LEU A 388 -20.39 -4.43 -22.34
N ASN A 389 -20.87 -3.61 -23.27
CA ASN A 389 -20.69 -3.88 -24.72
C ASN A 389 -19.23 -3.83 -25.16
N LEU A 390 -18.43 -3.08 -24.43
CA LEU A 390 -17.02 -2.91 -24.74
C LEU A 390 -16.10 -3.79 -23.85
N MET A 391 -16.61 -4.22 -22.69
CA MET A 391 -15.83 -4.98 -21.71
C MET A 391 -15.17 -6.27 -22.24
N PRO A 392 -14.09 -6.73 -21.56
CA PRO A 392 -13.36 -7.98 -21.74
C PRO A 392 -14.07 -9.15 -22.44
N ILE A 393 -13.60 -9.43 -23.66
CA ILE A 393 -14.10 -10.52 -24.54
C ILE A 393 -15.58 -10.32 -24.97
N ALA B 6 6.71 -2.26 24.58
CA ALA B 6 6.53 -3.70 24.19
C ALA B 6 7.32 -4.65 25.08
N GLU B 7 6.80 -5.86 25.25
CA GLU B 7 7.36 -6.91 26.13
C GLU B 7 7.67 -8.16 25.31
N TYR B 8 8.65 -8.95 25.76
CA TYR B 8 8.95 -10.24 25.11
C TYR B 8 7.84 -11.26 25.36
N ARG B 9 7.66 -12.15 24.40
CA ARG B 9 6.70 -13.24 24.57
C ARG B 9 7.31 -14.43 25.33
N ASN B 10 6.59 -14.85 26.36
CA ASN B 10 6.95 -16.04 27.11
C ASN B 10 6.12 -17.26 26.72
N TRP B 11 5.02 -17.03 26.00
CA TRP B 11 4.04 -18.08 25.68
C TRP B 11 3.62 -18.92 26.91
N SER B 12 3.65 -18.30 28.10
CA SER B 12 3.42 -19.01 29.36
C SER B 12 1.93 -19.14 29.70
N LYS B 13 1.21 -19.81 28.82
CA LYS B 13 -0.21 -20.06 28.97
C LYS B 13 -0.50 -21.47 28.48
N PRO B 14 -1.50 -22.14 29.06
CA PRO B 14 -1.82 -23.52 28.68
C PRO B 14 -2.34 -23.55 27.26
N GLN B 15 -2.12 -24.67 26.58
CA GLN B 15 -2.67 -24.89 25.24
C GLN B 15 -4.19 -24.86 25.31
N CYS B 16 -4.84 -24.21 24.32
CA CYS B 16 -6.31 -24.18 24.24
C CYS B 16 -6.86 -25.58 24.07
N ASP B 17 -8.07 -25.81 24.56
CA ASP B 17 -8.87 -27.00 24.19
C ASP B 17 -9.05 -27.01 22.66
N ILE B 18 -8.90 -28.17 22.01
CA ILE B 18 -9.01 -28.23 20.55
C ILE B 18 -9.89 -29.40 20.10
N THR B 19 -11.07 -29.08 19.57
CA THR B 19 -11.96 -30.14 19.12
C THR B 19 -11.79 -30.42 17.62
N GLY B 20 -10.83 -29.74 16.99
CA GLY B 20 -10.64 -29.76 15.54
C GLY B 20 -10.30 -28.36 15.04
N PHE B 21 -10.41 -28.16 13.73
CA PHE B 21 -9.97 -26.89 13.14
C PHE B 21 -11.05 -26.18 12.27
N ALA B 22 -11.05 -24.84 12.33
CA ALA B 22 -11.98 -23.99 11.59
C ALA B 22 -11.23 -23.18 10.53
N PRO B 23 -11.88 -22.89 9.39
CA PRO B 23 -11.30 -22.08 8.32
C PRO B 23 -10.89 -20.70 8.77
N PHE B 24 -9.73 -20.25 8.27
CA PHE B 24 -9.12 -19.02 8.74
C PHE B 24 -8.68 -18.07 7.61
N SER B 25 -8.10 -18.63 6.54
CA SER B 25 -7.50 -17.81 5.50
C SER B 25 -7.22 -18.59 4.23
N LYS B 26 -7.29 -17.91 3.10
CA LYS B 26 -7.08 -18.53 1.78
C LYS B 26 -6.68 -17.46 0.77
N ASP B 27 -5.58 -17.64 0.04
CA ASP B 27 -5.06 -16.51 -0.71
C ASP B 27 -5.38 -16.47 -2.21
N ASN B 28 -5.68 -17.65 -2.77
CA ASN B 28 -6.09 -17.75 -4.17
C ASN B 28 -5.06 -17.25 -5.17
N SER B 29 -3.79 -17.36 -4.78
CA SER B 29 -2.62 -16.94 -5.53
C SER B 29 -2.69 -17.27 -7.03
N ILE B 30 -2.82 -18.56 -7.35
CA ILE B 30 -2.74 -19.03 -8.72
C ILE B 30 -3.91 -18.54 -9.57
N ARG B 31 -5.11 -18.51 -8.99
CA ARG B 31 -6.29 -18.12 -9.74
C ARG B 31 -6.23 -16.64 -10.11
N LEU B 32 -5.78 -15.82 -9.15
CA LEU B 32 -5.55 -14.42 -9.39
C LEU B 32 -4.42 -14.16 -10.38
N SER B 33 -3.50 -15.11 -10.56
CA SER B 33 -2.38 -14.83 -11.45
C SER B 33 -2.70 -15.01 -12.92
N ALA B 34 -3.90 -15.50 -13.24
CA ALA B 34 -4.29 -15.66 -14.64
C ALA B 34 -4.82 -14.35 -15.18
N GLY B 35 -4.92 -13.37 -14.27
CA GLY B 35 -5.36 -12.03 -14.60
C GLY B 35 -4.85 -11.01 -13.61
N GLY B 36 -3.59 -11.16 -13.19
CA GLY B 36 -2.92 -10.22 -12.29
C GLY B 36 -1.42 -10.51 -12.24
N ASP B 37 -0.65 -9.63 -11.58
CA ASP B 37 0.80 -9.80 -11.43
C ASP B 37 1.12 -10.37 -10.05
N ILE B 38 1.20 -11.70 -10.00
CA ILE B 38 1.42 -12.42 -8.73
C ILE B 38 2.77 -13.11 -8.75
N TRP B 39 3.44 -13.07 -7.59
CA TRP B 39 4.75 -13.67 -7.37
C TRP B 39 4.74 -15.19 -7.46
N VAL B 40 5.72 -15.77 -8.15
CA VAL B 40 5.91 -17.21 -8.13
C VAL B 40 6.65 -17.59 -6.84
N THR B 41 6.04 -18.50 -6.07
CA THR B 41 6.51 -18.82 -4.73
C THR B 41 6.54 -20.34 -4.46
N ARG B 42 7.00 -20.69 -3.26
CA ARG B 42 6.96 -22.05 -2.70
C ARG B 42 7.53 -22.00 -1.29
N GLU B 43 7.37 -23.10 -0.56
CA GLU B 43 7.77 -23.18 0.85
C GLU B 43 7.15 -22.06 1.66
N PRO B 44 5.80 -21.93 1.59
CA PRO B 44 5.07 -20.91 2.33
C PRO B 44 4.97 -21.17 3.83
N TYR B 45 4.57 -20.15 4.58
CA TYR B 45 4.31 -20.27 6.01
C TYR B 45 3.73 -19.02 6.65
N VAL B 46 3.13 -19.23 7.80
CA VAL B 46 2.43 -18.20 8.49
C VAL B 46 3.08 -18.05 9.86
N SER B 47 3.26 -16.81 10.29
CA SER B 47 3.71 -16.47 11.64
C SER B 47 3.05 -15.15 12.03
N CYS B 48 2.95 -14.90 13.33
CA CYS B 48 2.13 -13.78 13.75
C CYS B 48 2.89 -12.94 14.73
N ASP B 49 2.73 -11.63 14.59
CA ASP B 49 3.25 -10.74 15.61
C ASP B 49 2.15 -10.68 16.68
N PRO B 50 2.35 -9.95 17.79
CA PRO B 50 1.33 -10.00 18.85
C PRO B 50 -0.03 -9.41 18.48
N ASP B 51 -0.18 -8.84 17.29
CA ASP B 51 -1.46 -8.26 16.85
C ASP B 51 -2.12 -9.04 15.70
N LYS B 52 -1.33 -9.38 14.68
CA LYS B 52 -1.88 -9.95 13.45
C LYS B 52 -0.91 -10.91 12.80
N CYS B 53 -1.43 -11.73 11.90
CA CYS B 53 -0.64 -12.76 11.26
C CYS B 53 -0.08 -12.31 9.92
N TYR B 54 1.04 -12.90 9.54
CA TYR B 54 1.71 -12.61 8.29
C TYR B 54 1.93 -13.91 7.54
N GLN B 55 1.84 -13.86 6.23
CA GLN B 55 2.19 -15.01 5.39
C GLN B 55 3.54 -14.78 4.75
N PHE B 56 4.27 -15.87 4.56
CA PHE B 56 5.58 -15.84 3.95
C PHE B 56 5.65 -16.88 2.85
N ALA B 57 6.44 -16.62 1.82
CA ALA B 57 6.86 -17.65 0.91
C ALA B 57 8.23 -17.30 0.36
N LEU B 58 8.84 -18.27 -0.30
CA LEU B 58 10.10 -18.07 -0.98
C LEU B 58 9.74 -17.88 -2.43
N GLY B 59 10.02 -16.68 -2.92
CA GLY B 59 9.72 -16.30 -4.28
C GLY B 59 10.76 -16.80 -5.27
N GLN B 60 10.48 -16.69 -6.56
CA GLN B 60 11.41 -17.15 -7.59
C GLN B 60 12.01 -16.03 -8.44
N GLY B 61 11.96 -14.80 -7.96
CA GLY B 61 12.48 -13.65 -8.69
C GLY B 61 11.69 -13.38 -9.95
N THR B 62 10.45 -13.86 -9.98
CA THR B 62 9.57 -13.68 -11.13
C THR B 62 8.10 -13.73 -10.72
N THR B 63 7.24 -13.15 -11.55
CA THR B 63 5.80 -13.33 -11.46
C THR B 63 5.40 -14.46 -12.41
N LEU B 64 4.15 -14.92 -12.29
CA LEU B 64 3.71 -16.09 -13.02
C LEU B 64 3.56 -15.78 -14.51
N ASN B 65 2.87 -14.69 -14.81
CA ASN B 65 2.77 -14.23 -16.18
C ASN B 65 4.03 -13.46 -16.54
N ASN B 66 5.12 -14.20 -16.64
CA ASN B 66 6.45 -13.66 -16.85
C ASN B 66 7.23 -14.70 -17.64
N VAL B 67 8.22 -14.27 -18.41
CA VAL B 67 9.05 -15.24 -19.14
C VAL B 67 9.96 -16.00 -18.18
N HIS B 68 10.31 -15.38 -17.07
CA HIS B 68 11.22 -15.99 -16.11
C HIS B 68 10.58 -17.06 -15.24
N SER B 69 9.29 -17.30 -15.42
CA SER B 69 8.59 -18.28 -14.58
C SER B 69 8.89 -19.74 -15.00
N ASN B 70 9.32 -19.92 -16.25
CA ASN B 70 9.79 -21.22 -16.75
C ASN B 70 10.88 -21.83 -15.88
N ASN B 71 10.70 -23.11 -15.50
CA ASN B 71 11.65 -23.87 -14.66
C ASN B 71 11.74 -23.49 -13.22
N THR B 72 10.67 -22.93 -12.69
CA THR B 72 10.61 -22.56 -11.29
C THR B 72 10.40 -23.77 -10.37
N VAL B 73 10.65 -24.96 -10.93
CA VAL B 73 10.69 -26.20 -10.14
C VAL B 73 12.01 -26.30 -9.39
N ARG B 74 12.98 -25.48 -9.79
CA ARG B 74 14.27 -25.40 -9.11
C ARG B 74 14.13 -24.70 -7.79
N GLY B 75 14.63 -25.31 -6.74
CA GLY B 75 14.41 -24.81 -5.40
C GLY B 75 15.47 -23.84 -4.95
N ARG B 76 16.63 -23.87 -5.62
CA ARG B 76 17.76 -23.07 -5.19
C ARG B 76 18.32 -22.24 -6.33
N THR B 77 17.95 -20.96 -6.32
CA THR B 77 18.47 -19.97 -7.25
C THR B 77 18.88 -18.74 -6.45
N PRO B 78 19.80 -17.93 -7.01
CA PRO B 78 20.17 -16.71 -6.35
C PRO B 78 19.14 -15.60 -6.59
N TYR B 79 17.94 -15.95 -7.00
CA TYR B 79 16.92 -14.94 -7.23
C TYR B 79 15.81 -15.10 -6.20
N ARG B 80 16.00 -16.05 -5.29
CA ARG B 80 14.95 -16.42 -4.39
C ARG B 80 15.06 -15.53 -3.19
N THR B 81 13.94 -14.87 -2.90
CA THR B 81 13.83 -13.97 -1.78
C THR B 81 12.63 -14.41 -0.95
N LEU B 82 12.70 -14.13 0.34
CA LEU B 82 11.61 -14.36 1.25
C LEU B 82 10.63 -13.19 1.17
N LEU B 83 9.36 -13.52 0.90
CA LEU B 83 8.29 -12.52 0.78
C LEU B 83 7.51 -12.43 2.08
N MET B 84 7.03 -11.23 2.41
CA MET B 84 6.25 -10.99 3.62
C MET B 84 5.08 -10.02 3.38
N ASN B 85 3.87 -10.56 3.43
CA ASN B 85 2.64 -9.79 3.34
C ASN B 85 1.83 -10.09 4.55
N GLU B 86 0.82 -9.29 4.82
CA GLU B 86 -0.10 -9.58 5.91
C GLU B 86 -0.97 -10.71 5.43
N LEU B 87 -1.38 -11.55 6.36
CA LEU B 87 -2.03 -12.78 6.00
C LEU B 87 -3.29 -12.47 5.22
N GLY B 88 -3.42 -13.11 4.06
CA GLY B 88 -4.56 -12.89 3.19
C GLY B 88 -4.40 -11.78 2.18
N VAL B 89 -3.26 -11.12 2.20
CA VAL B 89 -2.87 -10.24 1.10
C VAL B 89 -2.01 -11.07 0.15
N PRO B 90 -2.46 -11.25 -1.09
CA PRO B 90 -1.69 -12.07 -2.03
C PRO B 90 -0.36 -11.40 -2.34
N PHE B 91 0.59 -12.18 -2.85
CA PHE B 91 1.92 -11.69 -3.16
C PHE B 91 1.93 -10.92 -4.46
N HIS B 92 1.56 -9.64 -4.36
CA HIS B 92 1.51 -8.74 -5.52
C HIS B 92 2.84 -8.00 -5.63
N LEU B 93 3.06 -7.26 -6.72
CA LEU B 93 4.31 -6.50 -6.89
C LEU B 93 4.62 -5.53 -5.74
N GLY B 94 3.66 -5.29 -4.87
CA GLY B 94 3.88 -4.39 -3.74
C GLY B 94 4.53 -5.10 -2.56
N THR B 95 4.65 -6.41 -2.67
CA THR B 95 5.10 -7.22 -1.56
C THR B 95 6.58 -7.01 -1.24
N LYS B 96 6.86 -6.88 0.07
CA LYS B 96 8.23 -6.73 0.54
C LYS B 96 9.05 -8.03 0.55
N GLN B 97 10.25 -7.94 -0.03
CA GLN B 97 11.28 -8.97 0.07
C GLN B 97 12.18 -8.63 1.27
N VAL B 98 12.25 -9.55 2.21
CA VAL B 98 12.90 -9.25 3.49
C VAL B 98 14.38 -9.62 3.48
N CYS B 99 14.68 -10.72 2.79
CA CYS B 99 16.06 -11.18 2.62
C CYS B 99 16.21 -12.07 1.41
N ILE B 100 17.46 -12.29 1.01
CA ILE B 100 17.81 -13.32 0.03
C ILE B 100 17.80 -14.70 0.72
N ALA B 101 17.12 -15.67 0.11
CA ALA B 101 16.83 -16.96 0.74
C ALA B 101 16.34 -17.98 -0.27
N TRP B 102 16.97 -19.16 -0.31
CA TRP B 102 16.28 -20.30 -0.92
C TRP B 102 15.79 -21.24 0.19
N SER B 103 15.99 -20.79 1.43
CA SER B 103 15.52 -21.46 2.64
C SER B 103 15.45 -20.45 3.80
N SER B 104 14.37 -20.49 4.57
CA SER B 104 14.18 -19.51 5.66
C SER B 104 13.34 -19.99 6.84
N SER B 105 13.30 -19.16 7.87
CA SER B 105 12.45 -19.33 9.04
C SER B 105 12.26 -17.92 9.58
N SER B 106 11.08 -17.60 10.11
CA SER B 106 10.84 -16.28 10.75
C SER B 106 10.03 -16.35 12.02
N CYS B 107 10.28 -15.41 12.94
CA CYS B 107 9.47 -15.27 14.15
C CYS B 107 9.60 -13.89 14.79
N HIS B 108 8.62 -13.55 15.61
CA HIS B 108 8.57 -12.28 16.29
C HIS B 108 8.74 -12.57 17.77
N ASP B 109 9.77 -11.98 18.38
CA ASP B 109 9.98 -12.21 19.81
C ASP B 109 9.05 -11.40 20.69
N GLY B 110 8.19 -10.59 20.07
CA GLY B 110 7.23 -9.76 20.80
C GLY B 110 7.64 -8.30 20.81
N LYS B 111 8.87 -8.04 20.34
CA LYS B 111 9.39 -6.69 20.15
C LYS B 111 9.68 -6.47 18.66
N ALA B 112 10.39 -7.39 18.04
CA ALA B 112 10.66 -7.29 16.60
C ALA B 112 10.68 -8.64 15.89
N TRP B 113 10.79 -8.59 14.57
CA TRP B 113 10.96 -9.78 13.77
C TRP B 113 12.41 -10.19 13.71
N LEU B 114 12.66 -11.49 13.83
CA LEU B 114 13.89 -12.10 13.36
C LEU B 114 13.58 -12.91 12.10
N HIS B 115 14.44 -12.80 11.09
CA HIS B 115 14.36 -13.71 9.94
C HIS B 115 15.67 -14.47 9.77
N VAL B 116 15.56 -15.77 9.49
CA VAL B 116 16.71 -16.65 9.25
C VAL B 116 16.71 -17.04 7.80
N CYS B 117 17.68 -16.53 7.08
CA CYS B 117 17.69 -16.57 5.63
C CYS B 117 18.95 -17.21 5.14
N ILE B 118 18.79 -18.20 4.27
CA ILE B 118 19.91 -18.95 3.74
C ILE B 118 19.97 -18.84 2.22
N THR B 119 21.09 -18.35 1.74
CA THR B 119 21.32 -18.23 0.31
C THR B 119 22.81 -18.52 0.02
N GLY B 120 23.14 -18.67 -1.25
CA GLY B 120 24.51 -18.91 -1.67
C GLY B 120 24.72 -20.26 -2.35
N ASP B 121 25.99 -20.63 -2.50
CA ASP B 121 26.38 -21.90 -3.12
C ASP B 121 25.91 -23.13 -2.37
N ASP B 122 25.59 -24.21 -3.11
CA ASP B 122 25.18 -25.48 -2.47
C ASP B 122 26.19 -25.99 -1.43
N LYS B 123 27.46 -25.98 -1.81
CA LYS B 123 28.57 -26.51 -0.99
C LYS B 123 29.15 -25.49 -0.01
N ASN B 124 28.57 -24.28 0.02
CA ASN B 124 29.10 -23.19 0.83
C ASN B 124 28.06 -22.09 1.07
N ALA B 125 26.84 -22.48 1.41
CA ALA B 125 25.74 -21.55 1.72
C ALA B 125 26.00 -20.64 2.93
N THR B 126 25.27 -19.52 3.02
CA THR B 126 25.37 -18.55 4.13
C THR B 126 24.01 -18.30 4.82
N ALA B 127 24.00 -18.28 6.15
CA ALA B 127 22.78 -17.99 6.85
C ALA B 127 22.87 -16.61 7.45
N SER B 128 21.87 -15.77 7.15
CA SER B 128 21.80 -14.40 7.71
C SER B 128 20.73 -14.29 8.77
N PHE B 129 21.03 -13.54 9.83
CA PHE B 129 20.14 -13.37 10.97
C PHE B 129 19.86 -11.89 11.15
N ILE B 130 18.61 -11.55 10.85
CA ILE B 130 18.16 -10.21 10.60
C ILE B 130 17.10 -9.93 11.65
N TYR B 131 17.35 -8.93 12.46
CA TYR B 131 16.45 -8.65 13.58
C TYR B 131 16.20 -7.17 13.72
N ASN B 132 14.93 -6.78 13.70
CA ASN B 132 14.54 -5.39 13.81
C ASN B 132 15.10 -4.63 12.63
N GLY B 133 14.90 -5.22 11.46
CA GLY B 133 15.23 -4.59 10.19
C GLY B 133 16.70 -4.38 9.94
N ARG B 134 17.55 -5.00 10.75
CA ARG B 134 19.01 -5.00 10.51
C ARG B 134 19.66 -6.39 10.60
N LEU B 135 20.68 -6.61 9.76
CA LEU B 135 21.48 -7.83 9.79
C LEU B 135 22.46 -7.81 10.99
N VAL B 136 22.42 -8.87 11.80
CA VAL B 136 23.06 -8.89 13.14
C VAL B 136 24.06 -10.02 13.36
N ASP B 137 23.93 -11.10 12.57
CA ASP B 137 24.82 -12.22 12.61
C ASP B 137 24.72 -13.04 11.32
N SER B 138 25.71 -13.88 11.07
CA SER B 138 25.62 -14.86 10.00
C SER B 138 26.52 -16.06 10.29
N VAL B 139 26.15 -17.23 9.77
CA VAL B 139 26.97 -18.43 9.90
C VAL B 139 27.12 -19.19 8.55
N VAL B 140 28.28 -19.82 8.35
CA VAL B 140 28.57 -20.61 7.16
C VAL B 140 28.01 -21.99 7.31
N SER B 141 27.73 -22.59 6.16
CA SER B 141 27.41 -23.99 6.06
C SER B 141 28.55 -24.72 6.75
N TRP B 142 28.20 -25.69 7.60
CA TRP B 142 29.23 -26.35 8.44
C TRP B 142 29.69 -27.70 7.90
N SER B 143 28.90 -28.29 7.03
CA SER B 143 29.21 -29.59 6.43
C SER B 143 29.14 -29.56 4.89
N LYS B 144 29.02 -28.35 4.35
CA LYS B 144 29.13 -28.11 2.90
C LYS B 144 28.17 -28.91 2.01
N GLU B 145 26.96 -29.15 2.51
CA GLU B 145 25.95 -29.90 1.74
C GLU B 145 24.55 -29.34 2.00
N ILE B 146 24.28 -28.20 1.39
CA ILE B 146 22.95 -27.57 1.41
C ILE B 146 22.47 -27.24 2.84
N LEU B 147 23.05 -26.21 3.45
CA LEU B 147 22.56 -25.70 4.74
C LEU B 147 21.11 -25.20 4.58
N ARG B 148 20.22 -25.73 5.41
CA ARG B 148 18.78 -25.50 5.26
C ARG B 148 18.11 -25.44 6.61
N THR B 149 16.89 -24.91 6.65
CA THR B 149 16.21 -24.62 7.91
C THR B 149 14.70 -24.89 7.82
N GLN B 150 13.94 -24.41 8.79
CA GLN B 150 12.56 -24.89 9.03
C GLN B 150 11.56 -24.82 7.87
N GLU B 151 11.60 -23.75 7.07
CA GLU B 151 10.49 -23.38 6.17
C GLU B 151 9.15 -23.19 6.92
N SER B 152 9.25 -22.76 8.17
CA SER B 152 8.13 -22.21 8.93
C SER B 152 8.64 -21.49 10.20
N GLU B 153 7.72 -21.13 11.09
CA GLU B 153 8.05 -20.16 12.10
C GLU B 153 9.08 -20.68 13.10
N CYS B 154 9.96 -19.81 13.56
CA CYS B 154 10.77 -20.14 14.75
C CYS B 154 9.97 -19.81 16.00
N VAL B 155 10.54 -20.03 17.17
CA VAL B 155 9.83 -19.76 18.43
C VAL B 155 10.73 -18.99 19.37
N CYS B 156 10.15 -18.03 20.09
CA CYS B 156 10.91 -17.14 20.96
C CYS B 156 10.27 -17.09 22.32
N ILE B 157 11.07 -17.36 23.33
CA ILE B 157 10.62 -17.40 24.69
C ILE B 157 11.59 -16.53 25.48
N ASN B 158 11.06 -15.55 26.20
CA ASN B 158 11.86 -14.58 26.94
C ASN B 158 12.93 -13.91 26.10
N GLY B 159 12.59 -13.61 24.85
CA GLY B 159 13.54 -12.97 23.94
C GLY B 159 14.69 -13.86 23.50
N THR B 160 14.60 -15.15 23.81
CA THR B 160 15.52 -16.12 23.26
C THR B 160 14.76 -16.96 22.25
N CYS B 161 15.08 -16.72 20.99
CA CYS B 161 14.46 -17.43 19.91
C CYS B 161 15.30 -18.65 19.67
N THR B 162 14.68 -19.68 19.12
CA THR B 162 15.42 -20.86 18.68
C THR B 162 15.02 -21.26 17.28
N VAL B 163 15.92 -21.96 16.59
CA VAL B 163 15.71 -22.40 15.21
C VAL B 163 16.56 -23.64 14.89
N VAL B 164 16.02 -24.54 14.07
CA VAL B 164 16.67 -25.80 13.73
C VAL B 164 17.19 -25.75 12.30
N MET B 165 18.48 -26.02 12.11
CA MET B 165 19.07 -26.07 10.77
C MET B 165 19.76 -27.39 10.53
N THR B 166 19.90 -27.77 9.27
CA THR B 166 20.51 -29.04 8.89
C THR B 166 21.44 -28.86 7.69
N ASP B 167 22.58 -29.53 7.75
CA ASP B 167 23.57 -29.52 6.68
C ASP B 167 24.02 -30.96 6.45
N GLY B 168 24.05 -31.41 5.21
CA GLY B 168 24.46 -32.78 4.97
C GLY B 168 23.44 -33.55 4.15
N SER B 169 23.64 -34.86 4.05
CA SER B 169 22.88 -35.73 3.14
C SER B 169 21.36 -35.62 3.22
N ALA B 170 20.72 -35.74 2.06
CA ALA B 170 19.26 -35.85 2.00
C ALA B 170 18.87 -37.32 2.19
N SER B 171 19.85 -38.22 2.08
CA SER B 171 19.60 -39.65 2.26
C SER B 171 20.66 -40.40 3.06
N GLY B 172 20.96 -39.90 4.27
CA GLY B 172 21.96 -40.48 5.16
C GLY B 172 22.11 -39.62 6.42
N LYS B 173 23.03 -39.98 7.32
CA LYS B 173 23.29 -39.12 8.50
C LYS B 173 23.68 -37.75 7.99
N ALA B 174 23.22 -36.74 8.71
CA ALA B 174 23.49 -35.36 8.35
C ALA B 174 23.65 -34.61 9.65
N ASP B 175 24.15 -33.38 9.58
CA ASP B 175 24.43 -32.65 10.80
C ASP B 175 23.37 -31.58 11.07
N THR B 176 22.56 -31.85 12.08
CA THR B 176 21.51 -30.96 12.51
C THR B 176 21.95 -30.22 13.76
N LYS B 177 21.68 -28.91 13.79
CA LYS B 177 22.07 -28.06 14.90
C LYS B 177 20.89 -27.18 15.28
N ILE B 178 20.87 -26.72 16.53
CA ILE B 178 19.80 -25.86 17.02
C ILE B 178 20.44 -24.59 17.52
N LEU B 179 20.12 -23.48 16.87
CA LEU B 179 20.69 -22.19 17.23
C LEU B 179 19.76 -21.46 18.18
N PHE B 180 20.38 -20.80 19.15
CA PHE B 180 19.66 -19.94 20.06
C PHE B 180 20.03 -18.50 19.73
N ILE B 181 19.02 -17.73 19.33
CA ILE B 181 19.26 -16.40 18.81
C ILE B 181 18.62 -15.34 19.68
N GLU B 182 19.40 -14.36 20.07
CA GLU B 182 18.89 -13.28 20.89
C GLU B 182 19.18 -11.95 20.23
N GLU B 183 18.11 -11.25 19.87
CA GLU B 183 18.19 -9.97 19.21
C GLU B 183 19.06 -10.05 17.94
N GLY B 184 18.86 -11.12 17.17
CA GLY B 184 19.66 -11.39 16.00
C GLY B 184 20.99 -12.10 16.20
N LYS B 185 21.46 -12.16 17.46
CA LYS B 185 22.77 -12.76 17.76
C LYS B 185 22.75 -14.21 18.26
N ILE B 186 23.33 -15.11 17.44
CA ILE B 186 23.59 -16.49 17.84
C ILE B 186 24.38 -16.54 19.14
N VAL B 187 23.70 -16.82 20.24
CA VAL B 187 24.35 -16.90 21.55
C VAL B 187 24.82 -18.34 21.85
N HIS B 188 24.17 -19.32 21.21
CA HIS B 188 24.52 -20.72 21.38
C HIS B 188 24.12 -21.56 20.17
N THR B 189 24.88 -22.64 19.97
CA THR B 189 24.59 -23.65 18.98
C THR B 189 24.73 -25.02 19.65
N SER B 190 23.62 -25.76 19.69
CA SER B 190 23.58 -27.08 20.32
C SER B 190 23.35 -28.08 19.22
N THR B 191 24.17 -29.14 19.17
CA THR B 191 23.98 -30.12 18.09
C THR B 191 22.89 -31.10 18.50
N LEU B 192 22.25 -31.69 17.49
CA LEU B 192 21.13 -32.60 17.70
C LEU B 192 21.56 -33.82 18.50
N SER B 193 20.72 -34.17 19.47
CA SER B 193 20.98 -35.26 20.40
C SER B 193 19.68 -36.07 20.57
N GLY B 194 19.81 -37.35 20.94
CA GLY B 194 18.65 -38.23 21.10
C GLY B 194 18.48 -39.23 19.96
N SER B 195 17.28 -39.80 19.85
CA SER B 195 17.10 -40.93 18.92
C SER B 195 16.69 -40.55 17.50
N ALA B 196 16.51 -39.26 17.24
CA ALA B 196 16.10 -38.80 15.90
C ALA B 196 17.23 -39.05 14.91
N GLN B 197 16.95 -39.79 13.85
CA GLN B 197 18.04 -40.16 12.96
C GLN B 197 18.31 -39.20 11.82
N HIS B 198 17.23 -38.68 11.23
CA HIS B 198 17.35 -37.71 10.15
C HIS B 198 16.25 -36.69 10.29
N VAL B 199 16.62 -35.42 10.10
CA VAL B 199 15.78 -34.31 10.50
C VAL B 199 15.88 -33.14 9.51
N GLU B 200 14.73 -32.77 8.95
CA GLU B 200 14.63 -31.62 8.07
C GLU B 200 13.37 -30.85 8.46
N GLU B 201 13.37 -29.56 8.11
CA GLU B 201 12.14 -28.74 8.06
C GLU B 201 11.20 -28.94 9.22
N CYS B 202 11.65 -28.57 10.40
CA CYS B 202 10.82 -28.76 11.58
C CYS B 202 9.70 -27.76 11.65
N SER B 203 8.52 -28.25 12.03
CA SER B 203 7.39 -27.42 12.41
C SER B 203 7.42 -27.32 13.93
N CYS B 204 7.94 -26.19 14.42
CA CYS B 204 8.13 -25.99 15.83
C CYS B 204 7.03 -25.19 16.45
N TYR B 205 6.76 -25.44 17.73
CA TYR B 205 5.81 -24.64 18.49
C TYR B 205 6.25 -24.43 19.94
N PRO B 206 5.83 -23.31 20.56
CA PRO B 206 6.08 -23.14 22.00
C PRO B 206 5.29 -24.13 22.86
N ARG B 207 5.91 -24.52 23.98
CA ARG B 207 5.32 -25.46 24.91
C ARG B 207 5.95 -25.19 26.25
N TYR B 208 5.56 -24.10 26.88
CA TYR B 208 6.24 -23.58 28.06
C TYR B 208 6.57 -24.67 29.10
N PRO B 209 7.81 -24.68 29.64
CA PRO B 209 8.88 -23.68 29.48
C PRO B 209 9.81 -23.85 28.27
N GLY B 210 9.43 -24.66 27.29
CA GLY B 210 10.31 -24.90 26.13
C GLY B 210 9.63 -24.85 24.77
N VAL B 211 10.29 -25.48 23.79
CA VAL B 211 9.79 -25.53 22.43
C VAL B 211 9.77 -26.98 22.01
N ARG B 212 8.91 -27.30 21.04
CA ARG B 212 8.79 -28.65 20.50
C ARG B 212 8.65 -28.57 18.99
N CYS B 213 9.22 -29.54 18.28
CA CYS B 213 9.19 -29.54 16.82
C CYS B 213 8.84 -30.92 16.28
N VAL B 214 8.13 -30.97 15.17
CA VAL B 214 7.75 -32.21 14.52
C VAL B 214 8.24 -32.10 13.06
N CYS B 215 9.16 -32.98 12.69
CA CYS B 215 9.96 -32.69 11.52
C CYS B 215 9.72 -33.65 10.37
N ARG B 216 10.72 -33.74 9.50
CA ARG B 216 10.66 -34.57 8.30
C ARG B 216 11.94 -35.40 8.23
N ASP B 217 11.77 -36.70 8.34
CA ASP B 217 12.84 -37.64 8.16
C ASP B 217 12.85 -38.00 6.70
N ASN B 218 13.87 -37.54 5.99
CA ASN B 218 14.00 -37.80 4.57
C ASN B 218 14.71 -39.13 4.29
N TRP B 219 15.21 -39.76 5.36
CA TRP B 219 16.11 -40.90 5.24
C TRP B 219 15.46 -42.30 5.38
N LYS B 220 15.05 -42.65 6.60
CA LYS B 220 14.55 -44.01 6.87
C LYS B 220 13.25 -44.07 7.65
N GLY B 221 12.50 -42.99 7.64
CA GLY B 221 11.27 -42.95 8.42
C GLY B 221 10.12 -42.28 7.70
N SER B 222 8.96 -42.93 7.77
CA SER B 222 7.73 -42.29 7.37
C SER B 222 6.96 -41.86 8.60
N ASN B 223 7.39 -42.31 9.78
CA ASN B 223 7.02 -41.62 11.02
C ASN B 223 7.82 -40.32 11.14
N ARG B 224 7.38 -39.40 11.98
CA ARG B 224 7.97 -38.06 12.03
C ARG B 224 8.83 -37.88 13.28
N PRO B 225 9.98 -37.20 13.12
CA PRO B 225 10.84 -36.88 14.24
C PRO B 225 10.26 -35.80 15.14
N ILE B 226 10.43 -35.99 16.44
CA ILE B 226 10.12 -34.97 17.41
C ILE B 226 11.44 -34.52 17.97
N VAL B 227 11.59 -33.22 18.20
CA VAL B 227 12.74 -32.65 18.86
C VAL B 227 12.23 -31.74 19.97
N ASP B 228 12.80 -31.87 21.17
CA ASP B 228 12.49 -30.98 22.28
C ASP B 228 13.69 -30.09 22.55
N ILE B 229 13.42 -28.86 23.00
CA ILE B 229 14.46 -27.87 23.17
C ILE B 229 14.23 -27.10 24.47
N ASN B 230 15.09 -27.35 25.46
CA ASN B 230 15.05 -26.60 26.72
C ASN B 230 15.73 -25.26 26.53
N ILE B 231 14.98 -24.18 26.73
CA ILE B 231 15.42 -22.86 26.31
C ILE B 231 16.47 -22.27 27.25
N LYS B 232 16.46 -22.71 28.50
CA LYS B 232 17.31 -22.13 29.54
C LYS B 232 18.69 -22.79 29.69
N ASP B 233 18.76 -24.09 29.42
CA ASP B 233 20.00 -24.84 29.57
C ASP B 233 20.53 -25.36 28.23
N HIS B 234 19.74 -25.15 27.17
CA HIS B 234 20.13 -25.44 25.77
C HIS B 234 20.20 -26.92 25.39
N SER B 235 19.64 -27.78 26.24
CA SER B 235 19.65 -29.23 26.02
C SER B 235 18.59 -29.69 25.03
N ILE B 236 18.91 -30.76 24.31
CA ILE B 236 18.14 -31.24 23.17
C ILE B 236 17.88 -32.74 23.33
N VAL B 237 16.61 -33.13 23.40
CA VAL B 237 16.25 -34.56 23.34
C VAL B 237 15.47 -34.82 22.05
N SER B 238 15.44 -36.05 21.55
CA SER B 238 14.71 -36.30 20.30
C SER B 238 14.22 -37.74 20.09
N SER B 239 13.11 -37.87 19.37
CA SER B 239 12.48 -39.16 19.14
C SER B 239 11.55 -39.12 17.92
N TYR B 240 10.55 -40.00 17.91
CA TYR B 240 9.55 -40.01 16.86
C TYR B 240 8.11 -39.96 17.40
N VAL B 241 7.21 -39.44 16.56
CA VAL B 241 5.77 -39.40 16.81
C VAL B 241 5.24 -40.82 16.87
N CYS B 242 4.94 -41.28 18.10
CA CYS B 242 4.60 -42.69 18.36
C CYS B 242 3.49 -43.23 17.46
N SER B 243 2.39 -42.48 17.35
CA SER B 243 1.22 -42.82 16.52
C SER B 243 1.47 -43.82 15.39
N GLY B 244 0.74 -44.93 15.45
CA GLY B 244 0.83 -45.95 14.41
C GLY B 244 0.25 -45.48 13.09
N LEU B 245 -0.48 -44.37 13.13
CA LEU B 245 -0.87 -43.69 11.91
C LEU B 245 0.17 -42.60 11.63
N VAL B 246 0.89 -42.74 10.51
CA VAL B 246 2.10 -41.94 10.25
C VAL B 246 1.86 -40.73 9.35
N GLY B 247 2.68 -39.69 9.57
CA GLY B 247 2.42 -38.35 9.05
C GLY B 247 3.20 -37.90 7.84
N ASP B 248 4.30 -38.59 7.58
CA ASP B 248 5.16 -38.24 6.45
C ASP B 248 4.51 -38.83 5.20
N THR B 249 4.99 -38.38 4.03
CA THR B 249 4.52 -38.82 2.72
C THR B 249 5.76 -38.80 1.86
N PRO B 250 6.12 -39.94 1.22
CA PRO B 250 5.45 -41.25 1.18
C PRO B 250 5.40 -42.01 2.49
N ARG B 251 4.55 -43.03 2.51
CA ARG B 251 4.36 -43.93 3.63
C ARG B 251 3.60 -45.14 3.13
N LYS B 252 3.45 -46.15 3.98
CA LYS B 252 2.58 -47.29 3.67
C LYS B 252 1.14 -46.92 4.00
N ASN B 253 0.18 -47.68 3.46
CA ASN B 253 -1.24 -47.43 3.75
C ASN B 253 -1.65 -47.69 5.21
N ASP B 254 -2.86 -47.24 5.53
CA ASP B 254 -3.43 -47.30 6.87
C ASP B 254 -3.30 -48.66 7.58
N SER B 255 -3.52 -49.75 6.84
CA SER B 255 -3.58 -51.10 7.44
C SER B 255 -2.22 -51.74 7.63
N SER B 256 -1.27 -51.40 6.75
CA SER B 256 0.09 -51.95 6.75
C SER B 256 1.06 -51.27 7.70
N SER B 257 0.89 -49.96 7.92
CA SER B 257 1.89 -49.13 8.61
C SER B 257 2.17 -49.48 10.09
N SER B 258 3.26 -48.91 10.61
CA SER B 258 3.61 -49.01 12.04
C SER B 258 4.61 -47.91 12.40
N SER B 259 4.87 -47.75 13.69
CA SER B 259 5.70 -46.67 14.19
C SER B 259 6.56 -47.14 15.34
N HIS B 260 7.36 -46.23 15.89
CA HIS B 260 8.27 -46.55 16.98
C HIS B 260 8.56 -45.23 17.68
N CYS B 261 8.35 -45.20 18.99
CA CYS B 261 8.56 -43.99 19.77
C CYS B 261 10.01 -43.51 19.72
N LEU B 262 10.95 -44.34 19.24
CA LEU B 262 12.39 -44.04 19.30
C LEU B 262 13.15 -44.11 17.97
N ASP B 263 12.71 -44.96 17.05
CA ASP B 263 13.43 -45.20 15.81
C ASP B 263 12.65 -44.89 14.56
N PRO B 264 13.35 -44.59 13.45
CA PRO B 264 12.65 -44.47 12.17
C PRO B 264 11.97 -45.81 11.83
N ASN B 265 10.78 -45.76 11.25
CA ASN B 265 10.03 -47.00 11.04
C ASN B 265 10.59 -47.94 9.98
N ASN B 266 11.50 -47.43 9.16
CA ASN B 266 12.06 -48.18 8.03
C ASN B 266 10.99 -48.57 7.02
N GLU B 267 10.01 -47.70 6.80
CA GLU B 267 8.90 -48.01 5.90
C GLU B 267 8.73 -46.92 4.87
N GLU B 268 8.94 -47.27 3.59
CA GLU B 268 8.91 -46.30 2.48
C GLU B 268 9.58 -44.98 2.89
N GLY B 269 10.56 -45.08 3.80
CA GLY B 269 11.03 -43.96 4.62
C GLY B 269 11.79 -42.89 3.86
N GLY B 270 12.27 -43.24 2.68
CA GLY B 270 12.94 -42.30 1.80
C GLY B 270 12.02 -41.15 1.49
N HIS B 271 12.60 -40.05 0.99
CA HIS B 271 11.85 -38.84 0.71
C HIS B 271 11.05 -38.38 1.93
N GLY B 272 10.14 -37.45 1.70
CA GLY B 272 9.30 -36.94 2.76
C GLY B 272 8.49 -35.75 2.26
N VAL B 273 7.95 -35.03 3.22
CA VAL B 273 7.25 -33.78 2.99
C VAL B 273 7.17 -33.12 4.35
N LYS B 274 7.31 -31.79 4.36
CA LYS B 274 7.19 -31.04 5.60
C LYS B 274 5.75 -31.16 6.11
N GLY B 275 5.63 -31.36 7.42
CA GLY B 275 4.33 -31.55 8.03
C GLY B 275 4.43 -31.24 9.50
N TRP B 276 3.36 -31.50 10.25
CA TRP B 276 3.31 -31.04 11.63
C TRP B 276 2.51 -32.02 12.51
N ALA B 277 2.73 -31.92 13.81
CA ALA B 277 1.90 -32.57 14.81
C ALA B 277 2.05 -31.80 16.09
N PHE B 278 1.14 -32.00 17.01
CA PHE B 278 1.34 -31.48 18.36
C PHE B 278 0.50 -32.32 19.32
N ASP B 279 0.90 -32.30 20.58
CA ASP B 279 0.31 -33.20 21.56
C ASP B 279 -0.86 -32.55 22.30
N ASP B 280 -1.86 -33.38 22.53
CA ASP B 280 -2.98 -33.04 23.37
C ASP B 280 -3.06 -34.18 24.40
N GLY B 281 -2.49 -33.92 25.58
CA GLY B 281 -2.28 -34.98 26.58
C GLY B 281 -1.40 -36.09 26.04
N ASN B 282 -1.97 -37.29 25.96
CA ASN B 282 -1.33 -38.44 25.34
C ASN B 282 -1.91 -38.70 23.96
N ASP B 283 -2.77 -37.79 23.50
CA ASP B 283 -3.31 -37.85 22.14
C ASP B 283 -2.45 -37.00 21.21
N VAL B 284 -2.62 -37.20 19.90
CA VAL B 284 -1.86 -36.39 18.94
C VAL B 284 -2.70 -35.84 17.78
N TRP B 285 -2.76 -34.52 17.71
CA TRP B 285 -3.34 -33.86 16.54
C TRP B 285 -2.29 -33.81 15.45
N MET B 286 -2.73 -34.08 14.24
CA MET B 286 -1.80 -34.12 13.13
C MET B 286 -2.51 -33.98 11.80
N GLY B 287 -1.81 -33.41 10.84
CA GLY B 287 -2.27 -33.37 9.48
C GLY B 287 -1.34 -34.20 8.66
N ARG B 288 -1.74 -34.50 7.43
CA ARG B 288 -0.90 -35.25 6.49
C ARG B 288 -1.61 -35.26 5.14
N THR B 289 -0.90 -35.64 4.09
CA THR B 289 -1.53 -35.82 2.80
C THR B 289 -2.42 -37.04 2.84
N ILE B 290 -3.54 -36.98 2.12
CA ILE B 290 -4.52 -38.04 2.14
C ILE B 290 -3.95 -39.27 1.43
N ASN B 291 -3.46 -39.06 0.23
CA ASN B 291 -2.81 -40.08 -0.55
C ASN B 291 -1.45 -40.37 0.07
N GLU B 292 -1.14 -41.66 0.22
CA GLU B 292 0.02 -42.12 0.96
C GLU B 292 1.36 -41.94 0.23
N THR B 293 1.33 -41.87 -1.10
CA THR B 293 2.55 -41.93 -1.88
C THR B 293 2.91 -40.65 -2.64
N SER B 294 1.97 -39.73 -2.77
CA SER B 294 2.21 -38.46 -3.49
C SER B 294 1.45 -37.34 -2.78
N ARG B 295 1.77 -36.10 -3.13
CA ARG B 295 1.28 -34.94 -2.38
C ARG B 295 -0.13 -34.47 -2.80
N LEU B 296 -1.08 -35.40 -2.73
CA LEU B 296 -2.47 -35.15 -3.06
C LEU B 296 -3.33 -35.15 -1.83
N GLY B 297 -4.17 -34.12 -1.74
CA GLY B 297 -5.16 -34.00 -0.68
C GLY B 297 -4.54 -33.69 0.66
N TYR B 298 -5.37 -33.30 1.60
CA TYR B 298 -4.91 -33.05 2.96
C TYR B 298 -6.05 -33.31 3.94
N GLU B 299 -5.67 -33.97 5.05
CA GLU B 299 -6.60 -34.37 6.12
C GLU B 299 -6.01 -34.03 7.49
N THR B 300 -6.88 -34.00 8.50
CA THR B 300 -6.44 -33.87 9.88
C THR B 300 -7.28 -34.77 10.76
N PHE B 301 -6.64 -35.29 11.81
CA PHE B 301 -7.33 -36.07 12.79
C PHE B 301 -6.64 -36.04 14.13
N LYS B 302 -7.26 -36.70 15.10
CA LYS B 302 -6.67 -36.90 16.39
C LYS B 302 -6.47 -38.40 16.52
N VAL B 303 -5.32 -38.80 17.03
CA VAL B 303 -5.08 -40.21 17.34
C VAL B 303 -5.19 -40.36 18.86
N ILE B 304 -6.10 -41.24 19.28
CA ILE B 304 -6.23 -41.56 20.70
C ILE B 304 -5.01 -42.39 21.09
N GLU B 305 -4.30 -41.91 22.11
CA GLU B 305 -3.02 -42.49 22.52
C GLU B 305 -1.97 -42.38 21.40
N GLY B 306 -2.06 -41.32 20.60
CA GLY B 306 -1.19 -41.19 19.45
C GLY B 306 0.19 -40.73 19.85
N TRP B 307 0.27 -40.07 20.99
CA TRP B 307 1.52 -39.50 21.44
C TRP B 307 2.31 -40.45 22.35
N SER B 308 1.65 -41.43 22.96
CA SER B 308 2.38 -42.37 23.82
C SER B 308 2.09 -43.86 23.55
N ASN B 309 1.75 -44.18 22.31
CA ASN B 309 1.52 -45.56 21.92
C ASN B 309 1.76 -45.78 20.44
N PRO B 310 2.87 -46.44 20.11
CA PRO B 310 3.23 -46.72 18.73
C PRO B 310 2.28 -47.66 17.98
N LYS B 311 1.39 -48.34 18.71
CA LYS B 311 0.49 -49.32 18.10
C LYS B 311 -0.93 -48.79 17.96
N SER B 312 -1.10 -47.52 18.35
CA SER B 312 -2.42 -46.90 18.28
C SER B 312 -2.78 -46.48 16.86
N LYS B 313 -3.98 -46.84 16.44
CA LYS B 313 -4.47 -46.52 15.10
C LYS B 313 -5.90 -46.01 15.17
N LEU B 314 -6.22 -45.45 16.34
CA LEU B 314 -7.55 -45.01 16.67
C LEU B 314 -7.72 -43.50 16.36
N GLN B 315 -8.20 -43.19 15.16
CA GLN B 315 -8.45 -41.80 14.82
C GLN B 315 -9.90 -41.40 15.08
N ILE B 316 -10.05 -40.18 15.58
CA ILE B 316 -11.33 -39.55 15.76
C ILE B 316 -11.19 -38.16 15.13
N ASN B 317 -12.31 -37.49 14.89
CA ASN B 317 -12.31 -36.09 14.47
C ASN B 317 -11.72 -35.74 13.11
N ARG B 318 -11.78 -36.65 12.15
CA ARG B 318 -11.23 -36.36 10.82
C ARG B 318 -11.90 -35.14 10.19
N GLN B 319 -11.08 -34.34 9.50
CA GLN B 319 -11.53 -33.28 8.59
C GLN B 319 -10.69 -33.36 7.32
N VAL B 320 -11.35 -33.13 6.19
CA VAL B 320 -10.68 -33.10 4.90
C VAL B 320 -10.48 -31.64 4.58
N ILE B 321 -9.23 -31.25 4.38
CA ILE B 321 -8.93 -29.84 4.12
C ILE B 321 -8.84 -29.66 2.62
N VAL B 322 -8.11 -30.56 1.97
CA VAL B 322 -8.04 -30.59 0.50
C VAL B 322 -8.34 -32.02 0.09
N ASP B 323 -9.26 -32.18 -0.86
CA ASP B 323 -9.73 -33.51 -1.21
C ASP B 323 -8.71 -34.28 -2.08
N ARG B 324 -8.86 -35.60 -2.12
CA ARG B 324 -7.85 -36.51 -2.71
C ARG B 324 -7.63 -36.34 -4.21
N GLY B 325 -8.41 -35.49 -4.85
CA GLY B 325 -8.20 -35.24 -6.28
C GLY B 325 -7.47 -33.95 -6.55
N ASN B 326 -7.21 -33.17 -5.50
CA ASN B 326 -6.52 -31.90 -5.66
C ASN B 326 -5.17 -31.93 -4.98
N ARG B 327 -4.22 -31.18 -5.53
CA ARG B 327 -2.84 -31.20 -5.06
C ARG B 327 -2.64 -30.47 -3.73
N SER B 328 -1.89 -31.06 -2.81
CA SER B 328 -1.48 -30.35 -1.61
C SER B 328 0.01 -29.93 -1.64
N GLY B 329 0.80 -30.45 -0.72
CA GLY B 329 2.19 -30.02 -0.53
C GLY B 329 2.57 -29.78 0.93
N TYR B 330 3.58 -28.94 1.15
CA TYR B 330 4.09 -28.63 2.48
C TYR B 330 2.98 -28.16 3.40
N SER B 331 3.22 -28.24 4.71
CA SER B 331 2.24 -27.78 5.68
C SER B 331 2.93 -27.60 7.03
N GLY B 332 2.46 -26.67 7.84
CA GLY B 332 3.18 -26.37 9.06
C GLY B 332 2.31 -25.81 10.16
N ILE B 333 2.87 -25.75 11.35
CA ILE B 333 2.15 -25.22 12.50
C ILE B 333 2.53 -23.75 12.68
N PHE B 334 1.63 -22.98 13.27
CA PHE B 334 2.00 -21.76 13.96
C PHE B 334 1.10 -21.64 15.18
N SER B 335 1.52 -20.85 16.15
CA SER B 335 0.80 -20.74 17.38
C SER B 335 0.33 -19.32 17.55
N VAL B 336 -0.83 -19.16 18.20
CA VAL B 336 -1.42 -17.84 18.41
C VAL B 336 -1.93 -17.70 19.84
N GLU B 337 -1.49 -16.63 20.49
CA GLU B 337 -1.88 -16.38 21.86
C GLU B 337 -3.28 -15.77 21.93
N GLY B 338 -4.18 -16.46 22.63
CA GLY B 338 -5.50 -15.91 23.01
C GLY B 338 -5.45 -15.18 24.35
N LYS B 339 -6.62 -14.81 24.88
CA LYS B 339 -6.71 -14.20 26.21
C LYS B 339 -6.13 -15.18 27.24
N SER B 340 -6.59 -16.43 27.19
CA SER B 340 -6.29 -17.40 28.23
C SER B 340 -5.42 -18.57 27.78
N CYS B 341 -5.25 -18.76 26.48
CA CYS B 341 -4.53 -19.95 26.02
C CYS B 341 -3.73 -19.72 24.76
N ILE B 342 -2.98 -20.74 24.35
CA ILE B 342 -2.26 -20.66 23.07
C ILE B 342 -3.00 -21.55 22.07
N ASN B 343 -3.60 -20.95 21.05
CA ASN B 343 -4.19 -21.74 19.97
C ASN B 343 -3.07 -22.32 19.15
N ARG B 344 -3.35 -23.41 18.43
CA ARG B 344 -2.42 -23.95 17.42
C ARG B 344 -3.14 -23.91 16.09
N CYS B 345 -2.45 -23.42 15.07
CA CYS B 345 -3.00 -23.30 13.74
C CYS B 345 -2.03 -23.91 12.77
N PHE B 346 -2.47 -24.13 11.55
CA PHE B 346 -1.61 -24.71 10.54
C PHE B 346 -1.96 -24.14 9.17
N TYR B 347 -0.96 -24.10 8.29
CA TYR B 347 -1.13 -23.68 6.91
C TYR B 347 -0.90 -24.91 6.05
N VAL B 348 -1.32 -24.84 4.79
CA VAL B 348 -1.11 -25.95 3.86
C VAL B 348 -0.72 -25.36 2.51
N GLU B 349 0.46 -25.73 2.03
CA GLU B 349 0.91 -25.30 0.70
C GLU B 349 0.12 -26.07 -0.31
N LEU B 350 -0.51 -25.36 -1.24
CA LEU B 350 -1.16 -26.01 -2.36
C LEU B 350 -0.35 -25.75 -3.64
N ILE B 351 0.51 -26.71 -3.99
CA ILE B 351 1.41 -26.60 -5.18
C ILE B 351 0.69 -26.86 -6.49
N ARG B 352 1.01 -26.08 -7.53
CA ARG B 352 0.61 -26.39 -8.92
C ARG B 352 1.76 -26.22 -9.93
N GLY B 353 1.65 -26.92 -11.05
CA GLY B 353 2.62 -26.82 -12.12
C GLY B 353 3.51 -28.05 -12.22
N ARG B 354 4.73 -27.82 -12.70
CA ARG B 354 5.74 -28.86 -12.84
C ARG B 354 6.15 -29.45 -11.47
N LYS B 355 6.53 -30.73 -11.43
CA LYS B 355 6.63 -31.61 -12.60
C LYS B 355 5.35 -32.40 -12.94
N GLU B 356 4.48 -32.54 -11.94
CA GLU B 356 3.26 -33.35 -12.06
C GLU B 356 2.29 -32.83 -13.11
N GLU B 357 2.15 -31.52 -13.21
CA GLU B 357 1.27 -30.93 -14.21
C GLU B 357 2.10 -30.30 -15.31
N THR B 358 1.82 -30.70 -16.55
CA THR B 358 2.63 -30.32 -17.72
C THR B 358 1.96 -29.30 -18.66
N GLU B 359 0.76 -28.89 -18.31
CA GLU B 359 0.01 -27.89 -19.08
C GLU B 359 0.64 -26.50 -18.95
N VAL B 360 1.39 -26.27 -17.87
CA VAL B 360 2.16 -25.04 -17.69
C VAL B 360 3.64 -25.31 -17.45
N LEU B 361 4.46 -24.30 -17.71
CA LEU B 361 5.91 -24.39 -17.57
C LEU B 361 6.42 -24.10 -16.17
N TRP B 362 5.59 -23.45 -15.36
CA TRP B 362 6.06 -22.92 -14.07
C TRP B 362 5.73 -23.86 -12.91
N THR B 363 6.21 -23.50 -11.73
CA THR B 363 5.85 -24.20 -10.51
C THR B 363 5.63 -23.14 -9.47
N SER B 364 4.37 -23.05 -9.02
CA SER B 364 4.04 -22.12 -7.95
C SER B 364 3.03 -22.75 -7.00
N ASN B 365 2.53 -21.94 -6.05
CA ASN B 365 1.58 -22.45 -5.06
C ASN B 365 0.62 -21.36 -4.63
N SER B 366 -0.49 -21.78 -4.01
CA SER B 366 -1.30 -20.91 -3.19
C SER B 366 -1.38 -21.52 -1.79
N ILE B 367 -2.09 -20.87 -0.87
CA ILE B 367 -2.28 -21.48 0.44
C ILE B 367 -3.69 -21.39 1.01
N VAL B 368 -4.06 -22.42 1.75
CA VAL B 368 -5.19 -22.37 2.67
C VAL B 368 -4.64 -22.53 4.10
N VAL B 369 -5.33 -21.94 5.06
CA VAL B 369 -4.89 -21.88 6.46
C VAL B 369 -6.09 -22.16 7.37
N PHE B 370 -5.87 -22.98 8.39
CA PHE B 370 -6.90 -23.29 9.40
C PHE B 370 -6.39 -23.01 10.81
N CYS B 371 -7.32 -22.71 11.72
CA CYS B 371 -6.96 -22.54 13.13
C CYS B 371 -7.77 -23.42 14.07
N GLY B 372 -7.10 -23.91 15.11
CA GLY B 372 -7.74 -24.65 16.18
C GLY B 372 -8.97 -23.95 16.70
N THR B 373 -9.95 -24.74 17.10
CA THR B 373 -11.23 -24.24 17.58
C THR B 373 -11.63 -25.08 18.76
N SER B 374 -12.26 -24.45 19.76
CA SER B 374 -12.87 -25.20 20.83
C SER B 374 -14.38 -25.30 20.58
N GLY B 375 -14.87 -24.52 19.62
CA GLY B 375 -16.27 -24.63 19.17
C GLY B 375 -16.53 -25.84 18.29
N THR B 376 -17.63 -25.80 17.55
CA THR B 376 -17.99 -26.83 16.60
C THR B 376 -17.67 -26.45 15.16
N TYR B 377 -17.71 -27.41 14.25
CA TYR B 377 -17.42 -27.21 12.81
C TYR B 377 -18.09 -28.25 11.91
N GLY B 378 -18.07 -27.98 10.61
CA GLY B 378 -18.68 -28.87 9.61
C GLY B 378 -17.66 -29.48 8.67
N THR B 379 -17.95 -29.44 7.38
CA THR B 379 -17.11 -30.09 6.37
C THR B 379 -16.96 -29.27 5.08
N GLY B 380 -15.88 -29.53 4.35
CA GLY B 380 -15.64 -28.93 3.05
C GLY B 380 -14.31 -29.36 2.42
N SER B 381 -14.08 -28.87 1.21
CA SER B 381 -12.79 -28.96 0.54
C SER B 381 -12.45 -27.57 0.02
N TRP B 382 -11.24 -27.10 0.31
CA TRP B 382 -10.77 -25.80 -0.15
C TRP B 382 -9.41 -25.98 -0.81
N PRO B 383 -9.41 -26.38 -2.10
CA PRO B 383 -8.19 -26.57 -2.85
C PRO B 383 -7.70 -25.25 -3.47
N ASP B 384 -6.80 -25.37 -4.45
CA ASP B 384 -6.28 -24.23 -5.18
C ASP B 384 -7.33 -23.59 -6.08
N GLY B 385 -8.00 -24.42 -6.87
CA GLY B 385 -9.07 -23.97 -7.73
C GLY B 385 -8.70 -23.30 -9.04
N ALA B 386 -7.42 -23.30 -9.38
CA ALA B 386 -7.00 -22.72 -10.65
C ALA B 386 -7.15 -23.70 -11.82
N ASP B 387 -7.39 -23.18 -13.02
CA ASP B 387 -7.53 -23.99 -14.25
C ASP B 387 -6.30 -23.93 -15.15
N LEU B 388 -5.43 -24.94 -15.03
CA LEU B 388 -4.17 -24.92 -15.75
C LEU B 388 -4.33 -24.97 -17.27
N ASN B 389 -5.32 -25.73 -17.73
CA ASN B 389 -5.67 -25.75 -19.16
C ASN B 389 -6.05 -24.38 -19.68
N LEU B 390 -6.22 -23.43 -18.75
CA LEU B 390 -6.63 -22.08 -19.11
C LEU B 390 -5.64 -20.99 -18.66
N MET B 391 -4.56 -21.39 -18.02
CA MET B 391 -3.53 -20.47 -17.51
C MET B 391 -2.63 -19.94 -18.64
N PRO B 392 -1.98 -18.76 -18.41
CA PRO B 392 -0.98 -18.18 -19.31
C PRO B 392 -0.02 -19.23 -19.88
N ILE B 393 -0.18 -19.48 -21.18
CA ILE B 393 0.51 -20.55 -21.88
C ILE B 393 1.92 -20.10 -22.34
N ALA C 6 12.07 11.31 20.34
CA ALA C 6 12.87 11.11 19.08
C ALA C 6 14.09 12.04 19.09
N GLU C 7 15.27 11.45 19.22
CA GLU C 7 16.54 12.18 19.40
C GLU C 7 17.31 12.21 18.10
N TYR C 8 18.23 13.17 17.97
CA TYR C 8 19.12 13.24 16.81
C TYR C 8 20.14 12.09 16.85
N ARG C 9 20.42 11.50 15.68
CA ARG C 9 21.48 10.49 15.56
C ARG C 9 22.88 11.12 15.65
N ASN C 10 23.81 10.41 16.28
CA ASN C 10 25.20 10.82 16.40
C ASN C 10 26.18 9.77 15.91
N TRP C 11 25.73 8.53 15.90
CA TRP C 11 26.61 7.40 15.62
C TRP C 11 27.83 7.41 16.55
N SER C 12 27.65 7.77 17.82
CA SER C 12 28.76 7.84 18.77
C SER C 12 29.03 6.48 19.37
N LYS C 13 29.30 5.53 18.48
CA LYS C 13 29.58 4.14 18.83
C LYS C 13 30.75 3.71 17.97
N PRO C 14 31.51 2.67 18.38
CA PRO C 14 32.63 2.22 17.55
C PRO C 14 32.12 1.42 16.37
N GLN C 15 32.92 1.33 15.31
CA GLN C 15 32.59 0.50 14.14
C GLN C 15 32.66 -1.01 14.47
N CYS C 16 31.64 -1.77 14.08
CA CYS C 16 31.56 -3.20 14.40
C CYS C 16 32.67 -4.01 13.74
N ASP C 17 33.12 -5.04 14.45
CA ASP C 17 34.05 -6.03 13.86
C ASP C 17 33.48 -6.51 12.54
N ILE C 18 34.33 -6.62 11.53
CA ILE C 18 33.88 -7.12 10.22
C ILE C 18 34.83 -8.19 9.70
N THR C 19 34.27 -9.36 9.44
CA THR C 19 35.06 -10.46 8.90
C THR C 19 34.69 -10.66 7.42
N GLY C 20 33.79 -9.81 6.94
CA GLY C 20 33.25 -9.88 5.57
C GLY C 20 31.78 -9.49 5.54
N PHE C 21 31.10 -9.90 4.47
CA PHE C 21 29.73 -9.43 4.26
C PHE C 21 28.74 -10.56 4.06
N ALA C 22 27.58 -10.42 4.69
CA ALA C 22 26.48 -11.38 4.57
C ALA C 22 25.39 -10.80 3.67
N PRO C 23 24.67 -11.68 2.94
CA PRO C 23 23.63 -11.22 2.01
C PRO C 23 22.47 -10.61 2.77
N PHE C 24 21.92 -9.52 2.25
CA PHE C 24 20.94 -8.75 3.01
C PHE C 24 19.64 -8.51 2.27
N SER C 25 19.73 -8.33 0.95
CA SER C 25 18.57 -7.90 0.17
C SER C 25 18.81 -7.98 -1.35
N LYS C 26 17.74 -8.31 -2.09
CA LYS C 26 17.80 -8.33 -3.56
C LYS C 26 16.46 -8.00 -4.19
N ASP C 27 16.39 -6.99 -5.05
CA ASP C 27 15.09 -6.54 -5.54
C ASP C 27 14.56 -7.22 -6.83
N ASN C 28 15.42 -7.91 -7.58
CA ASN C 28 14.99 -8.67 -8.79
C ASN C 28 14.14 -7.87 -9.77
N SER C 29 14.50 -6.60 -9.87
CA SER C 29 13.74 -5.57 -10.52
C SER C 29 13.45 -5.79 -12.04
N ILE C 30 14.47 -6.14 -12.83
CA ILE C 30 14.33 -6.37 -14.29
C ILE C 30 13.47 -7.59 -14.62
N ARG C 31 13.80 -8.73 -14.01
CA ARG C 31 13.01 -9.98 -14.14
C ARG C 31 11.54 -9.79 -13.76
N LEU C 32 11.30 -9.01 -12.71
CA LEU C 32 9.94 -8.67 -12.30
C LEU C 32 9.25 -7.83 -13.36
N SER C 33 9.99 -6.88 -13.96
CA SER C 33 9.38 -5.96 -14.92
C SER C 33 9.11 -6.56 -16.32
N ALA C 34 9.26 -7.87 -16.43
CA ALA C 34 8.97 -8.58 -17.67
C ALA C 34 7.58 -9.17 -17.58
N GLY C 35 7.03 -9.13 -16.38
CA GLY C 35 5.68 -9.58 -16.09
C GLY C 35 5.19 -8.79 -14.90
N GLY C 36 5.14 -7.48 -15.07
CA GLY C 36 4.75 -6.54 -14.02
C GLY C 36 4.97 -5.11 -14.51
N ASP C 37 4.65 -4.14 -13.67
CA ASP C 37 4.88 -2.72 -13.98
C ASP C 37 5.84 -2.10 -12.99
N ILE C 38 7.10 -2.02 -13.42
CA ILE C 38 8.22 -1.60 -12.61
C ILE C 38 8.86 -0.39 -13.26
N TRP C 39 9.18 0.60 -12.45
CA TRP C 39 9.93 1.78 -12.88
C TRP C 39 11.24 1.43 -13.53
N VAL C 40 11.56 2.14 -14.61
CA VAL C 40 12.93 2.23 -15.10
C VAL C 40 13.74 3.14 -14.15
N THR C 41 14.95 2.73 -13.80
CA THR C 41 15.75 3.54 -12.90
C THR C 41 17.23 3.35 -13.12
N ARG C 42 18.01 4.29 -12.61
CA ARG C 42 19.41 4.07 -12.37
C ARG C 42 19.84 4.79 -11.10
N GLU C 43 21.14 4.79 -10.86
CA GLU C 43 21.76 5.44 -9.71
C GLU C 43 20.99 5.10 -8.44
N PRO C 44 20.89 3.80 -8.13
CA PRO C 44 20.16 3.38 -6.94
C PRO C 44 20.99 3.55 -5.66
N TYR C 45 20.34 3.59 -4.50
CA TYR C 45 21.03 3.59 -3.18
C TYR C 45 20.14 3.25 -1.97
N VAL C 46 20.77 3.11 -0.80
CA VAL C 46 20.09 2.66 0.40
C VAL C 46 20.43 3.53 1.61
N SER C 47 19.42 4.00 2.33
CA SER C 47 19.60 4.66 3.62
C SER C 47 18.50 4.20 4.55
N CYS C 48 18.78 4.28 5.84
CA CYS C 48 17.86 3.72 6.82
C CYS C 48 17.58 4.77 7.86
N ASP C 49 16.31 4.80 8.31
CA ASP C 49 15.96 5.56 9.52
C ASP C 49 16.31 4.67 10.72
N PRO C 50 16.07 5.15 11.97
CA PRO C 50 16.41 4.30 13.11
C PRO C 50 15.75 2.90 13.13
N ASP C 51 14.74 2.66 12.29
CA ASP C 51 13.94 1.41 12.31
C ASP C 51 14.26 0.45 11.20
N LYS C 52 14.35 0.98 9.98
CA LYS C 52 14.33 0.15 8.77
C LYS C 52 14.95 0.86 7.57
N CYS C 53 15.28 0.08 6.56
CA CYS C 53 16.02 0.57 5.41
C CYS C 53 15.13 0.87 4.20
N TYR C 54 15.46 1.95 3.49
CA TYR C 54 14.78 2.28 2.24
C TYR C 54 15.71 2.14 1.05
N GLN C 55 15.17 1.75 -0.10
CA GLN C 55 15.91 1.79 -1.35
C GLN C 55 15.48 2.99 -2.21
N PHE C 56 16.46 3.68 -2.75
CA PHE C 56 16.21 4.86 -3.55
C PHE C 56 16.75 4.60 -4.94
N ALA C 57 16.11 5.22 -5.92
CA ALA C 57 16.74 5.37 -7.20
C ALA C 57 16.17 6.61 -7.88
N LEU C 58 16.97 7.21 -8.74
CA LEU C 58 16.47 8.19 -9.68
C LEU C 58 15.73 7.43 -10.77
N GLY C 59 14.43 7.66 -10.84
CA GLY C 59 13.60 6.98 -11.81
C GLY C 59 13.73 7.72 -13.10
N GLN C 60 13.19 7.16 -14.17
CA GLN C 60 13.25 7.84 -15.44
C GLN C 60 11.88 8.33 -15.87
N GLY C 61 11.04 8.63 -14.88
CA GLY C 61 9.64 8.97 -15.15
C GLY C 61 8.91 8.00 -16.08
N THR C 62 9.26 6.71 -16.02
CA THR C 62 8.62 5.69 -16.86
C THR C 62 8.77 4.31 -16.27
N THR C 63 7.86 3.42 -16.62
CA THR C 63 8.01 1.99 -16.36
C THR C 63 8.71 1.32 -17.54
N LEU C 64 9.10 0.06 -17.37
CA LEU C 64 9.90 -0.66 -18.38
C LEU C 64 9.15 -1.10 -19.64
N ASN C 65 8.01 -1.77 -19.46
CA ASN C 65 7.18 -2.21 -20.60
C ASN C 65 6.26 -1.10 -21.08
N ASN C 66 6.86 -0.12 -21.75
CA ASN C 66 6.30 1.19 -21.95
C ASN C 66 7.03 1.81 -23.13
N VAL C 67 6.31 2.53 -23.98
CA VAL C 67 6.95 3.21 -25.11
C VAL C 67 8.02 4.21 -24.68
N HIS C 68 7.83 4.83 -23.52
CA HIS C 68 8.73 5.87 -23.02
C HIS C 68 10.10 5.38 -22.52
N SER C 69 10.34 4.07 -22.58
CA SER C 69 11.56 3.48 -22.00
C SER C 69 12.76 3.52 -22.95
N ASN C 70 12.47 3.64 -24.25
CA ASN C 70 13.48 3.87 -25.28
C ASN C 70 14.29 5.13 -24.97
N ASN C 71 15.62 5.01 -25.08
CA ASN C 71 16.60 6.09 -24.79
C ASN C 71 16.77 6.50 -23.33
N THR C 72 16.45 5.59 -22.41
CA THR C 72 16.64 5.84 -20.97
C THR C 72 18.11 5.82 -20.54
N VAL C 73 19.01 5.65 -21.51
CA VAL C 73 20.44 5.74 -21.26
C VAL C 73 20.81 7.18 -20.91
N ARG C 74 20.02 8.13 -21.41
CA ARG C 74 20.20 9.56 -21.12
C ARG C 74 20.15 9.86 -19.62
N GLY C 75 21.24 10.42 -19.09
CA GLY C 75 21.38 10.68 -17.66
C GLY C 75 20.49 11.74 -17.03
N ARG C 76 20.33 12.90 -17.68
CA ARG C 76 19.55 14.00 -17.12
C ARG C 76 18.36 14.43 -17.96
N THR C 77 17.15 14.24 -17.42
CA THR C 77 15.91 14.71 -18.05
C THR C 77 15.02 15.40 -17.02
N PRO C 78 14.06 16.22 -17.51
CA PRO C 78 13.08 16.87 -16.63
C PRO C 78 12.19 15.84 -15.92
N TYR C 79 12.16 14.62 -16.44
CA TYR C 79 11.26 13.58 -15.95
C TYR C 79 11.83 12.69 -14.84
N ARG C 80 13.10 12.87 -14.51
CA ARG C 80 13.72 12.05 -13.49
C ARG C 80 13.31 12.52 -12.12
N THR C 81 12.78 11.57 -11.35
CA THR C 81 12.35 11.80 -9.98
C THR C 81 13.07 10.82 -9.06
N LEU C 82 13.36 11.23 -7.84
CA LEU C 82 13.87 10.33 -6.82
C LEU C 82 12.77 9.45 -6.24
N LEU C 83 12.93 8.12 -6.37
CA LEU C 83 11.99 7.11 -5.84
C LEU C 83 12.42 6.65 -4.46
N MET C 84 11.45 6.25 -3.63
CA MET C 84 11.76 5.77 -2.28
C MET C 84 10.78 4.70 -1.81
N ASN C 85 11.18 3.44 -1.89
CA ASN C 85 10.46 2.35 -1.21
C ASN C 85 11.21 1.85 0.02
N GLU C 86 10.51 1.10 0.88
CA GLU C 86 11.18 0.33 1.92
C GLU C 86 11.95 -0.75 1.19
N LEU C 87 13.14 -1.05 1.70
CA LEU C 87 14.04 -1.97 1.06
C LEU C 87 13.40 -3.33 0.93
N GLY C 88 13.42 -3.85 -0.29
CA GLY C 88 12.83 -5.15 -0.59
C GLY C 88 11.58 -4.99 -1.42
N VAL C 89 11.01 -3.78 -1.38
CA VAL C 89 9.82 -3.47 -2.17
C VAL C 89 10.27 -2.98 -3.52
N PRO C 90 9.97 -3.74 -4.58
CA PRO C 90 10.36 -3.28 -5.91
C PRO C 90 9.68 -1.96 -6.25
N PHE C 91 10.15 -1.31 -7.32
CA PHE C 91 9.60 0.00 -7.68
C PHE C 91 8.39 -0.19 -8.56
N HIS C 92 7.25 -0.40 -7.92
CA HIS C 92 5.96 -0.59 -8.59
C HIS C 92 5.27 0.77 -8.65
N LEU C 93 4.04 0.78 -9.15
CA LEU C 93 3.35 2.03 -9.39
C LEU C 93 2.99 2.84 -8.15
N GLY C 94 2.88 2.19 -7.00
CA GLY C 94 2.56 2.89 -5.76
C GLY C 94 3.78 3.48 -5.05
N THR C 95 4.92 3.41 -5.72
CA THR C 95 6.15 3.99 -5.22
C THR C 95 6.08 5.51 -5.17
N LYS C 96 6.42 6.09 -4.04
CA LYS C 96 6.49 7.52 -3.88
C LYS C 96 7.67 8.12 -4.60
N GLN C 97 7.43 9.21 -5.31
CA GLN C 97 8.49 10.04 -5.83
C GLN C 97 8.62 11.18 -4.87
N VAL C 98 9.78 11.37 -4.28
CA VAL C 98 9.83 12.26 -3.11
C VAL C 98 10.39 13.61 -3.45
N CYS C 99 10.77 13.76 -4.73
CA CYS C 99 11.26 15.01 -5.28
C CYS C 99 11.73 14.84 -6.73
N ILE C 100 11.87 15.95 -7.44
CA ILE C 100 12.37 16.01 -8.81
C ILE C 100 13.90 15.96 -8.76
N ALA C 101 14.52 15.02 -9.46
CA ALA C 101 15.96 14.84 -9.28
C ALA C 101 16.59 14.03 -10.39
N TRP C 102 17.65 14.59 -10.98
CA TRP C 102 18.49 13.78 -11.88
C TRP C 102 19.85 13.46 -11.25
N SER C 103 19.99 13.86 -9.98
CA SER C 103 21.11 13.55 -9.12
C SER C 103 20.57 13.89 -7.73
N SER C 104 20.92 13.11 -6.71
CA SER C 104 20.34 13.28 -5.37
C SER C 104 21.16 12.64 -4.23
N SER C 105 20.66 12.82 -3.01
CA SER C 105 21.26 12.22 -1.82
C SER C 105 20.22 12.30 -0.73
N SER C 106 20.09 11.26 0.07
CA SER C 106 19.18 11.30 1.24
C SER C 106 19.86 10.82 2.52
N CYS C 107 19.28 11.22 3.64
CA CYS C 107 19.73 10.75 4.95
C CYS C 107 18.65 11.08 5.96
N HIS C 108 18.75 10.51 7.14
CA HIS C 108 17.77 10.72 8.19
C HIS C 108 18.57 11.14 9.42
N ASP C 109 18.15 12.23 10.06
CA ASP C 109 18.89 12.77 11.18
C ASP C 109 18.47 12.18 12.51
N GLY C 110 17.64 11.13 12.47
CA GLY C 110 17.03 10.60 13.67
C GLY C 110 15.67 11.18 14.03
N LYS C 111 15.27 12.25 13.32
CA LYS C 111 13.94 12.85 13.48
C LYS C 111 13.12 12.81 12.18
N ALA C 112 13.74 13.23 11.09
CA ALA C 112 13.11 13.15 9.78
C ALA C 112 14.11 13.03 8.63
N TRP C 113 13.56 12.75 7.45
CA TRP C 113 14.34 12.63 6.23
C TRP C 113 14.75 13.99 5.67
N LEU C 114 16.01 14.06 5.25
CA LEU C 114 16.49 15.11 4.37
C LEU C 114 16.68 14.52 2.99
N HIS C 115 16.22 15.22 1.95
CA HIS C 115 16.50 14.84 0.57
C HIS C 115 17.16 16.01 -0.17
N VAL C 116 18.31 15.74 -0.79
CA VAL C 116 18.99 16.75 -1.58
C VAL C 116 18.76 16.39 -3.02
N CYS C 117 18.00 17.23 -3.74
CA CYS C 117 17.53 16.90 -5.10
C CYS C 117 17.97 17.91 -6.17
N ILE C 118 18.57 17.41 -7.25
CA ILE C 118 19.08 18.26 -8.30
C ILE C 118 18.38 17.99 -9.63
N THR C 119 17.80 19.04 -10.18
CA THR C 119 17.11 19.01 -11.46
C THR C 119 17.36 20.36 -12.15
N GLY C 120 17.07 20.42 -13.46
CA GLY C 120 17.14 21.67 -14.23
C GLY C 120 18.00 21.62 -15.48
N ASP C 121 18.25 22.79 -16.07
CA ASP C 121 19.24 22.92 -17.14
C ASP C 121 20.66 22.53 -16.70
N ASP C 122 21.34 21.76 -17.57
CA ASP C 122 22.76 21.42 -17.42
C ASP C 122 23.64 22.54 -16.89
N LYS C 123 23.50 23.74 -17.46
CA LYS C 123 24.32 24.91 -17.09
C LYS C 123 23.66 25.84 -16.07
N ASN C 124 22.50 25.45 -15.55
CA ASN C 124 21.81 26.24 -14.51
C ASN C 124 20.84 25.38 -13.69
N ALA C 125 21.41 24.63 -12.75
CA ALA C 125 20.68 23.56 -12.09
C ALA C 125 20.31 23.93 -10.66
N THR C 126 19.17 23.44 -10.21
CA THR C 126 18.73 23.79 -8.87
C THR C 126 18.86 22.59 -7.97
N ALA C 127 19.38 22.84 -6.77
CA ALA C 127 19.41 21.83 -5.74
C ALA C 127 18.43 22.26 -4.68
N SER C 128 17.39 21.46 -4.53
CA SER C 128 16.33 21.76 -3.56
C SER C 128 16.59 20.90 -2.34
N PHE C 129 16.40 21.47 -1.16
CA PHE C 129 16.62 20.76 0.11
C PHE C 129 15.32 20.61 0.84
N ILE C 130 14.85 19.37 0.90
CA ILE C 130 13.52 19.04 1.41
C ILE C 130 13.73 18.26 2.70
N TYR C 131 13.18 18.78 3.79
CA TYR C 131 13.34 18.16 5.10
C TYR C 131 11.99 17.99 5.74
N ASN C 132 11.78 16.82 6.33
CA ASN C 132 10.51 16.51 7.03
C ASN C 132 9.34 16.90 6.17
N GLY C 133 9.35 16.42 4.93
CA GLY C 133 8.25 16.58 3.99
C GLY C 133 7.90 18.00 3.61
N ARG C 134 8.87 18.91 3.69
CA ARG C 134 8.73 20.28 3.19
C ARG C 134 10.05 20.89 2.71
N LEU C 135 9.96 21.82 1.76
CA LEU C 135 11.12 22.46 1.17
C LEU C 135 11.68 23.54 2.07
N VAL C 136 12.95 23.42 2.44
CA VAL C 136 13.54 24.38 3.36
C VAL C 136 14.54 25.32 2.71
N ASP C 137 15.22 24.86 1.66
CA ASP C 137 16.29 25.64 1.06
C ASP C 137 16.53 25.18 -0.38
N SER C 138 17.35 25.95 -1.10
CA SER C 138 17.73 25.58 -2.47
C SER C 138 18.94 26.41 -2.88
N VAL C 139 19.80 25.85 -3.75
CA VAL C 139 20.94 26.60 -4.30
C VAL C 139 21.07 26.44 -5.83
N VAL C 140 21.44 27.54 -6.51
CA VAL C 140 21.88 27.49 -7.92
C VAL C 140 23.19 26.75 -8.06
N SER C 141 23.36 26.18 -9.25
CA SER C 141 24.64 25.77 -9.76
C SER C 141 25.59 26.94 -9.59
N TRP C 142 26.79 26.69 -9.08
CA TRP C 142 27.73 27.80 -8.82
C TRP C 142 28.79 27.96 -9.91
N SER C 143 29.00 26.91 -10.68
CA SER C 143 29.97 26.95 -11.78
C SER C 143 29.33 26.50 -13.09
N LYS C 144 28.00 26.45 -13.10
CA LYS C 144 27.21 26.31 -14.34
C LYS C 144 27.65 25.16 -15.27
N GLU C 145 28.17 24.08 -14.69
CA GLU C 145 28.49 22.87 -15.47
C GLU C 145 28.02 21.60 -14.70
N ILE C 146 26.75 21.23 -14.90
CA ILE C 146 26.11 20.08 -14.22
C ILE C 146 26.35 19.98 -12.69
N LEU C 147 25.59 20.73 -11.91
CA LEU C 147 25.61 20.62 -10.44
C LEU C 147 25.20 19.20 -9.98
N ARG C 148 26.11 18.49 -9.34
CA ARG C 148 25.92 17.07 -9.02
C ARG C 148 26.27 16.74 -7.57
N THR C 149 25.69 15.65 -7.06
CA THR C 149 25.97 15.21 -5.69
C THR C 149 26.25 13.69 -5.58
N GLN C 150 26.06 13.09 -4.40
CA GLN C 150 26.56 11.77 -4.03
C GLN C 150 25.98 10.54 -4.78
N GLU C 151 24.66 10.49 -4.97
CA GLU C 151 23.97 9.30 -5.47
C GLU C 151 24.04 8.14 -4.47
N SER C 152 24.31 8.48 -3.20
CA SER C 152 24.25 7.57 -2.06
C SER C 152 23.88 8.38 -0.81
N GLU C 153 23.79 7.76 0.36
CA GLU C 153 23.29 8.47 1.54
C GLU C 153 24.18 9.62 2.01
N CYS C 154 23.57 10.73 2.38
CA CYS C 154 24.29 11.75 3.19
C CYS C 154 24.43 11.24 4.64
N VAL C 155 24.99 12.05 5.52
CA VAL C 155 25.28 11.63 6.91
C VAL C 155 24.98 12.75 7.90
N CYS C 156 24.21 12.47 8.94
CA CYS C 156 23.88 13.50 9.93
C CYS C 156 24.42 13.12 11.27
N ILE C 157 24.93 14.13 11.99
CA ILE C 157 25.46 13.98 13.33
C ILE C 157 24.96 15.16 14.17
N ASN C 158 24.27 14.86 15.27
CA ASN C 158 23.70 15.89 16.13
C ASN C 158 22.76 16.81 15.34
N GLY C 159 22.05 16.23 14.37
CA GLY C 159 21.17 16.99 13.48
C GLY C 159 21.85 18.00 12.58
N THR C 160 23.15 17.82 12.34
CA THR C 160 23.84 18.59 11.30
C THR C 160 24.20 17.62 10.20
N CYS C 161 23.60 17.79 9.03
CA CYS C 161 23.79 16.85 7.92
C CYS C 161 24.79 17.40 6.94
N THR C 162 25.60 16.52 6.39
CA THR C 162 26.63 16.95 5.50
C THR C 162 26.44 16.27 4.15
N VAL C 163 26.63 17.02 3.09
CA VAL C 163 26.53 16.46 1.73
C VAL C 163 27.60 17.09 0.85
N VAL C 164 28.19 16.29 -0.05
CA VAL C 164 29.24 16.73 -0.95
C VAL C 164 28.65 16.94 -2.33
N MET C 165 28.95 18.09 -2.94
CA MET C 165 28.40 18.48 -4.24
C MET C 165 29.49 19.00 -5.15
N THR C 166 29.32 18.76 -6.44
CA THR C 166 30.34 19.09 -7.41
C THR C 166 29.68 19.75 -8.62
N ASP C 167 30.40 20.70 -9.19
CA ASP C 167 29.93 21.50 -10.30
C ASP C 167 31.17 21.88 -11.08
N GLY C 168 31.18 21.61 -12.37
CA GLY C 168 32.37 21.83 -13.18
C GLY C 168 32.73 20.62 -14.00
N SER C 169 33.91 20.67 -14.60
CA SER C 169 34.30 19.67 -15.60
C SER C 169 34.36 18.25 -15.05
N ALA C 170 34.13 17.30 -15.93
CA ALA C 170 34.18 15.90 -15.58
C ALA C 170 35.52 15.33 -16.03
N SER C 171 36.46 16.19 -16.42
CA SER C 171 37.78 15.73 -16.84
C SER C 171 38.83 16.83 -16.78
N GLY C 172 38.78 17.58 -15.69
CA GLY C 172 39.68 18.69 -15.40
C GLY C 172 39.31 19.17 -14.02
N LYS C 173 39.98 20.21 -13.54
CA LYS C 173 39.68 20.79 -12.22
C LYS C 173 38.20 21.12 -12.17
N ALA C 174 37.60 20.92 -10.99
CA ALA C 174 36.18 21.18 -10.81
C ALA C 174 35.91 21.77 -9.42
N ASP C 175 34.70 22.27 -9.22
CA ASP C 175 34.37 22.98 -8.00
C ASP C 175 33.49 22.16 -7.06
N THR C 176 34.16 21.59 -6.06
CA THR C 176 33.55 20.75 -5.04
C THR C 176 33.31 21.51 -3.75
N LYS C 177 32.09 21.41 -3.24
CA LYS C 177 31.74 22.06 -1.99
C LYS C 177 31.09 21.04 -1.09
N ILE C 178 31.16 21.29 0.22
CA ILE C 178 30.51 20.46 1.21
C ILE C 178 29.53 21.34 2.00
N LEU C 179 28.26 20.93 2.01
CA LEU C 179 27.23 21.69 2.67
C LEU C 179 26.91 21.13 4.04
N PHE C 180 26.44 21.99 4.92
CA PHE C 180 26.07 21.63 6.26
C PHE C 180 24.63 22.05 6.49
N ILE C 181 23.75 21.05 6.55
CA ILE C 181 22.31 21.27 6.54
C ILE C 181 21.65 20.94 7.87
N GLU C 182 21.06 21.94 8.49
CA GLU C 182 20.34 21.75 9.74
C GLU C 182 18.85 21.96 9.57
N GLU C 183 18.10 20.86 9.67
CA GLU C 183 16.64 20.88 9.54
C GLU C 183 16.23 21.42 8.19
N GLY C 184 17.04 21.07 7.19
CA GLY C 184 16.81 21.45 5.81
C GLY C 184 17.46 22.75 5.42
N LYS C 185 17.98 23.47 6.42
CA LYS C 185 18.57 24.79 6.18
C LYS C 185 20.09 24.68 5.99
N ILE C 186 20.60 25.25 4.90
CA ILE C 186 22.04 25.39 4.73
C ILE C 186 22.65 26.38 5.76
N VAL C 187 23.46 25.88 6.69
CA VAL C 187 24.06 26.74 7.69
C VAL C 187 25.52 27.13 7.36
N HIS C 188 26.10 26.44 6.37
CA HIS C 188 27.50 26.63 5.98
C HIS C 188 27.85 25.88 4.67
N THR C 189 28.68 26.51 3.86
CA THR C 189 29.24 25.88 2.67
C THR C 189 30.79 25.98 2.73
N SER C 190 31.44 24.90 3.18
CA SER C 190 32.90 24.79 3.10
C SER C 190 33.31 24.29 1.72
N THR C 191 34.36 24.87 1.17
CA THR C 191 34.85 24.46 -0.14
C THR C 191 35.92 23.39 0.04
N LEU C 192 36.07 22.52 -0.95
CA LEU C 192 37.02 21.42 -0.86
C LEU C 192 38.47 21.89 -0.81
N SER C 193 39.15 21.43 0.24
CA SER C 193 40.56 21.67 0.49
C SER C 193 41.24 20.33 0.76
N GLY C 194 42.57 20.30 0.76
CA GLY C 194 43.34 19.06 0.91
C GLY C 194 43.96 18.67 -0.41
N SER C 195 44.43 17.43 -0.53
CA SER C 195 45.18 17.05 -1.73
C SER C 195 44.38 16.26 -2.78
N ALA C 196 43.05 16.24 -2.64
CA ALA C 196 42.20 15.53 -3.62
C ALA C 196 41.95 16.38 -4.86
N GLN C 197 42.22 15.83 -6.03
CA GLN C 197 42.22 16.66 -7.26
C GLN C 197 40.89 16.68 -7.99
N HIS C 198 40.12 15.62 -7.84
CA HIS C 198 38.82 15.52 -8.43
C HIS C 198 37.91 14.62 -7.62
N VAL C 199 36.76 15.17 -7.25
CA VAL C 199 35.84 14.50 -6.35
C VAL C 199 34.43 14.45 -6.96
N GLU C 200 33.90 13.24 -7.04
CA GLU C 200 32.51 13.02 -7.42
C GLU C 200 31.95 11.87 -6.60
N GLU C 201 30.62 11.78 -6.62
CA GLU C 201 29.85 10.67 -6.08
C GLU C 201 30.34 10.08 -4.75
N CYS C 202 30.44 10.92 -3.73
CA CYS C 202 31.07 10.48 -2.50
C CYS C 202 30.23 9.52 -1.69
N SER C 203 30.81 8.39 -1.34
CA SER C 203 30.17 7.45 -0.45
C SER C 203 30.61 7.76 0.95
N CYS C 204 29.77 8.48 1.68
CA CYS C 204 30.14 8.93 3.00
C CYS C 204 29.59 8.02 4.07
N TYR C 205 30.28 7.98 5.21
CA TYR C 205 29.80 7.33 6.41
C TYR C 205 30.23 8.06 7.65
N PRO C 206 29.48 7.90 8.76
CA PRO C 206 29.89 8.52 9.99
C PRO C 206 31.16 7.88 10.59
N ARG C 207 31.97 8.71 11.26
CA ARG C 207 33.16 8.25 11.96
C ARG C 207 33.35 9.20 13.13
N TYR C 208 32.53 8.99 14.14
CA TYR C 208 32.42 9.95 15.21
C TYR C 208 33.79 10.42 15.65
N PRO C 209 34.02 11.74 15.71
CA PRO C 209 32.98 12.76 15.55
C PRO C 209 32.84 13.32 14.14
N GLY C 210 33.43 12.68 13.16
CA GLY C 210 33.40 13.24 11.82
C GLY C 210 32.56 12.44 10.88
N VAL C 211 32.83 12.64 9.60
CA VAL C 211 32.23 11.93 8.50
C VAL C 211 33.40 11.72 7.57
N ARG C 212 33.44 10.58 6.89
CA ARG C 212 34.49 10.29 5.91
C ARG C 212 33.86 9.78 4.62
N CYS C 213 34.44 10.17 3.50
CA CYS C 213 33.88 9.83 2.21
C CYS C 213 34.93 9.18 1.32
N VAL C 214 34.53 8.15 0.61
CA VAL C 214 35.37 7.57 -0.42
C VAL C 214 34.67 7.89 -1.73
N CYS C 215 35.36 8.60 -2.62
CA CYS C 215 34.70 9.16 -3.80
C CYS C 215 35.17 8.58 -5.09
N ARG C 216 34.92 9.34 -6.15
CA ARG C 216 35.29 8.97 -7.52
C ARG C 216 36.03 10.14 -8.13
N ASP C 217 37.29 9.89 -8.51
CA ASP C 217 38.10 10.81 -9.29
C ASP C 217 37.92 10.46 -10.76
N ASN C 218 37.26 11.35 -11.51
CA ASN C 218 36.91 11.05 -12.90
C ASN C 218 37.98 11.51 -13.90
N TRP C 219 39.05 12.10 -13.36
CA TRP C 219 40.04 12.88 -14.13
C TRP C 219 41.37 12.15 -14.31
N LYS C 220 42.16 12.08 -13.24
CA LYS C 220 43.51 11.50 -13.33
C LYS C 220 43.69 10.22 -12.51
N GLY C 221 42.81 9.99 -11.52
CA GLY C 221 43.01 8.94 -10.53
C GLY C 221 42.13 7.73 -10.64
N SER C 222 42.77 6.55 -10.62
CA SER C 222 42.05 5.28 -10.50
C SER C 222 42.10 4.77 -9.06
N ASN C 223 42.87 5.43 -8.18
CA ASN C 223 42.58 5.37 -6.74
C ASN C 223 41.36 6.22 -6.40
N ARG C 224 40.92 6.16 -5.15
CA ARG C 224 39.69 6.81 -4.76
C ARG C 224 40.03 7.93 -3.82
N PRO C 225 39.45 9.11 -4.07
CA PRO C 225 39.68 10.17 -3.11
C PRO C 225 38.98 9.84 -1.81
N ILE C 226 39.62 10.19 -0.70
CA ILE C 226 38.98 10.27 0.59
C ILE C 226 38.79 11.75 0.87
N VAL C 227 37.60 12.13 1.32
CA VAL C 227 37.34 13.45 1.84
C VAL C 227 36.90 13.28 3.30
N ASP C 228 37.61 13.93 4.23
CA ASP C 228 37.24 13.91 5.64
C ASP C 228 36.51 15.18 5.97
N ILE C 229 35.27 15.07 6.43
CA ILE C 229 34.54 16.25 6.87
C ILE C 229 34.57 16.38 8.40
N ASN C 230 34.81 17.59 8.87
CA ASN C 230 34.66 17.89 10.30
C ASN C 230 33.34 18.61 10.58
N ILE C 231 32.45 17.96 11.29
CA ILE C 231 31.10 18.47 11.46
C ILE C 231 31.04 19.73 12.33
N LYS C 232 31.99 19.90 13.24
CA LYS C 232 31.86 20.96 14.24
C LYS C 232 32.45 22.32 13.83
N ASP C 233 33.64 22.30 13.23
CA ASP C 233 34.29 23.53 12.78
C ASP C 233 34.32 23.62 11.24
N HIS C 234 33.59 22.71 10.59
CA HIS C 234 33.38 22.72 9.13
C HIS C 234 34.63 22.61 8.26
N SER C 235 35.75 22.15 8.84
CA SER C 235 36.97 22.00 8.05
C SER C 235 37.00 20.71 7.22
N ILE C 236 37.81 20.75 6.17
CA ILE C 236 37.87 19.68 5.19
C ILE C 236 39.34 19.36 4.86
N VAL C 237 39.74 18.12 5.03
CA VAL C 237 41.01 17.65 4.47
C VAL C 237 40.68 16.58 3.42
N SER C 238 41.60 16.32 2.50
CA SER C 238 41.36 15.25 1.55
C SER C 238 42.65 14.61 1.08
N SER C 239 42.53 13.40 0.55
CA SER C 239 43.66 12.62 0.06
C SER C 239 43.13 11.51 -0.84
N TYR C 240 43.87 10.41 -0.91
CA TYR C 240 43.43 9.24 -1.63
C TYR C 240 43.57 7.99 -0.75
N VAL C 241 42.83 6.94 -1.11
CA VAL C 241 42.95 5.62 -0.48
C VAL C 241 44.29 5.01 -0.86
N CYS C 242 45.12 4.76 0.15
CA CYS C 242 46.50 4.30 -0.06
C CYS C 242 46.69 2.96 -0.78
N SER C 243 45.88 1.94 -0.47
CA SER C 243 45.97 0.59 -1.07
C SER C 243 46.46 0.51 -2.53
N GLY C 244 47.27 -0.51 -2.82
CA GLY C 244 47.80 -0.75 -4.17
C GLY C 244 46.83 -1.40 -5.14
N LEU C 245 45.90 -2.21 -4.63
CA LEU C 245 44.73 -2.63 -5.42
C LEU C 245 43.69 -1.52 -5.30
N VAL C 246 43.44 -0.82 -6.40
CA VAL C 246 42.76 0.46 -6.35
C VAL C 246 41.27 0.30 -6.66
N GLY C 247 40.47 1.28 -6.22
CA GLY C 247 38.99 1.17 -6.22
C GLY C 247 38.23 1.42 -7.52
N ASP C 248 38.81 2.23 -8.40
CA ASP C 248 38.06 2.75 -9.53
C ASP C 248 37.93 1.75 -10.68
N THR C 249 37.08 2.08 -11.65
CA THR C 249 36.99 1.40 -12.93
C THR C 249 36.75 2.52 -13.92
N PRO C 250 37.53 2.57 -15.02
CA PRO C 250 38.61 1.64 -15.36
C PRO C 250 39.86 1.81 -14.48
N ARG C 251 40.76 0.85 -14.59
CA ARG C 251 41.99 0.75 -13.82
C ARG C 251 42.82 -0.31 -14.50
N LYS C 252 44.05 -0.51 -14.03
CA LYS C 252 44.89 -1.59 -14.54
C LYS C 252 44.88 -2.79 -13.60
N ASN C 253 45.36 -3.94 -14.09
CA ASN C 253 45.40 -5.15 -13.28
C ASN C 253 46.22 -5.03 -12.00
N ASP C 254 46.05 -5.97 -11.09
CA ASP C 254 46.69 -5.92 -9.76
C ASP C 254 48.22 -5.88 -9.83
N SER C 255 48.81 -6.49 -10.86
CA SER C 255 50.26 -6.53 -11.00
C SER C 255 50.89 -5.18 -11.37
N SER C 256 50.17 -4.38 -12.17
CA SER C 256 50.69 -3.13 -12.74
C SER C 256 50.28 -1.88 -11.96
N SER C 257 49.10 -1.94 -11.35
CA SER C 257 48.56 -0.83 -10.60
C SER C 257 49.46 -0.37 -9.45
N SER C 258 49.47 0.93 -9.19
CA SER C 258 50.07 1.47 -7.99
C SER C 258 49.18 2.61 -7.51
N SER C 259 49.50 3.14 -6.33
CA SER C 259 48.69 4.16 -5.71
C SER C 259 49.59 5.27 -5.20
N HIS C 260 49.06 6.06 -4.26
CA HIS C 260 49.72 7.18 -3.62
C HIS C 260 48.71 7.75 -2.63
N CYS C 261 49.14 8.03 -1.40
CA CYS C 261 48.24 8.53 -0.37
C CYS C 261 47.76 9.97 -0.55
N LEU C 262 48.27 10.70 -1.54
CA LEU C 262 47.94 12.15 -1.66
C LEU C 262 47.59 12.61 -3.07
N ASP C 263 48.01 11.86 -4.08
CA ASP C 263 47.81 12.25 -5.49
C ASP C 263 47.08 11.19 -6.29
N PRO C 264 46.44 11.61 -7.40
CA PRO C 264 45.93 10.62 -8.33
C PRO C 264 47.05 9.75 -8.85
N ASN C 265 46.78 8.48 -9.10
CA ASN C 265 47.82 7.57 -9.60
C ASN C 265 48.22 7.82 -11.07
N ASN C 266 47.42 8.61 -11.79
CA ASN C 266 47.61 8.81 -13.23
C ASN C 266 47.63 7.55 -14.06
N GLU C 267 47.11 6.45 -13.50
CA GLU C 267 47.05 5.20 -14.25
C GLU C 267 45.62 4.93 -14.71
N GLU C 268 45.36 5.19 -16.00
CA GLU C 268 44.02 5.00 -16.61
C GLU C 268 42.90 5.72 -15.85
N GLY C 269 43.24 6.83 -15.20
CA GLY C 269 42.35 7.49 -14.24
C GLY C 269 41.09 8.13 -14.81
N GLY C 270 41.15 8.57 -16.07
CA GLY C 270 39.99 9.18 -16.73
C GLY C 270 38.79 8.27 -16.74
N HIS C 271 37.60 8.85 -16.55
CA HIS C 271 36.35 8.10 -16.38
C HIS C 271 36.43 7.34 -15.05
N GLY C 272 35.30 6.80 -14.61
CA GLY C 272 35.23 6.22 -13.27
C GLY C 272 33.97 5.44 -13.01
N VAL C 273 33.68 5.24 -11.73
CA VAL C 273 32.46 4.60 -11.28
C VAL C 273 32.30 4.90 -9.79
N LYS C 274 31.06 5.13 -9.34
CA LYS C 274 30.82 5.30 -7.93
C LYS C 274 31.20 3.98 -7.27
N GLY C 275 31.91 4.07 -6.15
CA GLY C 275 32.34 2.92 -5.39
C GLY C 275 32.52 3.38 -3.96
N TRP C 276 33.03 2.49 -3.11
CA TRP C 276 33.09 2.79 -1.68
C TRP C 276 34.30 2.10 -1.08
N ALA C 277 34.71 2.55 0.10
CA ALA C 277 35.74 1.93 0.90
C ALA C 277 35.62 2.45 2.34
N PHE C 278 36.20 1.71 3.30
CA PHE C 278 36.22 2.17 4.68
C PHE C 278 37.38 1.59 5.51
N ASP C 279 37.94 2.43 6.39
CA ASP C 279 39.09 2.05 7.20
C ASP C 279 38.73 1.09 8.33
N ASP C 280 39.64 0.14 8.57
CA ASP C 280 39.57 -0.79 9.68
C ASP C 280 40.97 -0.77 10.23
N GLY C 281 41.17 -0.07 11.35
CA GLY C 281 42.51 0.26 11.83
C GLY C 281 43.30 0.90 10.70
N ASN C 282 44.42 0.26 10.34
CA ASN C 282 45.23 0.67 9.19
C ASN C 282 44.96 -0.20 7.97
N ASP C 283 43.90 -1.00 8.04
CA ASP C 283 43.47 -1.81 6.88
C ASP C 283 42.28 -1.17 6.13
N VAL C 284 42.02 -1.68 4.93
CA VAL C 284 40.98 -1.10 4.10
C VAL C 284 39.99 -2.17 3.65
N TRP C 285 38.72 -1.95 3.96
CA TRP C 285 37.64 -2.71 3.33
C TRP C 285 37.16 -1.94 2.13
N MET C 286 36.92 -2.65 1.04
CA MET C 286 36.51 -2.01 -0.21
C MET C 286 35.93 -3.02 -1.15
N GLY C 287 35.10 -2.54 -2.08
CA GLY C 287 34.64 -3.36 -3.17
C GLY C 287 34.95 -2.70 -4.48
N ARG C 288 34.81 -3.44 -5.58
CA ARG C 288 35.09 -2.92 -6.91
C ARG C 288 34.62 -3.90 -8.00
N THR C 289 34.61 -3.44 -9.25
CA THR C 289 34.27 -4.34 -10.35
C THR C 289 35.39 -5.32 -10.59
N ILE C 290 35.05 -6.48 -11.15
CA ILE C 290 36.04 -7.51 -11.38
C ILE C 290 36.81 -7.18 -12.67
N ASN C 291 36.09 -6.89 -13.75
CA ASN C 291 36.69 -6.47 -15.03
C ASN C 291 37.34 -5.11 -14.79
N GLU C 292 38.53 -4.89 -15.35
CA GLU C 292 39.32 -3.70 -15.00
C GLU C 292 38.87 -2.44 -15.71
N THR C 293 38.24 -2.63 -16.88
CA THR C 293 37.90 -1.53 -17.78
C THR C 293 36.38 -1.28 -17.87
N SER C 294 35.60 -2.36 -18.03
CA SER C 294 34.14 -2.27 -18.08
C SER C 294 33.50 -2.82 -16.82
N ARG C 295 32.32 -2.31 -16.50
CA ARG C 295 31.63 -2.58 -15.23
C ARG C 295 30.97 -3.97 -15.13
N LEU C 296 31.77 -5.02 -15.32
CA LEU C 296 31.33 -6.40 -15.13
C LEU C 296 31.86 -6.95 -13.79
N GLY C 297 31.02 -7.76 -13.13
CA GLY C 297 31.39 -8.45 -11.89
C GLY C 297 31.49 -7.48 -10.75
N TYR C 298 31.49 -7.98 -9.53
CA TYR C 298 31.74 -7.16 -8.36
C TYR C 298 32.32 -8.02 -7.26
N GLU C 299 33.27 -7.46 -6.52
CA GLU C 299 34.00 -8.20 -5.50
C GLU C 299 34.32 -7.27 -4.35
N THR C 300 34.59 -7.85 -3.19
CA THR C 300 34.91 -7.11 -1.99
C THR C 300 36.07 -7.80 -1.29
N PHE C 301 36.95 -6.99 -0.67
CA PHE C 301 38.08 -7.55 0.08
C PHE C 301 38.69 -6.61 1.11
N LYS C 302 39.43 -7.20 2.04
CA LYS C 302 40.31 -6.45 2.94
C LYS C 302 41.73 -6.41 2.37
N VAL C 303 42.29 -5.21 2.29
CA VAL C 303 43.70 -5.04 1.99
C VAL C 303 44.40 -4.79 3.30
N ILE C 304 45.45 -5.58 3.55
CA ILE C 304 46.20 -5.44 4.80
C ILE C 304 47.15 -4.26 4.68
N GLU C 305 46.97 -3.28 5.57
CA GLU C 305 47.70 -2.00 5.51
C GLU C 305 47.28 -1.13 4.32
N GLY C 306 46.14 -1.46 3.72
CA GLY C 306 45.63 -0.69 2.61
C GLY C 306 45.22 0.73 2.97
N TRP C 307 44.96 0.98 4.25
CA TRP C 307 44.57 2.33 4.61
C TRP C 307 45.73 3.32 4.69
N SER C 308 46.96 2.82 4.82
CA SER C 308 48.09 3.69 5.13
C SER C 308 49.33 3.45 4.29
N ASN C 309 49.47 2.23 3.79
CA ASN C 309 50.66 1.81 3.10
C ASN C 309 50.38 1.60 1.62
N PRO C 310 50.73 2.61 0.79
CA PRO C 310 50.39 2.59 -0.64
C PRO C 310 51.13 1.55 -1.48
N LYS C 311 51.96 0.74 -0.84
CA LYS C 311 52.72 -0.30 -1.54
C LYS C 311 52.02 -1.64 -1.36
N SER C 312 51.10 -1.70 -0.40
CA SER C 312 50.45 -2.94 -0.05
C SER C 312 49.50 -3.42 -1.12
N LYS C 313 49.60 -4.70 -1.45
CA LYS C 313 48.72 -5.36 -2.41
C LYS C 313 48.26 -6.69 -1.83
N LEU C 314 48.13 -6.73 -0.51
CA LEU C 314 47.89 -7.98 0.20
C LEU C 314 46.42 -8.13 0.63
N GLN C 315 45.61 -8.77 -0.22
CA GLN C 315 44.19 -8.94 0.08
C GLN C 315 43.90 -10.22 0.86
N ILE C 316 43.11 -10.07 1.92
CA ILE C 316 42.50 -11.21 2.57
C ILE C 316 40.98 -11.03 2.63
N ASN C 317 40.26 -12.12 2.36
CA ASN C 317 38.80 -12.20 2.52
C ASN C 317 37.94 -11.91 1.29
N ARG C 318 38.48 -12.12 0.09
CA ARG C 318 37.70 -11.88 -1.12
C ARG C 318 36.35 -12.59 -1.12
N GLN C 319 35.30 -11.85 -1.50
CA GLN C 319 33.99 -12.42 -1.76
C GLN C 319 33.56 -11.97 -3.15
N VAL C 320 33.22 -12.92 -4.01
CA VAL C 320 32.48 -12.55 -5.21
C VAL C 320 31.09 -12.15 -4.71
N ILE C 321 30.56 -11.05 -5.23
CA ILE C 321 29.20 -10.61 -4.93
C ILE C 321 28.40 -10.89 -6.17
N VAL C 322 28.88 -10.35 -7.27
CA VAL C 322 28.37 -10.65 -8.60
C VAL C 322 29.58 -11.20 -9.35
N ASP C 323 29.41 -12.36 -9.99
CA ASP C 323 30.50 -13.03 -10.68
C ASP C 323 30.96 -12.22 -11.89
N ARG C 324 32.15 -12.57 -12.42
CA ARG C 324 32.84 -11.76 -13.44
C ARG C 324 32.09 -11.60 -14.73
N GLY C 325 31.21 -12.55 -15.04
CA GLY C 325 30.50 -12.56 -16.32
C GLY C 325 29.18 -11.81 -16.31
N ASN C 326 28.82 -11.24 -15.17
CA ASN C 326 27.56 -10.51 -15.03
C ASN C 326 27.75 -9.03 -14.77
N ARG C 327 26.83 -8.23 -15.31
CA ARG C 327 26.93 -6.78 -15.23
C ARG C 327 26.80 -6.28 -13.80
N SER C 328 27.61 -5.30 -13.42
CA SER C 328 27.37 -4.55 -12.18
C SER C 328 27.11 -3.07 -12.49
N GLY C 329 27.63 -2.17 -11.66
CA GLY C 329 27.43 -0.74 -11.87
C GLY C 329 27.89 -0.02 -10.63
N TYR C 330 27.26 1.12 -10.32
CA TYR C 330 27.54 1.91 -9.11
C TYR C 330 27.44 1.05 -7.88
N SER C 331 28.05 1.51 -6.79
CA SER C 331 27.90 0.86 -5.50
C SER C 331 28.26 1.85 -4.40
N GLY C 332 27.64 1.71 -3.25
CA GLY C 332 27.84 2.71 -2.23
C GLY C 332 27.72 2.08 -0.87
N ILE C 333 28.21 2.80 0.11
CA ILE C 333 28.16 2.34 1.47
C ILE C 333 26.90 2.91 2.11
N PHE C 334 26.42 2.26 3.16
CA PHE C 334 25.56 2.91 4.18
C PHE C 334 25.84 2.27 5.50
N SER C 335 25.41 2.93 6.57
CA SER C 335 25.74 2.52 7.92
C SER C 335 24.45 2.26 8.69
N VAL C 336 24.52 1.36 9.66
CA VAL C 336 23.37 0.89 10.42
C VAL C 336 23.83 0.73 11.85
N GLU C 337 23.09 1.34 12.77
CA GLU C 337 23.45 1.37 14.18
C GLU C 337 22.85 0.22 14.97
N GLY C 338 23.71 -0.58 15.59
CA GLY C 338 23.30 -1.66 16.46
C GLY C 338 23.32 -1.26 17.93
N LYS C 339 23.12 -2.26 18.79
CA LYS C 339 23.05 -2.08 20.23
C LYS C 339 24.39 -1.53 20.71
N SER C 340 25.47 -2.09 20.15
CA SER C 340 26.83 -1.84 20.64
C SER C 340 27.66 -0.96 19.73
N CYS C 341 27.41 -1.07 18.43
CA CYS C 341 28.33 -0.53 17.44
C CYS C 341 27.65 -0.13 16.12
N ILE C 342 28.41 0.50 15.23
CA ILE C 342 27.88 0.89 13.93
C ILE C 342 28.32 -0.11 12.86
N ASN C 343 27.36 -0.72 12.18
CA ASN C 343 27.69 -1.62 11.10
C ASN C 343 27.86 -0.85 9.78
N ARG C 344 28.57 -1.45 8.82
CA ARG C 344 28.71 -0.88 7.48
C ARG C 344 28.15 -1.84 6.46
N CYS C 345 27.31 -1.33 5.57
CA CYS C 345 26.71 -2.13 4.51
C CYS C 345 26.96 -1.49 3.14
N PHE C 346 26.60 -2.19 2.07
CA PHE C 346 26.79 -1.65 0.74
C PHE C 346 25.82 -2.28 -0.22
N TYR C 347 25.42 -1.53 -1.25
CA TYR C 347 24.51 -2.04 -2.28
C TYR C 347 25.31 -2.08 -3.58
N VAL C 348 24.76 -2.73 -4.61
CA VAL C 348 25.37 -2.77 -5.93
C VAL C 348 24.32 -2.55 -7.02
N GLU C 349 24.56 -1.56 -7.87
CA GLU C 349 23.68 -1.34 -9.01
C GLU C 349 24.00 -2.38 -10.06
N LEU C 350 22.98 -3.12 -10.48
CA LEU C 350 23.13 -4.10 -11.52
C LEU C 350 22.50 -3.56 -12.80
N ILE C 351 23.29 -2.78 -13.54
CA ILE C 351 22.81 -2.10 -14.74
C ILE C 351 22.56 -3.10 -15.86
N ARG C 352 21.38 -3.02 -16.47
CA ARG C 352 21.02 -3.79 -17.65
C ARG C 352 20.49 -2.84 -18.70
N GLY C 353 20.62 -3.26 -19.96
CA GLY C 353 20.19 -2.45 -21.10
C GLY C 353 21.31 -1.78 -21.89
N ARG C 354 21.01 -0.59 -22.41
CA ARG C 354 21.92 0.17 -23.25
C ARG C 354 23.00 0.87 -22.41
N LYS C 355 24.13 1.23 -23.01
CA LYS C 355 24.40 1.03 -24.44
C LYS C 355 25.10 -0.31 -24.71
N GLU C 356 25.48 -0.99 -23.65
CA GLU C 356 26.27 -2.21 -23.69
C GLU C 356 25.49 -3.41 -24.27
N GLU C 357 24.20 -3.50 -23.99
CA GLU C 357 23.37 -4.60 -24.49
C GLU C 357 22.28 -4.02 -25.37
N THR C 358 22.13 -4.59 -26.57
CA THR C 358 21.33 -3.95 -27.63
C THR C 358 20.04 -4.68 -27.95
N GLU C 359 19.87 -5.85 -27.35
CA GLU C 359 18.64 -6.65 -27.48
C GLU C 359 17.39 -5.86 -27.09
N VAL C 360 17.59 -4.82 -26.29
CA VAL C 360 16.53 -3.97 -25.75
C VAL C 360 16.83 -2.50 -26.03
N LEU C 361 15.84 -1.63 -25.81
CA LEU C 361 16.04 -0.21 -26.06
C LEU C 361 16.17 0.61 -24.76
N TRP C 362 15.91 -0.04 -23.64
CA TRP C 362 15.92 0.66 -22.35
C TRP C 362 17.26 0.48 -21.60
N THR C 363 17.51 1.35 -20.66
CA THR C 363 18.57 1.17 -19.68
C THR C 363 17.90 1.20 -18.35
N SER C 364 18.13 0.18 -17.53
CA SER C 364 17.57 0.11 -16.18
C SER C 364 18.54 -0.61 -15.26
N ASN C 365 18.21 -0.69 -13.97
CA ASN C 365 18.98 -1.52 -13.04
C ASN C 365 18.12 -2.37 -12.11
N SER C 366 18.80 -3.24 -11.36
CA SER C 366 18.25 -3.86 -10.16
C SER C 366 19.31 -3.70 -9.06
N ILE C 367 19.07 -4.27 -7.88
CA ILE C 367 20.07 -4.18 -6.82
C ILE C 367 20.27 -5.42 -5.94
N VAL C 368 21.40 -5.43 -5.26
CA VAL C 368 21.73 -6.42 -4.27
C VAL C 368 22.42 -5.67 -3.12
N VAL C 369 22.14 -6.07 -1.88
CA VAL C 369 22.66 -5.36 -0.72
C VAL C 369 23.35 -6.40 0.13
N PHE C 370 24.53 -6.06 0.64
CA PHE C 370 25.19 -6.93 1.56
C PHE C 370 25.51 -6.11 2.79
N CYS C 371 25.55 -6.77 3.93
CA CYS C 371 25.84 -6.08 5.18
C CYS C 371 27.02 -6.68 5.92
N GLY C 372 27.64 -5.86 6.76
CA GLY C 372 28.79 -6.28 7.57
C GLY C 372 28.35 -7.34 8.54
N THR C 373 29.25 -8.28 8.83
CA THR C 373 28.99 -9.36 9.78
C THR C 373 30.27 -9.58 10.57
N SER C 374 30.13 -9.87 11.86
CA SER C 374 31.27 -10.36 12.63
C SER C 374 31.24 -11.89 12.69
N GLY C 375 30.15 -12.50 12.22
CA GLY C 375 30.05 -13.97 12.10
C GLY C 375 30.74 -14.54 10.88
N THR C 376 30.35 -15.74 10.47
CA THR C 376 30.94 -16.39 9.30
C THR C 376 30.05 -16.35 8.06
N TYR C 377 30.56 -16.80 6.92
CA TYR C 377 29.83 -16.78 5.63
C TYR C 377 30.55 -17.63 4.60
N GLY C 378 29.89 -17.85 3.46
CA GLY C 378 30.36 -18.73 2.40
C GLY C 378 30.53 -18.03 1.08
N THR C 379 30.14 -18.71 0.01
CA THR C 379 30.25 -18.12 -1.33
C THR C 379 28.94 -18.24 -2.09
N GLY C 380 28.90 -17.56 -3.23
CA GLY C 380 27.74 -17.49 -4.08
C GLY C 380 27.91 -16.29 -4.98
N SER C 381 27.06 -16.22 -6.01
CA SER C 381 26.99 -15.06 -6.89
C SER C 381 25.52 -14.72 -7.13
N TRP C 382 25.19 -13.43 -6.95
CA TRP C 382 23.81 -12.94 -7.03
C TRP C 382 23.70 -11.85 -8.08
N PRO C 383 23.64 -12.26 -9.36
CA PRO C 383 23.57 -11.27 -10.42
C PRO C 383 22.15 -10.73 -10.58
N ASP C 384 21.88 -10.11 -11.72
CA ASP C 384 20.54 -9.63 -12.01
C ASP C 384 19.65 -10.77 -12.51
N GLY C 385 20.21 -11.60 -13.40
CA GLY C 385 19.52 -12.80 -13.86
C GLY C 385 18.29 -12.64 -14.74
N ALA C 386 18.15 -11.49 -15.39
CA ALA C 386 17.12 -11.39 -16.42
C ALA C 386 17.67 -11.94 -17.72
N ASP C 387 16.81 -12.60 -18.49
CA ASP C 387 17.13 -12.92 -19.87
C ASP C 387 16.60 -11.81 -20.73
N LEU C 388 17.52 -11.02 -21.29
CA LEU C 388 17.15 -9.91 -22.16
C LEU C 388 16.64 -10.33 -23.53
N ASN C 389 16.93 -11.57 -23.95
CA ASN C 389 16.44 -12.09 -25.24
C ASN C 389 14.94 -12.25 -25.24
N LEU C 390 14.37 -12.27 -24.04
CA LEU C 390 12.98 -12.65 -23.87
C LEU C 390 12.10 -11.48 -23.38
N MET C 391 12.70 -10.29 -23.28
CA MET C 391 12.02 -9.10 -22.77
C MET C 391 11.25 -8.32 -23.87
N PRO C 392 10.31 -7.42 -23.44
CA PRO C 392 9.51 -6.44 -24.20
C PRO C 392 10.16 -5.86 -25.48
N ILE C 393 9.43 -5.95 -26.60
CA ILE C 393 9.92 -5.47 -27.90
C ILE C 393 9.90 -3.93 -28.03
N ALA D 6 -2.28 17.61 19.84
CA ALA D 6 -2.80 17.87 18.46
C ALA D 6 -3.76 19.06 18.51
N GLU D 7 -3.25 20.23 18.15
CA GLU D 7 -4.01 21.49 18.23
C GLU D 7 -4.40 21.94 16.83
N TYR D 8 -5.35 22.87 16.76
CA TYR D 8 -5.80 23.47 15.52
C TYR D 8 -4.73 24.37 14.92
N ARG D 9 -4.66 24.42 13.60
CA ARG D 9 -3.75 25.32 12.90
C ARG D 9 -4.25 26.76 12.97
N ASN D 10 -3.35 27.64 13.38
CA ASN D 10 -3.67 29.06 13.50
C ASN D 10 -3.05 29.85 12.36
N TRP D 11 -1.99 29.27 11.77
CA TRP D 11 -1.17 29.92 10.73
C TRP D 11 -0.63 31.31 11.12
N SER D 12 -0.34 31.51 12.40
CA SER D 12 0.00 32.82 12.92
C SER D 12 1.50 33.06 12.95
N LYS D 13 2.14 32.85 11.81
CA LYS D 13 3.55 33.16 11.66
C LYS D 13 3.70 34.07 10.45
N PRO D 14 4.78 34.87 10.40
CA PRO D 14 5.03 35.70 9.23
C PRO D 14 5.17 34.88 7.95
N GLN D 15 4.86 35.48 6.80
CA GLN D 15 5.13 34.83 5.51
C GLN D 15 6.65 34.75 5.28
N CYS D 16 7.13 33.59 4.82
CA CYS D 16 8.52 33.41 4.44
C CYS D 16 9.00 34.39 3.37
N ASP D 17 10.30 34.75 3.39
CA ASP D 17 10.90 35.53 2.30
C ASP D 17 10.88 34.69 1.04
N ILE D 18 10.65 35.31 -0.11
CA ILE D 18 10.59 34.56 -1.34
C ILE D 18 11.42 35.21 -2.44
N THR D 19 12.32 34.44 -3.02
CA THR D 19 13.17 34.95 -4.05
C THR D 19 12.77 34.29 -5.37
N GLY D 20 11.70 33.49 -5.31
CA GLY D 20 11.25 32.68 -6.44
C GLY D 20 10.98 31.27 -5.98
N PHE D 21 10.93 30.33 -6.90
CA PHE D 21 10.50 28.99 -6.53
C PHE D 21 11.46 27.89 -6.90
N ALA D 22 11.52 26.88 -6.05
CA ALA D 22 12.41 25.72 -6.23
C ALA D 22 11.55 24.50 -6.47
N PRO D 23 12.00 23.60 -7.38
CA PRO D 23 11.30 22.36 -7.73
C PRO D 23 11.02 21.47 -6.52
N PHE D 24 9.84 20.87 -6.51
CA PHE D 24 9.36 20.15 -5.33
C PHE D 24 8.86 18.74 -5.66
N SER D 25 8.02 18.61 -6.69
CA SER D 25 7.43 17.31 -7.00
C SER D 25 6.88 17.25 -8.42
N LYS D 26 6.88 16.05 -8.97
CA LYS D 26 6.39 15.80 -10.30
C LYS D 26 5.91 14.37 -10.31
N ASP D 27 4.77 14.11 -10.95
CA ASP D 27 4.17 12.78 -10.87
C ASP D 27 4.30 11.92 -12.12
N ASN D 28 4.52 12.57 -13.27
CA ASN D 28 4.78 11.84 -14.52
C ASN D 28 3.64 10.91 -14.94
N SER D 29 2.44 11.28 -14.52
CA SER D 29 1.20 10.55 -14.70
C SER D 29 0.91 9.90 -16.09
N ILE D 30 1.10 10.68 -17.17
CA ILE D 30 0.71 10.23 -18.51
C ILE D 30 1.77 9.30 -19.13
N ARG D 31 3.03 9.54 -18.79
CA ARG D 31 4.11 8.69 -19.27
C ARG D 31 3.99 7.34 -18.60
N LEU D 32 3.60 7.35 -17.33
CA LEU D 32 3.43 6.12 -16.57
C LEU D 32 2.23 5.31 -17.09
N SER D 33 1.19 6.00 -17.54
CA SER D 33 -0.02 5.33 -18.08
C SER D 33 0.15 4.58 -19.40
N ALA D 34 1.23 4.88 -20.13
CA ALA D 34 1.48 4.20 -21.41
C ALA D 34 1.93 2.77 -21.13
N GLY D 35 2.21 2.50 -19.85
CA GLY D 35 2.69 1.19 -19.44
C GLY D 35 2.44 0.97 -17.99
N GLY D 36 1.17 1.00 -17.60
CA GLY D 36 0.73 0.85 -16.20
C GLY D 36 -0.70 1.30 -16.08
N ASP D 37 -1.35 1.04 -14.94
CA ASP D 37 -2.75 1.45 -14.74
C ASP D 37 -2.92 2.71 -13.86
N ILE D 38 -3.17 3.83 -14.54
CA ILE D 38 -3.27 5.18 -13.93
C ILE D 38 -4.65 5.81 -14.13
N TRP D 39 -5.17 6.43 -13.08
CA TRP D 39 -6.44 7.15 -13.12
C TRP D 39 -6.41 8.30 -14.10
N VAL D 40 -7.47 8.38 -14.89
CA VAL D 40 -7.76 9.59 -15.65
C VAL D 40 -8.26 10.64 -14.66
N THR D 41 -7.79 11.87 -14.83
CA THR D 41 -7.99 12.93 -13.87
C THR D 41 -8.01 14.29 -14.52
N ARG D 42 -8.66 15.23 -13.86
CA ARG D 42 -8.36 16.63 -14.10
C ARG D 42 -8.55 17.40 -12.78
N GLU D 43 -8.34 18.71 -12.84
CA GLU D 43 -8.62 19.61 -11.72
C GLU D 43 -7.83 19.12 -10.50
N PRO D 44 -6.51 18.93 -10.68
CA PRO D 44 -5.69 18.41 -9.61
C PRO D 44 -5.30 19.50 -8.63
N TYR D 45 -4.82 19.12 -7.47
CA TYR D 45 -4.35 20.09 -6.48
C TYR D 45 -3.63 19.44 -5.30
N VAL D 46 -2.91 20.25 -4.54
CA VAL D 46 -2.06 19.79 -3.46
C VAL D 46 -2.51 20.44 -2.14
N SER D 47 -2.46 19.68 -1.05
CA SER D 47 -2.74 20.19 0.28
C SER D 47 -1.98 19.31 1.28
N CYS D 48 -1.72 19.82 2.48
CA CYS D 48 -0.80 19.17 3.41
C CYS D 48 -1.35 19.17 4.82
N ASP D 49 -1.22 18.03 5.51
CA ASP D 49 -1.45 18.03 6.95
C ASP D 49 -0.18 18.59 7.59
N PRO D 50 -0.11 18.65 8.93
CA PRO D 50 1.08 19.22 9.52
C PRO D 50 2.37 18.47 9.17
N ASP D 51 2.25 17.24 8.70
CA ASP D 51 3.41 16.36 8.40
C ASP D 51 3.81 16.29 6.93
N LYS D 52 2.86 15.99 6.06
CA LYS D 52 3.18 15.75 4.65
C LYS D 52 2.08 16.24 3.73
N CYS D 53 2.42 16.36 2.46
CA CYS D 53 1.52 16.88 1.48
C CYS D 53 0.83 15.77 0.73
N TYR D 54 -0.42 16.02 0.38
CA TYR D 54 -1.19 15.07 -0.39
C TYR D 54 -1.51 15.68 -1.75
N GLN D 55 -1.69 14.81 -2.74
CA GLN D 55 -2.11 15.25 -4.08
C GLN D 55 -3.53 14.76 -4.38
N PHE D 56 -4.29 15.62 -5.07
CA PHE D 56 -5.72 15.43 -5.24
C PHE D 56 -6.08 15.64 -6.69
N ALA D 57 -7.05 14.88 -7.17
CA ALA D 57 -7.59 15.12 -8.50
C ALA D 57 -9.01 14.63 -8.59
N LEU D 58 -9.71 15.07 -9.63
CA LEU D 58 -11.04 14.62 -9.90
C LEU D 58 -10.91 13.51 -10.92
N GLY D 59 -11.17 12.29 -10.47
CA GLY D 59 -11.10 11.14 -11.34
C GLY D 59 -12.25 11.14 -12.33
N GLN D 60 -12.14 10.29 -13.34
CA GLN D 60 -13.20 10.12 -14.30
C GLN D 60 -13.76 8.71 -14.20
N GLY D 61 -13.67 8.13 -13.01
CA GLY D 61 -14.03 6.71 -12.82
C GLY D 61 -13.51 5.74 -13.88
N THR D 62 -12.34 6.03 -14.46
CA THR D 62 -11.66 5.12 -15.37
C THR D 62 -10.15 5.25 -15.25
N THR D 63 -9.41 4.21 -15.63
CA THR D 63 -7.97 4.33 -15.83
C THR D 63 -7.76 4.72 -17.28
N LEU D 64 -6.51 4.86 -17.69
CA LEU D 64 -6.24 5.43 -19.00
C LEU D 64 -6.32 4.39 -20.09
N ASN D 65 -5.54 3.32 -19.97
CA ASN D 65 -5.60 2.25 -20.98
C ASN D 65 -6.82 1.35 -20.77
N ASN D 66 -7.98 1.97 -20.98
CA ASN D 66 -9.29 1.51 -20.52
C ASN D 66 -10.28 2.01 -21.56
N VAL D 67 -11.27 1.21 -21.95
CA VAL D 67 -12.27 1.70 -22.91
C VAL D 67 -13.03 2.92 -22.39
N HIS D 68 -13.25 2.98 -21.07
CA HIS D 68 -14.01 4.08 -20.48
C HIS D 68 -13.30 5.45 -20.54
N SER D 69 -12.13 5.47 -21.14
CA SER D 69 -11.33 6.70 -21.24
C SER D 69 -11.87 7.67 -22.27
N ASN D 70 -12.47 7.12 -23.34
CA ASN D 70 -13.04 7.91 -24.44
C ASN D 70 -14.06 8.90 -23.89
N ASN D 71 -13.86 10.17 -24.23
CA ASN D 71 -14.78 11.25 -23.86
C ASN D 71 -14.60 11.85 -22.46
N THR D 72 -13.46 11.59 -21.84
CA THR D 72 -13.18 12.13 -20.51
C THR D 72 -13.01 13.65 -20.50
N VAL D 73 -13.20 14.27 -21.68
CA VAL D 73 -13.22 15.72 -21.83
C VAL D 73 -14.43 16.31 -21.10
N ARG D 74 -15.57 15.62 -21.18
CA ARG D 74 -16.73 15.96 -20.38
C ARG D 74 -16.26 16.06 -18.94
N GLY D 75 -16.64 17.12 -18.25
CA GLY D 75 -16.15 17.42 -16.90
C GLY D 75 -17.12 17.16 -15.76
N ARG D 76 -18.41 16.96 -16.09
CA ARG D 76 -19.37 16.51 -15.07
C ARG D 76 -20.10 15.22 -15.47
N THR D 77 -19.62 14.11 -14.93
CA THR D 77 -20.30 12.81 -15.00
C THR D 77 -20.54 12.35 -13.55
N PRO D 78 -21.44 11.35 -13.35
CA PRO D 78 -21.66 10.80 -11.99
C PRO D 78 -20.52 9.93 -11.45
N TYR D 79 -19.53 9.62 -12.27
CA TYR D 79 -18.45 8.72 -11.86
C TYR D 79 -17.21 9.44 -11.32
N ARG D 80 -17.24 10.76 -11.34
CA ARG D 80 -16.10 11.52 -10.91
C ARG D 80 -15.99 11.48 -9.40
N THR D 81 -14.80 11.13 -8.95
CA THR D 81 -14.50 10.94 -7.54
C THR D 81 -13.27 11.79 -7.19
N LEU D 82 -13.20 12.29 -5.96
CA LEU D 82 -12.00 12.99 -5.49
C LEU D 82 -10.95 12.02 -4.97
N LEU D 83 -9.87 11.86 -5.74
CA LEU D 83 -8.73 10.99 -5.42
C LEU D 83 -7.75 11.65 -4.44
N MET D 84 -7.11 10.87 -3.58
CA MET D 84 -6.16 11.42 -2.60
C MET D 84 -4.98 10.50 -2.32
N ASN D 85 -3.82 10.88 -2.82
CA ASN D 85 -2.58 10.19 -2.46
C ASN D 85 -1.67 11.07 -1.66
N GLU D 86 -0.64 10.46 -1.09
CA GLU D 86 0.47 11.23 -0.59
C GLU D 86 1.16 11.77 -1.83
N LEU D 87 1.78 12.94 -1.66
CA LEU D 87 2.31 13.69 -2.77
C LEU D 87 3.48 12.96 -3.43
N GLY D 88 3.40 12.79 -4.74
CA GLY D 88 4.44 12.08 -5.48
C GLY D 88 4.10 10.62 -5.75
N VAL D 89 3.00 10.15 -5.16
CA VAL D 89 2.48 8.80 -5.44
C VAL D 89 1.45 8.94 -6.55
N PRO D 90 1.77 8.43 -7.74
CA PRO D 90 0.82 8.61 -8.83
C PRO D 90 -0.50 7.93 -8.50
N PHE D 91 -1.56 8.31 -9.23
CA PHE D 91 -2.87 7.77 -8.93
C PHE D 91 -3.01 6.41 -9.59
N HIS D 92 -2.52 5.40 -8.89
CA HIS D 92 -2.62 3.98 -9.26
C HIS D 92 -3.92 3.41 -8.67
N LEU D 93 -4.17 2.12 -8.92
CA LEU D 93 -5.45 1.50 -8.55
C LEU D 93 -5.77 1.44 -7.06
N GLY D 94 -4.73 1.33 -6.24
CA GLY D 94 -4.91 1.33 -4.81
C GLY D 94 -5.15 2.71 -4.23
N THR D 95 -5.25 3.73 -5.08
CA THR D 95 -5.60 5.10 -4.64
C THR D 95 -7.02 5.20 -4.05
N LYS D 96 -7.14 5.91 -2.93
CA LYS D 96 -8.41 6.12 -2.23
C LYS D 96 -9.30 7.25 -2.77
N GLN D 97 -10.53 6.89 -3.14
CA GLN D 97 -11.54 7.83 -3.61
C GLN D 97 -12.27 8.36 -2.39
N VAL D 98 -12.00 9.61 -2.03
CA VAL D 98 -12.50 10.11 -0.74
C VAL D 98 -13.95 10.58 -0.77
N CYS D 99 -14.50 10.85 -1.95
CA CYS D 99 -15.91 11.26 -2.08
C CYS D 99 -16.38 11.32 -3.54
N ILE D 100 -17.68 11.48 -3.73
CA ILE D 100 -18.22 11.68 -5.07
C ILE D 100 -18.20 13.19 -5.31
N ALA D 101 -17.47 13.58 -6.36
CA ALA D 101 -17.22 14.99 -6.65
C ALA D 101 -16.89 15.17 -8.12
N TRP D 102 -17.66 16.01 -8.83
CA TRP D 102 -17.17 16.60 -10.08
C TRP D 102 -16.61 18.02 -9.87
N SER D 103 -16.53 18.46 -8.61
CA SER D 103 -15.91 19.71 -8.20
C SER D 103 -15.65 19.60 -6.69
N SER D 104 -14.49 20.04 -6.18
CA SER D 104 -14.19 19.89 -4.74
C SER D 104 -13.16 20.83 -4.13
N SER D 105 -12.91 20.63 -2.84
CA SER D 105 -11.91 21.38 -2.07
C SER D 105 -11.59 20.61 -0.79
N SER D 106 -10.39 20.78 -0.25
CA SER D 106 -9.97 20.02 0.94
C SER D 106 -9.01 20.81 1.78
N CYS D 107 -9.04 20.55 3.08
CA CYS D 107 -8.08 21.17 3.98
C CYS D 107 -7.99 20.44 5.30
N HIS D 108 -6.82 20.51 5.89
CA HIS D 108 -6.63 19.91 7.18
C HIS D 108 -6.53 21.06 8.21
N ASP D 109 -7.30 20.95 9.28
CA ASP D 109 -7.30 21.98 10.33
C ASP D 109 -6.27 21.75 11.43
N GLY D 110 -5.42 20.73 11.27
CA GLY D 110 -4.47 20.38 12.32
C GLY D 110 -4.88 19.12 13.07
N LYS D 111 -6.17 18.82 13.07
CA LYS D 111 -6.69 17.60 13.72
C LYS D 111 -7.23 16.64 12.68
N ALA D 112 -8.03 17.14 11.75
CA ALA D 112 -8.57 16.25 10.75
C ALA D 112 -8.73 16.87 9.35
N TRP D 113 -8.90 15.99 8.38
CA TRP D 113 -9.20 16.41 7.03
C TRP D 113 -10.64 16.84 6.92
N LEU D 114 -10.86 17.99 6.27
CA LEU D 114 -12.17 18.37 5.73
C LEU D 114 -12.12 18.20 4.23
N HIS D 115 -13.25 17.76 3.67
CA HIS D 115 -13.43 17.55 2.24
C HIS D 115 -14.78 18.11 1.76
N VAL D 116 -14.77 19.15 0.93
CA VAL D 116 -16.00 19.70 0.36
C VAL D 116 -16.20 19.15 -1.04
N CYS D 117 -17.23 18.33 -1.22
CA CYS D 117 -17.45 17.58 -2.47
C CYS D 117 -18.78 17.87 -3.14
N ILE D 118 -18.77 18.04 -4.46
CA ILE D 118 -19.97 18.43 -5.19
C ILE D 118 -20.25 17.46 -6.31
N THR D 119 -21.43 16.84 -6.27
CA THR D 119 -21.88 15.96 -7.34
C THR D 119 -23.38 16.15 -7.58
N GLY D 120 -23.88 15.50 -8.63
CA GLY D 120 -25.29 15.53 -8.97
C GLY D 120 -25.61 16.23 -10.27
N ASP D 121 -26.90 16.45 -10.49
CA ASP D 121 -27.40 17.14 -11.67
C ASP D 121 -26.92 18.58 -11.73
N ASP D 122 -26.61 19.01 -12.95
CA ASP D 122 -26.22 20.39 -13.24
C ASP D 122 -27.09 21.45 -12.54
N LYS D 123 -28.41 21.26 -12.58
CA LYS D 123 -29.37 22.25 -12.08
C LYS D 123 -29.85 22.00 -10.65
N ASN D 124 -29.25 21.04 -9.96
CA ASN D 124 -29.66 20.70 -8.58
C ASN D 124 -28.60 19.93 -7.80
N ALA D 125 -27.37 20.46 -7.79
CA ALA D 125 -26.21 19.73 -7.28
C ALA D 125 -26.18 19.70 -5.76
N THR D 126 -25.54 18.68 -5.21
CA THR D 126 -25.37 18.57 -3.76
C THR D 126 -23.91 18.72 -3.46
N ALA D 127 -23.61 19.48 -2.41
CA ALA D 127 -22.26 19.63 -1.91
C ALA D 127 -22.20 18.95 -0.56
N SER D 128 -21.26 18.03 -0.41
CA SER D 128 -21.13 17.25 0.82
C SER D 128 -19.90 17.69 1.59
N PHE D 129 -20.02 17.72 2.91
CA PHE D 129 -18.93 18.13 3.79
C PHE D 129 -18.51 16.97 4.67
N ILE D 130 -17.28 16.47 4.45
CA ILE D 130 -16.80 15.27 5.10
C ILE D 130 -15.61 15.66 5.98
N TYR D 131 -15.75 15.44 7.28
CA TYR D 131 -14.71 15.76 8.26
C TYR D 131 -14.35 14.52 9.11
N ASN D 132 -13.04 14.32 9.29
CA ASN D 132 -12.53 13.22 10.14
C ASN D 132 -13.17 11.90 9.76
N GLY D 133 -13.38 11.69 8.46
CA GLY D 133 -13.85 10.42 7.93
C GLY D 133 -15.35 10.13 7.96
N ARG D 134 -16.15 11.19 8.12
CA ARG D 134 -17.60 11.04 8.11
C ARG D 134 -18.27 12.26 7.49
N LEU D 135 -19.47 12.05 6.97
CA LEU D 135 -20.28 13.13 6.43
C LEU D 135 -20.93 13.93 7.55
N VAL D 136 -20.72 15.24 7.58
CA VAL D 136 -21.18 16.04 8.72
C VAL D 136 -22.32 16.99 8.39
N ASP D 137 -22.36 17.43 7.14
CA ASP D 137 -23.34 18.37 6.65
C ASP D 137 -23.42 18.27 5.13
N SER D 138 -24.41 18.94 4.55
CA SER D 138 -24.57 19.04 3.10
C SER D 138 -25.51 20.18 2.76
N VAL D 139 -25.32 20.80 1.59
CA VAL D 139 -26.18 21.89 1.13
C VAL D 139 -26.54 21.78 -0.37
N VAL D 140 -27.77 22.17 -0.71
CA VAL D 140 -28.21 22.27 -2.11
C VAL D 140 -27.61 23.49 -2.77
N SER D 141 -27.51 23.34 -4.09
CA SER D 141 -27.33 24.42 -5.01
C SER D 141 -28.41 25.47 -4.77
N TRP D 142 -28.00 26.74 -4.73
CA TRP D 142 -28.92 27.82 -4.40
C TRP D 142 -29.46 28.49 -5.66
N SER D 143 -28.62 28.60 -6.67
CA SER D 143 -29.04 29.22 -7.92
C SER D 143 -29.37 28.21 -8.99
N LYS D 144 -29.30 26.93 -8.64
CA LYS D 144 -29.64 25.83 -9.57
C LYS D 144 -28.91 25.89 -10.91
N GLU D 145 -27.66 26.35 -10.91
CA GLU D 145 -26.86 26.44 -12.15
C GLU D 145 -25.38 26.12 -11.93
N ILE D 146 -25.07 24.83 -11.87
CA ILE D 146 -23.70 24.28 -11.78
C ILE D 146 -22.93 24.81 -10.57
N LEU D 147 -23.43 24.46 -9.40
CA LEU D 147 -22.74 24.75 -8.14
C LEU D 147 -21.33 24.13 -8.19
N ARG D 148 -20.34 24.91 -7.76
CA ARG D 148 -18.95 24.55 -7.90
C ARG D 148 -18.16 25.29 -6.83
N THR D 149 -16.97 24.78 -6.56
CA THR D 149 -16.08 25.37 -5.56
C THR D 149 -14.66 25.54 -6.11
N GLN D 150 -13.68 25.55 -5.21
CA GLN D 150 -12.35 26.05 -5.48
C GLN D 150 -11.45 25.24 -6.43
N GLU D 151 -11.55 23.92 -6.42
CA GLU D 151 -10.60 23.03 -7.13
C GLU D 151 -9.15 23.15 -6.64
N SER D 152 -8.99 23.61 -5.39
CA SER D 152 -7.71 23.70 -4.68
C SER D 152 -8.00 23.79 -3.19
N GLU D 153 -6.99 23.87 -2.34
CA GLU D 153 -7.20 23.74 -0.88
C GLU D 153 -8.06 24.82 -0.23
N CYS D 154 -8.83 24.41 0.76
CA CYS D 154 -9.52 25.36 1.62
C CYS D 154 -8.56 25.74 2.74
N VAL D 155 -8.98 26.63 3.63
CA VAL D 155 -8.08 27.14 4.66
C VAL D 155 -8.78 27.16 6.03
N CYS D 156 -8.10 26.64 7.06
CA CYS D 156 -8.70 26.57 8.39
C CYS D 156 -7.86 27.31 9.41
N ILE D 157 -8.52 28.13 10.24
CA ILE D 157 -7.84 28.97 11.22
C ILE D 157 -8.55 28.83 12.57
N ASN D 158 -7.80 28.42 13.59
CA ASN D 158 -8.35 28.18 14.94
C ASN D 158 -9.54 27.23 15.01
N GLY D 159 -9.70 26.40 14.00
CA GLY D 159 -10.80 25.43 13.98
C GLY D 159 -11.84 25.69 12.93
N THR D 160 -11.87 26.91 12.39
CA THR D 160 -12.86 27.29 11.39
C THR D 160 -12.32 27.23 9.96
N CYS D 161 -12.98 26.49 9.10
CA CYS D 161 -12.54 26.36 7.70
C CYS D 161 -13.38 27.18 6.78
N THR D 162 -12.74 27.82 5.83
CA THR D 162 -13.45 28.66 4.92
C THR D 162 -13.37 28.06 3.54
N VAL D 163 -14.43 28.19 2.77
CA VAL D 163 -14.47 27.73 1.38
C VAL D 163 -15.39 28.67 0.58
N VAL D 164 -15.01 28.92 -0.67
CA VAL D 164 -15.75 29.84 -1.51
C VAL D 164 -16.42 29.00 -2.55
N MET D 165 -17.75 29.13 -2.64
CA MET D 165 -18.53 28.40 -3.62
C MET D 165 -19.33 29.37 -4.47
N THR D 166 -19.63 28.95 -5.68
CA THR D 166 -20.31 29.78 -6.63
C THR D 166 -21.37 28.96 -7.35
N ASP D 167 -22.60 29.46 -7.32
CA ASP D 167 -23.67 28.90 -8.13
C ASP D 167 -24.16 29.98 -9.09
N GLY D 168 -24.39 29.62 -10.34
CA GLY D 168 -24.88 30.58 -11.32
C GLY D 168 -24.10 30.61 -12.63
N SER D 169 -24.38 31.64 -13.45
CA SER D 169 -23.83 31.76 -14.79
C SER D 169 -22.31 31.84 -14.88
N ALA D 170 -21.77 31.29 -15.96
CA ALA D 170 -20.34 31.28 -16.19
C ALA D 170 -19.95 32.49 -17.03
N SER D 171 -20.89 33.43 -17.18
CA SER D 171 -20.71 34.55 -18.09
C SER D 171 -21.72 35.65 -17.86
N GLY D 172 -22.12 35.81 -16.60
CA GLY D 172 -22.96 36.92 -16.15
C GLY D 172 -22.90 36.92 -14.65
N LYS D 173 -23.58 37.85 -13.98
CA LYS D 173 -23.62 37.80 -12.53
C LYS D 173 -24.10 36.41 -12.12
N ALA D 174 -23.29 35.75 -11.30
CA ALA D 174 -23.59 34.46 -10.68
C ALA D 174 -23.56 34.72 -9.17
N ASP D 175 -24.00 33.74 -8.36
CA ASP D 175 -24.07 33.94 -6.91
C ASP D 175 -22.99 33.16 -6.15
N THR D 176 -22.11 33.91 -5.49
CA THR D 176 -20.95 33.38 -4.80
C THR D 176 -21.09 33.51 -3.28
N LYS D 177 -20.77 32.43 -2.56
CA LYS D 177 -20.87 32.44 -1.11
C LYS D 177 -19.59 31.96 -0.44
N ILE D 178 -19.41 32.38 0.81
CA ILE D 178 -18.28 31.92 1.61
C ILE D 178 -18.87 31.22 2.80
N LEU D 179 -18.54 29.94 2.89
CA LEU D 179 -19.03 29.11 3.96
C LEU D 179 -17.95 28.98 5.01
N PHE D 180 -18.36 28.98 6.26
CA PHE D 180 -17.44 28.73 7.35
C PHE D 180 -17.82 27.43 8.03
N ILE D 181 -16.97 26.44 7.82
CA ILE D 181 -17.17 25.07 8.34
C ILE D 181 -16.37 24.80 9.62
N GLU D 182 -17.03 24.31 10.65
CA GLU D 182 -16.31 23.86 11.84
C GLU D 182 -16.58 22.40 12.09
N GLU D 183 -15.56 21.57 11.90
CA GLU D 183 -15.69 20.12 12.07
C GLU D 183 -16.81 19.51 11.21
N GLY D 184 -16.84 19.91 9.95
CA GLY D 184 -17.84 19.44 9.02
C GLY D 184 -19.18 20.20 8.99
N LYS D 185 -19.49 20.95 10.05
CA LYS D 185 -20.75 21.70 10.10
C LYS D 185 -20.60 23.13 9.58
N ILE D 186 -21.42 23.46 8.59
CA ILE D 186 -21.54 24.83 8.12
C ILE D 186 -22.10 25.69 9.25
N VAL D 187 -21.27 26.54 9.83
CA VAL D 187 -21.74 27.30 10.98
C VAL D 187 -22.30 28.65 10.56
N HIS D 188 -21.79 29.17 9.44
CA HIS D 188 -22.26 30.44 8.91
C HIS D 188 -22.02 30.48 7.42
N THR D 189 -22.84 31.25 6.71
CA THR D 189 -22.70 31.47 5.28
C THR D 189 -22.75 32.96 4.99
N SER D 190 -21.69 33.51 4.38
CA SER D 190 -21.72 34.91 3.95
C SER D 190 -21.82 34.99 2.43
N THR D 191 -22.45 36.04 1.94
CA THR D 191 -22.50 36.21 0.49
C THR D 191 -21.40 37.16 0.01
N LEU D 192 -21.00 36.99 -1.25
CA LEU D 192 -19.96 37.81 -1.85
C LEU D 192 -20.32 39.30 -1.81
N SER D 193 -19.37 40.11 -1.38
CA SER D 193 -19.56 41.53 -1.24
C SER D 193 -18.29 42.25 -1.73
N GLY D 194 -18.35 43.56 -1.91
CA GLY D 194 -17.21 44.30 -2.47
C GLY D 194 -17.29 44.26 -3.99
N SER D 195 -16.20 44.62 -4.66
CA SER D 195 -16.28 44.96 -6.07
C SER D 195 -16.00 43.84 -7.10
N ALA D 196 -15.56 42.66 -6.65
CA ALA D 196 -15.29 41.57 -7.60
C ALA D 196 -16.60 41.13 -8.20
N GLN D 197 -16.69 41.20 -9.51
CA GLN D 197 -17.98 41.05 -10.16
C GLN D 197 -18.30 39.60 -10.52
N HIS D 198 -17.26 38.79 -10.58
CA HIS D 198 -17.39 37.37 -10.93
C HIS D 198 -16.20 36.60 -10.36
N VAL D 199 -16.53 35.52 -9.64
CA VAL D 199 -15.58 34.74 -8.89
C VAL D 199 -15.77 33.27 -9.24
N GLU D 200 -14.65 32.57 -9.39
CA GLU D 200 -14.59 31.16 -9.76
C GLU D 200 -13.29 30.64 -9.19
N GLU D 201 -13.28 29.36 -8.89
CA GLU D 201 -12.06 28.60 -8.61
C GLU D 201 -10.98 29.37 -7.86
N CYS D 202 -11.31 29.83 -6.64
CA CYS D 202 -10.34 30.57 -5.86
C CYS D 202 -9.16 29.70 -5.44
N SER D 203 -7.99 30.33 -5.42
CA SER D 203 -6.81 29.78 -4.83
C SER D 203 -6.60 30.59 -3.56
N CYS D 204 -6.95 30.00 -2.42
CA CYS D 204 -6.91 30.69 -1.14
C CYS D 204 -5.70 30.32 -0.31
N TYR D 205 -5.31 31.20 0.62
CA TYR D 205 -4.26 30.91 1.59
C TYR D 205 -4.42 31.66 2.90
N PRO D 206 -3.83 31.12 3.98
CA PRO D 206 -3.85 31.82 5.25
C PRO D 206 -3.02 33.11 5.26
N ARG D 207 -3.66 34.21 5.62
CA ARG D 207 -2.96 35.43 5.87
C ARG D 207 -3.42 35.92 7.23
N TYR D 208 -2.96 35.26 8.29
CA TYR D 208 -3.38 35.60 9.64
C TYR D 208 -3.56 37.12 9.82
N PRO D 209 -4.69 37.54 10.44
CA PRO D 209 -5.71 36.70 11.08
C PRO D 209 -6.87 36.25 10.18
N GLY D 210 -6.80 36.52 8.88
CA GLY D 210 -7.87 36.14 7.96
C GLY D 210 -7.40 35.28 6.80
N VAL D 211 -8.20 35.20 5.74
CA VAL D 211 -7.89 34.37 4.57
C VAL D 211 -7.96 35.23 3.32
N ARG D 212 -7.08 34.98 2.35
CA ARG D 212 -7.08 35.73 1.11
C ARG D 212 -7.23 34.76 -0.05
N CYS D 213 -7.97 35.16 -1.08
CA CYS D 213 -8.18 34.30 -2.25
C CYS D 213 -7.95 35.03 -3.59
N VAL D 214 -7.14 34.46 -4.46
CA VAL D 214 -7.01 34.97 -5.81
C VAL D 214 -7.78 34.03 -6.71
N CYS D 215 -8.82 34.56 -7.35
CA CYS D 215 -9.78 33.71 -8.03
C CYS D 215 -9.72 33.84 -9.55
N ARG D 216 -10.79 33.39 -10.20
CA ARG D 216 -10.96 33.46 -11.64
C ARG D 216 -12.27 34.22 -11.94
N ASP D 217 -12.23 35.14 -12.89
CA ASP D 217 -13.40 35.87 -13.36
C ASP D 217 -13.65 35.40 -14.79
N ASN D 218 -14.79 34.76 -14.99
CA ASN D 218 -15.07 34.16 -16.27
C ASN D 218 -15.86 35.06 -17.20
N TRP D 219 -16.09 36.30 -16.80
CA TRP D 219 -17.09 37.14 -17.44
C TRP D 219 -16.45 38.31 -18.20
N LYS D 220 -16.06 39.34 -17.48
CA LYS D 220 -15.47 40.53 -18.13
C LYS D 220 -13.99 40.75 -17.80
N GLY D 221 -13.45 39.98 -16.84
CA GLY D 221 -12.11 40.23 -16.31
C GLY D 221 -11.00 39.26 -16.70
N SER D 222 -9.95 39.81 -17.29
CA SER D 222 -8.69 39.08 -17.47
C SER D 222 -7.70 39.41 -16.37
N ASN D 223 -7.97 40.45 -15.58
CA ASN D 223 -7.29 40.56 -14.27
C ASN D 223 -8.00 39.65 -13.27
N ARG D 224 -7.38 39.39 -12.13
CA ARG D 224 -7.87 38.34 -11.23
C ARG D 224 -8.56 38.94 -10.02
N PRO D 225 -9.73 38.39 -9.65
CA PRO D 225 -10.40 38.87 -8.43
C PRO D 225 -9.70 38.41 -7.19
N ILE D 226 -9.48 39.32 -6.25
CA ILE D 226 -9.04 39.00 -4.90
C ILE D 226 -10.32 38.92 -4.10
N VAL D 227 -10.35 38.03 -3.10
CA VAL D 227 -11.42 37.95 -2.10
C VAL D 227 -10.79 37.89 -0.70
N ASP D 228 -11.32 38.67 0.25
CA ASP D 228 -10.73 38.72 1.59
C ASP D 228 -11.71 38.37 2.68
N ILE D 229 -11.45 37.24 3.34
CA ILE D 229 -12.36 36.68 4.30
C ILE D 229 -11.84 36.88 5.71
N ASN D 230 -12.59 37.65 6.49
CA ASN D 230 -12.36 37.76 7.92
C ASN D 230 -13.02 36.55 8.58
N ILE D 231 -12.26 35.83 9.39
CA ILE D 231 -12.73 34.56 9.94
C ILE D 231 -13.51 34.76 11.26
N LYS D 232 -13.36 35.91 11.91
CA LYS D 232 -13.98 36.17 13.22
C LYS D 232 -15.42 36.69 13.14
N ASP D 233 -15.65 37.66 12.24
CA ASP D 233 -16.97 38.26 12.04
C ASP D 233 -17.62 37.98 10.67
N HIS D 234 -17.01 37.08 9.90
CA HIS D 234 -17.56 36.54 8.65
C HIS D 234 -17.78 37.57 7.52
N SER D 235 -17.21 38.77 7.72
CA SER D 235 -17.26 39.84 6.74
C SER D 235 -16.39 39.51 5.55
N ILE D 236 -16.82 40.00 4.39
CA ILE D 236 -16.16 39.73 3.13
C ILE D 236 -15.90 41.04 2.38
N VAL D 237 -14.65 41.29 2.01
CA VAL D 237 -14.35 42.35 1.03
C VAL D 237 -13.82 41.75 -0.26
N SER D 238 -14.00 42.43 -1.38
CA SER D 238 -13.45 41.93 -2.64
C SER D 238 -12.99 43.05 -3.57
N SER D 239 -12.10 42.68 -4.50
CA SER D 239 -11.49 43.61 -5.46
C SER D 239 -10.79 42.84 -6.61
N TYR D 240 -9.81 43.48 -7.24
CA TYR D 240 -8.97 42.80 -8.22
C TYR D 240 -7.47 43.00 -7.99
N VAL D 241 -6.67 42.10 -8.58
CA VAL D 241 -5.21 42.14 -8.57
C VAL D 241 -4.70 43.32 -9.42
N CYS D 242 -4.33 44.41 -8.75
CA CYS D 242 -3.92 45.66 -9.42
C CYS D 242 -3.01 45.46 -10.63
N SER D 243 -1.87 44.81 -10.40
CA SER D 243 -0.87 44.46 -11.42
C SER D 243 -1.23 44.69 -12.87
N GLY D 244 -0.49 45.57 -13.52
CA GLY D 244 -0.60 45.79 -14.95
C GLY D 244 -0.37 44.52 -15.76
N LEU D 245 0.41 43.57 -15.22
CA LEU D 245 0.59 42.25 -15.88
C LEU D 245 -0.42 41.22 -15.34
N VAL D 246 -1.32 40.77 -16.21
CA VAL D 246 -2.55 40.09 -15.73
C VAL D 246 -2.51 38.55 -15.77
N GLY D 247 -3.00 37.95 -14.69
CA GLY D 247 -2.90 36.53 -14.47
C GLY D 247 -3.76 35.58 -15.30
N ASP D 248 -4.75 36.10 -16.01
CA ASP D 248 -5.72 35.21 -16.66
C ASP D 248 -5.31 34.77 -18.04
N THR D 249 -5.97 33.70 -18.50
CA THR D 249 -5.87 33.22 -19.87
C THR D 249 -7.29 32.92 -20.28
N PRO D 250 -7.78 33.53 -21.37
CA PRO D 250 -7.10 34.48 -22.27
C PRO D 250 -6.84 35.88 -21.68
N ARG D 251 -6.05 36.67 -22.40
CA ARG D 251 -5.76 38.06 -22.07
C ARG D 251 -5.11 38.77 -23.26
N LYS D 252 -4.93 40.07 -23.09
CA LYS D 252 -4.19 40.87 -24.05
C LYS D 252 -2.68 40.66 -23.83
N ASN D 253 -1.90 40.86 -24.88
CA ASN D 253 -0.44 40.74 -24.78
C ASN D 253 0.17 41.79 -23.85
N ASP D 254 1.43 41.61 -23.45
CA ASP D 254 2.05 42.45 -22.41
C ASP D 254 1.93 43.97 -22.65
N SER D 255 2.22 44.41 -23.87
CA SER D 255 2.14 45.83 -24.21
C SER D 255 0.71 46.37 -24.16
N SER D 256 -0.23 45.59 -24.71
CA SER D 256 -1.63 45.99 -24.85
C SER D 256 -2.46 45.92 -23.57
N SER D 257 -2.10 45.03 -22.65
CA SER D 257 -2.93 44.77 -21.45
C SER D 257 -3.04 45.96 -20.50
N SER D 258 -4.09 45.94 -19.68
CA SER D 258 -4.28 46.91 -18.61
C SER D 258 -5.08 46.24 -17.51
N SER D 259 -5.06 46.85 -16.32
CA SER D 259 -5.78 46.30 -15.19
C SER D 259 -6.50 47.43 -14.44
N HIS D 260 -6.96 47.14 -13.23
CA HIS D 260 -7.71 48.08 -12.40
C HIS D 260 -7.86 47.43 -11.04
N CYS D 261 -7.66 48.20 -9.97
CA CYS D 261 -7.72 47.67 -8.61
C CYS D 261 -9.11 47.30 -8.11
N LEU D 262 -10.16 47.69 -8.83
CA LEU D 262 -11.56 47.52 -8.33
C LEU D 262 -12.52 46.78 -9.26
N ASP D 263 -12.43 47.02 -10.56
CA ASP D 263 -13.33 46.45 -11.57
C ASP D 263 -12.62 45.46 -12.50
N PRO D 264 -13.39 44.63 -13.24
CA PRO D 264 -12.79 43.83 -14.33
C PRO D 264 -12.21 44.71 -15.43
N ASN D 265 -11.12 44.28 -16.03
CA ASN D 265 -10.52 45.10 -17.08
C ASN D 265 -11.29 45.18 -18.41
N ASN D 266 -12.29 44.32 -18.62
CA ASN D 266 -13.06 44.25 -19.88
C ASN D 266 -12.15 44.00 -21.06
N GLU D 267 -11.06 43.29 -20.79
CA GLU D 267 -10.07 42.97 -21.78
C GLU D 267 -10.05 41.47 -21.96
N GLU D 268 -10.53 41.00 -23.10
CA GLU D 268 -10.59 39.55 -23.40
C GLU D 268 -11.34 38.74 -22.34
N GLY D 269 -11.78 39.42 -21.28
CA GLY D 269 -12.38 38.85 -20.06
C GLY D 269 -13.01 37.47 -20.08
N GLY D 270 -13.88 37.25 -21.07
CA GLY D 270 -14.58 35.97 -21.20
C GLY D 270 -13.66 34.77 -21.11
N HIS D 271 -14.15 33.71 -20.45
CA HIS D 271 -13.36 32.50 -20.20
C HIS D 271 -12.27 32.83 -19.17
N GLY D 272 -11.36 31.89 -18.95
CA GLY D 272 -10.32 32.05 -17.95
C GLY D 272 -9.68 30.73 -17.58
N VAL D 273 -8.89 30.75 -16.51
CA VAL D 273 -8.29 29.57 -15.94
C VAL D 273 -8.10 29.80 -14.44
N LYS D 274 -8.07 28.71 -13.69
CA LYS D 274 -7.70 28.78 -12.30
C LYS D 274 -6.23 29.19 -12.21
N GLY D 275 -5.96 30.20 -11.39
CA GLY D 275 -4.60 30.64 -11.13
C GLY D 275 -4.50 31.14 -9.70
N TRP D 276 -3.33 31.69 -9.36
CA TRP D 276 -3.01 32.07 -8.00
C TRP D 276 -2.19 33.34 -8.00
N ALA D 277 -2.13 34.03 -6.86
CA ALA D 277 -1.21 35.12 -6.65
C ALA D 277 -1.13 35.38 -5.16
N PHE D 278 -0.12 36.10 -4.72
CA PHE D 278 -0.09 36.52 -3.31
C PHE D 278 0.72 37.80 -3.12
N ASP D 279 0.34 38.58 -2.11
CA ASP D 279 1.06 39.81 -1.82
C ASP D 279 2.46 39.56 -1.24
N ASP D 280 3.34 40.53 -1.46
CA ASP D 280 4.67 40.60 -0.86
C ASP D 280 4.94 42.09 -0.63
N GLY D 281 4.51 42.59 0.52
CA GLY D 281 4.41 44.03 0.76
C GLY D 281 3.40 44.60 -0.21
N ASN D 282 3.87 45.51 -1.07
CA ASN D 282 3.08 46.04 -2.19
C ASN D 282 3.39 45.33 -3.51
N ASP D 283 4.28 44.34 -3.49
CA ASP D 283 4.56 43.56 -4.71
C ASP D 283 3.65 42.35 -4.81
N VAL D 284 3.54 41.79 -6.00
CA VAL D 284 2.77 40.58 -6.19
C VAL D 284 3.57 39.45 -6.88
N TRP D 285 3.55 38.26 -6.27
CA TRP D 285 4.07 37.04 -6.91
C TRP D 285 2.90 36.33 -7.58
N MET D 286 3.10 35.90 -8.80
CA MET D 286 2.01 35.32 -9.55
C MET D 286 2.56 34.41 -10.62
N GLY D 287 1.77 33.42 -10.99
CA GLY D 287 2.08 32.58 -12.14
C GLY D 287 1.04 32.77 -13.21
N ARG D 288 1.31 32.24 -14.40
CA ARG D 288 0.37 32.30 -15.51
C ARG D 288 0.85 31.44 -16.67
N THR D 289 -0.05 31.16 -17.60
CA THR D 289 0.34 30.47 -18.83
C THR D 289 1.13 31.45 -19.66
N ILE D 290 2.11 30.95 -20.42
CA ILE D 290 3.03 31.83 -21.11
C ILE D 290 2.28 32.52 -22.25
N ASN D 291 1.64 31.71 -23.08
CA ASN D 291 0.77 32.19 -24.14
C ASN D 291 -0.46 32.90 -23.57
N GLU D 292 -0.89 33.98 -24.23
CA GLU D 292 -2.00 34.82 -23.71
C GLU D 292 -3.38 34.26 -24.00
N THR D 293 -3.50 33.44 -25.05
CA THR D 293 -4.82 32.95 -25.49
C THR D 293 -5.05 31.47 -25.17
N SER D 294 -4.02 30.64 -25.39
CA SER D 294 -4.07 29.17 -25.22
C SER D 294 -3.37 28.72 -23.95
N ARG D 295 -3.77 27.56 -23.43
CA ARG D 295 -3.13 27.02 -22.24
C ARG D 295 -1.85 26.25 -22.57
N LEU D 296 -0.87 26.99 -23.08
CA LEU D 296 0.46 26.49 -23.37
C LEU D 296 1.47 27.20 -22.48
N GLY D 297 2.36 26.41 -21.87
CA GLY D 297 3.47 26.94 -21.09
C GLY D 297 3.05 27.53 -19.77
N TYR D 298 3.99 27.68 -18.86
CA TYR D 298 3.73 28.29 -17.56
C TYR D 298 4.96 29.03 -17.06
N GLU D 299 4.74 30.25 -16.56
CA GLU D 299 5.81 31.10 -16.03
C GLU D 299 5.40 31.68 -14.67
N THR D 300 6.37 32.11 -13.88
CA THR D 300 6.10 32.92 -12.67
C THR D 300 7.07 34.11 -12.56
N PHE D 301 6.65 35.14 -11.84
CA PHE D 301 7.48 36.31 -11.62
C PHE D 301 6.99 37.15 -10.45
N LYS D 302 7.80 38.14 -10.05
CA LYS D 302 7.36 39.12 -9.06
C LYS D 302 7.10 40.45 -9.78
N VAL D 303 5.92 41.00 -9.57
CA VAL D 303 5.62 42.32 -10.13
C VAL D 303 5.82 43.37 -9.06
N ILE D 304 6.84 44.20 -9.26
CA ILE D 304 7.16 45.30 -8.35
C ILE D 304 5.97 46.26 -8.29
N GLU D 305 5.56 46.61 -7.07
CA GLU D 305 4.40 47.46 -6.80
C GLU D 305 3.08 46.96 -7.40
N GLY D 306 3.01 45.68 -7.76
CA GLY D 306 1.88 45.15 -8.50
C GLY D 306 0.64 44.82 -7.68
N TRP D 307 0.76 44.96 -6.37
CA TRP D 307 -0.38 44.72 -5.49
C TRP D 307 -1.16 46.01 -5.24
N SER D 308 -0.50 47.15 -5.38
CA SER D 308 -1.13 48.45 -5.12
C SER D 308 -1.14 49.44 -6.31
N ASN D 309 -0.36 49.12 -7.34
CA ASN D 309 -0.30 49.99 -8.51
C ASN D 309 -0.80 49.30 -9.77
N PRO D 310 -2.01 49.65 -10.22
CA PRO D 310 -2.59 49.07 -11.43
C PRO D 310 -1.85 49.47 -12.71
N LYS D 311 -0.88 50.38 -12.58
CA LYS D 311 -0.08 50.85 -13.73
C LYS D 311 1.24 50.12 -13.85
N SER D 312 1.69 49.50 -12.75
CA SER D 312 2.97 48.79 -12.71
C SER D 312 3.01 47.56 -13.63
N LYS D 313 4.08 47.47 -14.41
CA LYS D 313 4.29 46.37 -15.33
C LYS D 313 5.74 45.94 -15.22
N LEU D 314 6.29 46.13 -14.02
CA LEU D 314 7.70 45.94 -13.78
C LEU D 314 8.00 44.59 -13.12
N GLN D 315 8.28 43.59 -13.94
CA GLN D 315 8.53 42.24 -13.43
C GLN D 315 10.00 41.89 -13.22
N ILE D 316 10.30 41.42 -12.00
CA ILE D 316 11.61 40.84 -11.72
C ILE D 316 11.44 39.36 -11.33
N ASN D 317 12.52 38.58 -11.41
CA ASN D 317 12.56 37.15 -11.04
C ASN D 317 11.68 36.18 -11.85
N ARG D 318 11.55 36.40 -13.16
CA ARG D 318 10.85 35.44 -14.02
C ARG D 318 11.49 34.05 -13.92
N GLN D 319 10.65 33.02 -13.75
CA GLN D 319 11.06 31.63 -13.95
C GLN D 319 10.13 30.95 -14.95
N VAL D 320 10.70 30.17 -15.85
CA VAL D 320 9.91 29.28 -16.68
C VAL D 320 9.77 27.96 -15.94
N ILE D 321 8.52 27.57 -15.72
CA ILE D 321 8.19 26.31 -15.08
C ILE D 321 7.93 25.32 -16.19
N VAL D 322 7.12 25.73 -17.16
CA VAL D 322 6.82 24.91 -18.33
C VAL D 322 6.98 25.74 -19.62
N ASP D 323 7.82 25.28 -20.53
CA ASP D 323 8.09 26.02 -21.77
C ASP D 323 6.85 26.19 -22.68
N ARG D 324 6.82 27.29 -23.44
CA ARG D 324 5.65 27.72 -24.22
C ARG D 324 5.23 26.76 -25.32
N GLY D 325 6.05 25.76 -25.60
CA GLY D 325 5.72 24.74 -26.58
C GLY D 325 4.97 23.55 -25.99
N ASN D 326 4.82 23.55 -24.66
CA ASN D 326 4.24 22.42 -23.95
C ASN D 326 2.96 22.82 -23.25
N ARG D 327 1.99 21.91 -23.21
CA ARG D 327 0.69 22.23 -22.63
C ARG D 327 0.79 22.43 -21.12
N SER D 328 -0.02 23.35 -20.61
CA SER D 328 -0.18 23.52 -19.16
C SER D 328 -1.67 23.33 -18.79
N GLY D 329 -2.17 24.17 -17.88
CA GLY D 329 -3.54 24.07 -17.40
C GLY D 329 -3.71 24.89 -16.14
N TYR D 330 -4.56 24.40 -15.24
CA TYR D 330 -4.87 25.03 -13.97
C TYR D 330 -3.62 25.14 -13.09
N SER D 331 -3.71 25.96 -12.07
CA SER D 331 -2.65 26.10 -11.11
C SER D 331 -3.27 26.67 -9.87
N GLY D 332 -2.67 26.44 -8.72
CA GLY D 332 -3.23 26.97 -7.49
C GLY D 332 -2.19 27.01 -6.40
N ILE D 333 -2.49 27.78 -5.37
CA ILE D 333 -1.55 27.94 -4.29
C ILE D 333 -1.81 26.86 -3.24
N PHE D 334 -0.84 26.67 -2.35
CA PHE D 334 -1.04 26.06 -1.03
C PHE D 334 0.10 26.50 -0.11
N SER D 335 -0.17 26.46 1.19
CA SER D 335 0.74 26.98 2.18
C SER D 335 1.30 25.86 3.01
N VAL D 336 2.61 25.88 3.20
CA VAL D 336 3.28 24.90 4.06
C VAL D 336 3.97 25.60 5.22
N GLU D 337 3.60 25.24 6.44
CA GLU D 337 4.14 25.88 7.63
C GLU D 337 5.54 25.39 7.95
N GLY D 338 6.50 26.32 7.84
CA GLY D 338 7.86 26.11 8.35
C GLY D 338 7.97 26.39 9.84
N LYS D 339 9.19 26.27 10.36
CA LYS D 339 9.51 26.45 11.77
C LYS D 339 9.20 27.87 12.21
N SER D 340 9.54 28.83 11.35
CA SER D 340 9.43 30.24 11.68
C SER D 340 8.43 30.97 10.81
N CYS D 341 8.06 30.39 9.69
CA CYS D 341 7.28 31.13 8.70
C CYS D 341 6.39 30.28 7.82
N ILE D 342 5.37 30.90 7.23
CA ILE D 342 4.49 30.19 6.31
C ILE D 342 5.05 30.29 4.90
N ASN D 343 5.36 29.15 4.29
CA ASN D 343 5.76 29.13 2.89
C ASN D 343 4.55 29.07 1.98
N ARG D 344 4.71 29.57 0.76
CA ARG D 344 3.70 29.45 -0.28
C ARG D 344 4.27 28.59 -1.38
N CYS D 345 3.50 27.61 -1.83
CA CYS D 345 3.91 26.70 -2.90
C CYS D 345 2.81 26.67 -3.95
N PHE D 346 3.09 26.16 -5.14
CA PHE D 346 2.09 26.08 -6.19
C PHE D 346 2.26 24.84 -7.07
N TYR D 347 1.15 24.37 -7.64
CA TYR D 347 1.12 23.17 -8.48
C TYR D 347 0.60 23.64 -9.83
N VAL D 348 0.97 22.95 -10.91
CA VAL D 348 0.50 23.34 -12.23
C VAL D 348 -0.03 22.11 -12.90
N GLU D 349 -1.20 22.25 -13.49
CA GLU D 349 -1.84 21.15 -14.19
C GLU D 349 -1.30 21.11 -15.60
N LEU D 350 -0.90 19.91 -16.03
CA LEU D 350 -0.42 19.73 -17.39
C LEU D 350 -1.39 18.82 -18.10
N ILE D 351 -2.27 19.43 -18.91
CA ILE D 351 -3.35 18.72 -19.56
C ILE D 351 -2.90 18.14 -20.88
N ARG D 352 -3.27 16.89 -21.13
CA ARG D 352 -3.01 16.23 -22.40
C ARG D 352 -4.28 15.58 -22.90
N GLY D 353 -4.41 15.52 -24.22
CA GLY D 353 -5.55 14.88 -24.87
C GLY D 353 -6.54 15.86 -25.50
N ARG D 354 -7.77 15.40 -25.67
CA ARG D 354 -8.85 16.17 -26.26
C ARG D 354 -9.09 17.49 -25.56
N LYS D 355 -9.55 18.51 -26.29
CA LYS D 355 -9.85 18.45 -27.72
C LYS D 355 -8.75 19.10 -28.54
N GLU D 356 -7.78 19.68 -27.85
CA GLU D 356 -6.61 20.31 -28.44
C GLU D 356 -5.72 19.32 -29.20
N GLU D 357 -5.61 18.11 -28.65
CA GLU D 357 -4.77 17.07 -29.21
C GLU D 357 -5.67 15.91 -29.55
N THR D 358 -5.71 15.55 -30.83
CA THR D 358 -6.62 14.54 -31.34
C THR D 358 -5.92 13.21 -31.55
N GLU D 359 -4.67 13.13 -31.13
CA GLU D 359 -3.89 11.89 -31.25
C GLU D 359 -4.56 10.76 -30.48
N VAL D 360 -5.23 11.11 -29.39
CA VAL D 360 -5.87 10.13 -28.52
C VAL D 360 -7.35 10.46 -28.40
N LEU D 361 -8.13 9.57 -27.77
CA LEU D 361 -9.54 9.82 -27.53
C LEU D 361 -9.82 10.36 -26.13
N TRP D 362 -8.80 10.33 -25.28
CA TRP D 362 -8.98 10.67 -23.88
C TRP D 362 -8.54 12.09 -23.53
N THR D 363 -8.77 12.48 -22.27
CA THR D 363 -8.29 13.73 -21.71
C THR D 363 -7.94 13.47 -20.27
N SER D 364 -6.70 13.78 -19.89
CA SER D 364 -6.25 13.71 -18.50
C SER D 364 -5.12 14.71 -18.23
N ASN D 365 -4.47 14.57 -17.07
CA ASN D 365 -3.39 15.47 -16.71
C ASN D 365 -2.28 14.79 -15.92
N SER D 366 -1.14 15.46 -15.85
CA SER D 366 -0.13 15.21 -14.81
C SER D 366 0.12 16.53 -14.09
N ILE D 367 0.92 16.53 -13.05
CA ILE D 367 1.18 17.77 -12.39
C ILE D 367 2.67 17.97 -12.21
N VAL D 368 3.00 19.18 -11.77
CA VAL D 368 4.33 19.54 -11.35
C VAL D 368 4.14 20.57 -10.24
N VAL D 369 5.07 20.60 -9.29
CA VAL D 369 4.91 21.37 -8.05
C VAL D 369 6.22 22.08 -7.70
N PHE D 370 6.11 23.36 -7.37
CA PHE D 370 7.24 24.20 -6.95
C PHE D 370 6.90 24.83 -5.63
N CYS D 371 7.90 25.04 -4.78
CA CYS D 371 7.69 25.73 -3.51
C CYS D 371 8.58 26.95 -3.45
N GLY D 372 8.07 28.03 -2.86
CA GLY D 372 8.86 29.22 -2.63
C GLY D 372 10.11 28.88 -1.87
N THR D 373 11.12 29.73 -2.04
CA THR D 373 12.41 29.57 -1.40
C THR D 373 13.03 30.94 -1.16
N SER D 374 13.80 31.04 -0.08
CA SER D 374 14.62 32.21 0.16
C SER D 374 15.97 32.01 -0.52
N GLY D 375 16.29 30.78 -0.88
CA GLY D 375 17.59 30.48 -1.46
C GLY D 375 17.71 30.80 -2.94
N THR D 376 18.68 30.16 -3.58
CA THR D 376 18.97 30.47 -4.95
C THR D 376 18.52 29.33 -5.86
N TYR D 377 18.37 29.60 -7.15
CA TYR D 377 17.83 28.61 -8.06
C TYR D 377 18.24 28.91 -9.49
N GLY D 378 18.14 27.91 -10.35
CA GLY D 378 18.56 28.06 -11.72
C GLY D 378 17.36 28.14 -12.64
N THR D 379 17.44 27.44 -13.76
CA THR D 379 16.35 27.40 -14.71
C THR D 379 16.08 25.93 -15.11
N GLY D 380 15.41 25.74 -16.26
CA GLY D 380 14.91 24.45 -16.71
C GLY D 380 13.41 24.51 -16.99
N SER D 381 12.90 23.50 -17.69
CA SER D 381 11.46 23.34 -18.00
C SER D 381 11.01 21.92 -17.68
N TRP D 382 9.95 21.81 -16.87
CA TRP D 382 9.47 20.50 -16.43
C TRP D 382 8.04 20.23 -16.91
N PRO D 383 7.88 19.87 -18.20
CA PRO D 383 6.57 19.65 -18.78
C PRO D 383 6.04 18.25 -18.48
N ASP D 384 4.98 17.87 -19.18
CA ASP D 384 4.30 16.62 -18.92
C ASP D 384 5.14 15.41 -19.31
N GLY D 385 5.63 15.40 -20.56
CA GLY D 385 6.58 14.40 -21.00
C GLY D 385 6.11 13.43 -22.05
N ALA D 386 4.85 13.01 -21.97
CA ALA D 386 4.36 11.90 -22.79
C ALA D 386 4.38 12.15 -24.31
N ASP D 387 4.60 11.09 -25.08
CA ASP D 387 4.48 11.15 -26.54
C ASP D 387 3.13 10.58 -26.95
N LEU D 388 2.15 11.46 -27.19
CA LEU D 388 0.79 10.99 -27.49
C LEU D 388 0.68 10.24 -28.80
N ASN D 389 1.65 10.48 -29.70
CA ASN D 389 1.77 9.72 -30.94
C ASN D 389 1.98 8.23 -30.71
N LEU D 390 2.30 7.85 -29.47
CA LEU D 390 2.63 6.46 -29.15
C LEU D 390 1.78 5.85 -28.04
N MET D 391 0.88 6.62 -27.45
CA MET D 391 0.00 6.14 -26.37
C MET D 391 -1.04 5.11 -26.85
N PRO D 392 -1.52 4.24 -25.90
CA PRO D 392 -2.60 3.26 -26.08
C PRO D 392 -3.61 3.63 -27.17
N ILE D 393 -3.79 2.70 -28.11
CA ILE D 393 -4.62 2.90 -29.29
C ILE D 393 -4.18 4.16 -30.09
C1 GAL E . -29.24 -18.55 -7.11
C2 GAL E . -30.33 -18.42 -8.19
C3 GAL E . -30.48 -16.97 -8.67
C4 GAL E . -29.27 -16.08 -8.34
C5 GAL E . -28.76 -16.23 -6.88
C6 GAL E . -29.12 -15.02 -5.99
O1 GAL E . -29.45 -19.70 -6.32
O2 GAL E . -30.10 -19.29 -9.29
O3 GAL E . -31.66 -16.42 -8.10
O4 GAL E . -29.57 -14.72 -8.65
O5 GAL E . -29.28 -17.41 -6.28
O6 GAL E . -28.69 -15.22 -4.63
C1 SIA E . -29.62 -13.13 -3.83
C2 SIA E . -28.78 -14.36 -3.47
C3 SIA E . -27.38 -13.85 -3.04
C4 SIA E . -26.71 -14.49 -1.82
C5 SIA E . -27.43 -15.73 -1.34
C6 SIA E . -28.92 -15.43 -1.22
C7 SIA E . -29.72 -16.58 -0.55
C8 SIA E . -31.04 -16.03 0.01
C9 SIA E . -32.16 -17.07 0.18
C10 SIA E . -26.13 -17.24 0.09
C11 SIA E . -25.63 -17.45 1.51
N5 SIA E . -26.86 -16.14 -0.07
O1A SIA E . -29.07 -12.21 -4.47
O1B SIA E . -30.83 -13.08 -3.49
O4 SIA E . -25.38 -14.90 -2.14
O6 SIA E . -29.49 -15.17 -2.51
O7 SIA E . -29.90 -17.63 -1.52
O8 SIA E . -30.77 -15.44 1.28
O9 SIA E . -31.78 -18.05 1.15
O10 SIA E . -25.86 -18.03 -0.82
C1 NAG F . -20.56 -32.37 9.39
C2 NAG F . -20.65 -33.86 9.02
C3 NAG F . -20.26 -34.70 10.23
C4 NAG F . -18.85 -34.34 10.68
C5 NAG F . -18.84 -32.85 11.03
C6 NAG F . -17.48 -32.33 11.53
C7 NAG F . -22.30 -34.37 7.31
C8 NAG F . -23.76 -34.62 7.03
N2 NAG F . -22.01 -34.14 8.59
O3 NAG F . -20.36 -36.10 10.02
O4 NAG F . -18.57 -35.14 11.80
O5 NAG F . -19.30 -32.05 9.93
O6 NAG F . -16.56 -32.32 10.47
O7 NAG F . -21.47 -34.39 6.38
C1 NAG F . -17.27 -35.76 11.73
C2 NAG F . -16.90 -36.07 13.17
C3 NAG F . -15.68 -36.98 13.24
C4 NAG F . -15.68 -38.13 12.24
C5 NAG F . -15.98 -37.54 10.84
C6 NAG F . -15.90 -38.53 9.67
C7 NAG F . -17.20 -34.47 15.07
C8 NAG F . -16.76 -33.19 15.71
N2 NAG F . -16.60 -34.85 13.93
O3 NAG F . -15.55 -37.45 14.56
O4 NAG F . -14.37 -38.66 12.28
O5 NAG F . -17.25 -36.90 10.89
O6 NAG F . -17.09 -39.26 9.44
O7 NAG F . -18.11 -35.09 15.62
C1 BMA F . -14.33 -40.10 12.30
C2 BMA F . -13.06 -40.63 11.60
C3 BMA F . -13.13 -42.15 11.48
C4 BMA F . -13.37 -42.75 12.87
C5 BMA F . -14.55 -42.05 13.57
C6 BMA F . -14.87 -42.59 14.97
O2 BMA F . -11.93 -40.26 12.37
O3 BMA F . -11.94 -42.66 10.89
O4 BMA F . -13.64 -44.13 12.70
O5 BMA F . -14.39 -40.64 13.61
O6 BMA F . -15.87 -43.56 14.72
C1 MAN F . -12.22 -43.70 9.91
C2 MAN F . -10.93 -44.35 9.35
C3 MAN F . -10.28 -43.36 8.35
C4 MAN F . -11.29 -43.02 7.24
C5 MAN F . -12.45 -42.33 7.96
C6 MAN F . -13.52 -41.73 7.05
O2 MAN F . -11.22 -45.60 8.73
O3 MAN F . -9.06 -43.83 7.85
O4 MAN F . -10.72 -42.24 6.20
O5 MAN F . -13.05 -43.27 8.84
O6 MAN F . -14.45 -41.04 7.88
C1 MAN F . -16.87 -43.78 15.75
C2 MAN F . -17.57 -42.51 16.29
C3 MAN F . -17.29 -42.18 17.77
C4 MAN F . -16.98 -43.39 18.64
C5 MAN F . -15.94 -44.28 17.96
C6 MAN F . -15.52 -45.50 18.81
O2 MAN F . -18.96 -42.62 16.07
O3 MAN F . -18.41 -41.50 18.32
O4 MAN F . -16.50 -42.92 19.87
O5 MAN F . -16.43 -44.74 16.70
O6 MAN F . -16.46 -46.56 18.68
C1 GAL G . 14.38 -32.21 -6.35
C2 GAL G . 13.64 -33.54 -6.14
C3 GAL G . 12.35 -33.43 -6.96
C4 GAL G . 11.53 -32.17 -6.62
C5 GAL G . 12.27 -31.06 -5.82
C6 GAL G . 11.59 -30.80 -4.47
O1 GAL G . 15.74 -32.26 -5.95
O2 GAL G . 14.40 -34.67 -6.50
O3 GAL G . 11.60 -34.63 -6.83
O4 GAL G . 10.31 -32.51 -5.95
O5 GAL G . 13.69 -31.22 -5.61
O6 GAL G . 12.49 -30.78 -3.37
C1 SIA G . 10.67 -30.89 -1.58
C2 SIA G . 11.96 -30.26 -2.13
C3 SIA G . 11.89 -28.72 -2.15
C4 SIA G . 12.72 -27.95 -1.13
C5 SIA G . 14.02 -28.67 -0.81
C6 SIA G . 13.66 -30.07 -0.33
C7 SIA G . 14.89 -30.80 0.20
C8 SIA G . 14.50 -32.07 0.96
C9 SIA G . 15.66 -33.05 1.02
C10 SIA G . 15.88 -27.22 -0.24
C11 SIA G . 16.59 -26.49 0.86
N5 SIA G . 14.81 -27.92 0.14
O1A SIA G . 9.63 -30.20 -1.59
O1B SIA G . 10.66 -32.07 -1.14
O4 SIA G . 13.08 -26.66 -1.64
O6 SIA G . 13.12 -30.80 -1.46
O7 SIA G . 15.80 -31.08 -0.87
O8 SIA G . 14.08 -31.76 2.31
O9 SIA G . 16.75 -32.48 1.77
O10 SIA G . 16.27 -27.17 -1.39
C1 NAG H . 33.49 -20.95 1.49
C2 NAG H . 34.64 -21.24 0.51
C3 NAG H . 35.96 -20.70 1.06
C4 NAG H . 35.83 -19.24 1.51
C5 NAG H . 34.62 -19.09 2.44
C6 NAG H . 34.44 -17.64 2.88
C7 NAG H . 34.50 -23.19 -0.96
C8 NAG H . 34.57 -24.69 -1.08
N2 NAG H . 34.70 -22.67 0.25
O3 NAG H . 36.97 -20.76 0.09
O4 NAG H . 37.03 -18.88 2.17
O5 NAG H . 33.43 -19.57 1.83
O6 NAG H . 33.87 -16.90 1.84
O7 NAG H . 34.26 -22.53 -1.98
C1 NAG H . 37.56 -17.64 1.64
C2 NAG H . 38.41 -16.96 2.72
C3 NAG H . 39.23 -15.79 2.19
C4 NAG H . 39.95 -16.11 0.90
C5 NAG H . 38.88 -16.64 -0.06
C6 NAG H . 39.36 -16.86 -1.49
C7 NAG H . 37.69 -17.08 5.01
C8 NAG H . 36.92 -16.50 6.17
N2 NAG H . 37.63 -16.44 3.83
O3 NAG H . 40.16 -15.38 3.15
O4 NAG H . 40.52 -14.89 0.48
O5 NAG H . 38.33 -17.83 0.47
O6 NAG H . 40.35 -17.85 -1.52
O7 NAG H . 38.34 -18.11 5.15
C1 BMA H . 41.87 -15.05 -0.01
C2 BMA H . 42.06 -14.14 -1.23
C3 BMA H . 43.48 -14.27 -1.81
C4 BMA H . 44.56 -14.24 -0.69
C5 BMA H . 44.16 -15.08 0.55
C6 BMA H . 45.06 -15.01 1.80
O2 BMA H . 41.82 -12.81 -0.84
O3 BMA H . 43.68 -13.25 -2.78
O4 BMA H . 45.76 -14.69 -1.28
O5 BMA H . 42.85 -14.74 0.96
O6 BMA H . 46.30 -15.66 1.55
C1 MAN H . 44.11 -13.79 -4.05
C2 MAN H . 44.49 -12.66 -5.05
C3 MAN H . 43.28 -12.21 -5.85
C4 MAN H . 42.61 -13.41 -6.53
C5 MAN H . 42.15 -14.38 -5.43
C6 MAN H . 41.49 -15.63 -6.02
O2 MAN H . 45.51 -13.11 -5.93
O3 MAN H . 43.66 -11.24 -6.80
O4 MAN H . 41.54 -13.04 -7.37
O5 MAN H . 43.23 -14.78 -4.58
O6 MAN H . 40.83 -16.31 -4.97
C1 MAN H . 46.84 -16.57 2.55
C2 MAN H . 46.30 -18.01 2.42
C3 MAN H . 45.34 -18.42 3.54
C4 MAN H . 45.76 -17.97 4.93
C5 MAN H . 46.19 -16.49 4.96
C6 MAN H . 46.87 -16.20 6.31
O2 MAN H . 47.39 -18.91 2.34
O3 MAN H . 45.19 -19.83 3.54
O4 MAN H . 44.67 -18.15 5.81
O5 MAN H . 47.04 -16.10 3.89
O6 MAN H . 47.40 -14.88 6.34
C1 NAG I . 20.11 30.89 -13.89
C2 NAG I . 20.15 31.80 -15.13
C3 NAG I . 19.91 33.23 -14.67
C4 NAG I . 18.60 33.36 -13.89
C5 NAG I . 18.64 32.35 -12.74
C6 NAG I . 17.36 32.32 -11.90
C7 NAG I . 21.40 31.03 -17.09
C8 NAG I . 22.75 30.86 -17.72
N2 NAG I . 21.39 31.59 -15.87
O3 NAG I . 19.83 34.13 -15.74
O4 NAG I . 18.53 34.69 -13.43
O5 NAG I . 18.85 31.05 -13.27
O6 NAG I . 16.31 31.72 -12.61
O7 NAG I . 20.39 30.64 -17.71
C1 NAG I . 17.24 35.26 -13.70
C2 NAG I . 16.96 36.30 -12.62
C3 NAG I . 15.63 36.99 -12.90
C4 NAG I . 15.50 37.45 -14.35
C5 NAG I . 15.76 36.22 -15.21
C6 NAG I . 15.38 36.30 -16.71
C7 NAG I . 17.75 35.84 -10.32
C8 NAG I . 17.43 35.07 -9.06
N2 NAG I . 16.89 35.66 -11.33
O3 NAG I . 15.42 38.03 -11.98
O4 NAG I . 14.21 37.98 -14.53
O5 NAG I . 17.11 35.82 -14.99
O6 NAG I . 16.38 36.91 -17.49
O7 NAG I . 18.76 36.55 -10.35
C1 BMA I . 14.26 39.20 -15.31
C2 BMA I . 12.98 39.29 -16.15
C3 BMA I . 12.87 40.65 -16.86
C4 BMA I . 13.24 41.81 -15.92
C5 BMA I . 14.61 41.54 -15.27
C6 BMA I . 15.21 42.66 -14.40
O2 BMA I . 11.88 39.11 -15.30
O3 BMA I . 11.58 40.79 -17.41
O4 BMA I . 13.20 43.02 -16.65
O5 BMA I . 14.44 40.36 -14.51
O6 BMA I . 16.16 43.38 -15.16
C1 MAN I . 11.64 40.85 -18.86
C2 MAN I . 10.25 41.15 -19.48
C3 MAN I . 9.45 39.85 -19.65
C4 MAN I . 10.29 38.81 -20.39
C5 MAN I . 11.49 38.53 -19.47
C6 MAN I . 12.34 37.32 -19.81
O2 MAN I . 10.35 41.85 -20.72
O3 MAN I . 8.23 40.08 -20.31
O4 MAN I . 9.51 37.66 -20.71
O5 MAN I . 12.27 39.71 -19.40
O6 MAN I . 13.22 37.61 -20.88
C1 MAN I . 17.35 43.93 -14.47
C2 MAN I . 18.45 42.86 -14.30
C3 MAN I . 19.27 42.87 -12.99
C4 MAN I . 19.00 44.03 -12.04
C5 MAN I . 17.54 44.48 -12.07
C6 MAN I . 17.33 45.71 -11.18
O2 MAN I . 19.32 42.99 -15.41
O3 MAN I . 20.66 42.83 -13.24
O4 MAN I . 19.34 43.57 -10.75
O5 MAN I . 17.12 44.83 -13.38
O6 MAN I . 16.12 45.60 -10.45
C1 NAG J . 14.00 4.77 -30.15
C2 NAG J . 13.26 4.46 -31.45
C3 NAG J . 13.77 5.19 -32.69
C4 NAG J . 14.73 6.38 -32.48
C5 NAG J . 15.46 6.29 -31.13
C6 NAG J . 16.22 7.58 -30.79
C7 NAG J . 12.27 2.25 -31.78
C8 NAG J . 12.54 0.82 -32.15
N2 NAG J . 13.34 3.05 -31.77
O3 NAG J . 12.63 5.56 -33.44
O4 NAG J . 15.63 6.46 -33.57
O5 NAG J . 14.47 6.10 -30.16
O6 NAG J . 15.22 8.55 -30.54
O7 NAG J . 11.14 2.64 -31.48
C1 NAG J . 15.71 7.83 -34.06
C2 NAG J . 17.08 8.11 -34.69
C3 NAG J . 17.08 8.72 -36.11
C4 NAG J . 15.75 9.30 -36.62
C5 NAG J . 14.73 9.44 -35.47
C6 NAG J . 13.34 9.90 -35.93
C7 NAG J . 19.02 8.56 -33.24
C8 NAG J . 19.72 9.56 -32.36
N2 NAG J . 17.87 8.96 -33.79
O3 NAG J . 17.53 7.73 -37.00
O4 NAG J . 15.97 10.55 -37.26
O5 NAG J . 14.61 8.16 -34.88
O6 NAG J . 12.49 8.79 -36.16
O7 NAG J . 19.53 7.45 -33.42
C1 FUC J . 15.76 9.77 -30.03
C2 FUC J . 15.31 10.91 -30.96
C3 FUC J . 13.83 11.23 -30.76
C4 FUC J . 13.51 11.44 -29.28
C5 FUC J . 13.95 10.18 -28.53
C6 FUC J . 13.55 10.25 -27.06
O2 FUC J . 15.51 10.51 -32.29
O3 FUC J . 13.44 12.34 -31.53
O4 FUC J . 14.21 12.56 -28.78
O5 FUC J . 15.35 10.04 -28.69
C1 NAG K . -33.73 19.46 -6.06
C2 NAG K . -35.09 19.36 -6.74
C3 NAG K . -36.24 19.19 -5.75
C4 NAG K . -35.91 18.23 -4.61
C5 NAG K . -34.51 18.47 -4.05
C6 NAG K . -34.14 17.44 -2.98
C7 NAG K . -35.39 20.44 -8.90
C8 NAG K . -35.63 21.72 -9.66
N2 NAG K . -35.33 20.53 -7.56
O3 NAG K . -37.34 18.69 -6.44
O4 NAG K . -36.89 18.37 -3.59
O5 NAG K . -33.57 18.43 -5.10
O6 NAG K . -33.82 16.19 -3.53
O7 NAG K . -35.25 19.38 -9.52
C1 NAG K . -37.53 17.10 -3.42
C2 NAG K . -38.30 17.08 -2.10
C3 NAG K . -39.06 15.78 -1.96
C4 NAG K . -39.90 15.44 -3.19
C5 NAG K . -38.98 15.49 -4.42
C6 NAG K . -39.67 15.11 -5.74
C7 NAG K . -37.22 18.41 -0.33
C8 NAG K . -36.35 18.40 0.90
N2 NAG K . -37.45 17.23 -0.93
O3 NAG K . -39.86 15.79 -0.79
O4 NAG K . -40.42 14.14 -3.00
O5 NAG K . -38.37 16.76 -4.52
O6 NAG K . -40.82 15.90 -5.95
O7 NAG K . -37.68 19.46 -0.75
C1 BMA K . -41.87 14.10 -3.06
C2 BMA K . -42.33 12.69 -3.42
C3 BMA K . -43.84 12.63 -3.56
C4 BMA K . -44.52 13.26 -2.34
C5 BMA K . -43.92 14.65 -2.04
C6 BMA K . -44.52 15.34 -0.82
O2 BMA K . -41.97 11.78 -2.41
O3 BMA K . -44.23 11.27 -3.68
O4 BMA K . -45.89 13.35 -2.61
O5 BMA K . -42.51 14.54 -1.87
O6 BMA K . -45.63 16.11 -1.26
C1 MAN K . -44.70 10.97 -5.00
C2 MAN K . -45.27 9.54 -4.97
C3 MAN K . -44.12 8.59 -5.29
C4 MAN K . -43.71 8.90 -6.74
C5 MAN K . -42.94 10.22 -6.64
C6 MAN K . -42.48 10.70 -8.02
O2 MAN K . -46.38 9.39 -5.87
O3 MAN K . -44.46 7.23 -5.03
O4 MAN K . -42.98 7.87 -7.38
O5 MAN K . -43.74 11.24 -6.03
O6 MAN K . -41.94 12.01 -7.95
C1 MAN K . -45.71 17.42 -0.66
C2 MAN K . -45.01 18.47 -1.53
C3 MAN K . -44.62 19.76 -0.79
C4 MAN K . -45.15 19.95 0.64
C5 MAN K . -45.59 18.68 1.40
C6 MAN K . -47.06 18.74 1.84
O2 MAN K . -45.81 18.79 -2.65
O3 MAN K . -45.00 20.87 -1.57
O4 MAN K . -44.13 20.57 1.40
O5 MAN K . -45.26 17.50 0.68
O6 MAN K . -47.93 18.07 0.93
C1 NAG L . -15.95 7.95 -28.43
C2 NAG L . -16.33 6.73 -29.26
C3 NAG L . -17.40 7.01 -30.32
C4 NAG L . -18.52 7.97 -29.89
C5 NAG L . -17.94 9.15 -29.10
C6 NAG L . -19.06 9.97 -28.49
C7 NAG L . -14.92 4.84 -29.92
C8 NAG L . -13.72 4.37 -30.69
N2 NAG L . -15.18 6.16 -29.96
O3 NAG L . -17.91 5.74 -30.67
O4 NAG L . -19.24 8.45 -31.03
O5 NAG L . -17.11 8.67 -28.04
O6 NAG L . -19.55 9.20 -27.42
O7 NAG L . -15.59 4.03 -29.28
C1 FUL L . -18.35 5.68 -32.04
C2 FUL L . -18.39 4.26 -32.60
O2 FUL L . -18.92 3.37 -31.65
C3 FUL L . -19.31 4.31 -33.82
O3 FUL L . -19.27 3.06 -34.48
C4 FUL L . -18.96 5.48 -34.77
O4 FUL L . -17.86 5.13 -35.58
C5 FUL L . -18.67 6.79 -34.01
C6 FUL L . -18.22 7.96 -34.88
O5 FUL L . -17.73 6.54 -32.98
C1 NAG M . -50.29 -2.68 -10.42
C2 NAG M . -51.42 -1.96 -11.13
C3 NAG M . -52.75 -2.61 -10.75
C4 NAG M . -52.71 -4.16 -10.67
C5 NAG M . -51.33 -4.83 -10.51
C6 NAG M . -51.29 -6.13 -11.31
C7 NAG M . -51.41 0.44 -11.66
C8 NAG M . -51.38 1.83 -11.10
N2 NAG M . -51.40 -0.55 -10.77
O3 NAG M . -53.76 -2.21 -11.65
O4 NAG M . -53.52 -4.59 -9.60
O5 NAG M . -50.24 -4.01 -10.91
O6 NAG M . -51.76 -7.20 -10.52
O7 NAG M . -51.46 0.25 -12.88
C1 NAG N . -18.12 -20.90 -18.97
C2 NAG N . -17.34 -21.54 -20.12
C3 NAG N . -18.16 -22.61 -20.84
C4 NAG N . -18.92 -23.59 -19.89
C5 NAG N . -19.61 -22.79 -18.78
C6 NAG N . -20.19 -23.72 -17.71
C7 NAG N . -15.56 -20.33 -21.33
C8 NAG N . -15.24 -19.28 -22.35
N2 NAG N . -16.86 -20.55 -21.08
O3 NAG N . -17.24 -23.27 -21.67
O4 NAG N . -19.87 -24.37 -20.60
O5 NAG N . -18.68 -21.92 -18.16
O6 NAG N . -19.11 -24.21 -16.95
O7 NAG N . -14.62 -20.93 -20.80
C1 NAG O . -38.62 -3.81 -14.67
C2 NAG O . -39.50 -2.84 -15.47
C3 NAG O . -40.00 -3.46 -16.78
C4 NAG O . -38.83 -4.03 -17.60
C5 NAG O . -38.02 -4.99 -16.72
C6 NAG O . -36.81 -5.62 -17.46
C7 NAG O . -40.88 -1.17 -14.34
C8 NAG O . -42.10 -0.96 -13.51
N2 NAG O . -40.63 -2.44 -14.66
O3 NAG O . -40.70 -2.50 -17.52
O4 NAG O . -39.29 -4.69 -18.76
O5 NAG O . -37.59 -4.35 -15.52
O6 NAG O . -36.24 -4.77 -18.45
O7 NAG O . -40.19 -0.21 -14.70
CA CA P . -1.19 -5.33 -17.16
CA CA Q . -40.00 -11.52 -0.20
C1 NAG R . -1.59 -51.64 1.38
C2 NAG R . -2.85 -52.36 0.89
C3 NAG R . -2.54 -53.84 0.63
C4 NAG R . -1.28 -54.06 -0.21
C5 NAG R . -0.11 -53.10 0.11
C6 NAG R . 0.85 -53.02 -1.09
C7 NAG R . -5.11 -51.65 1.54
C8 NAG R . -6.16 -51.65 2.63
N2 NAG R . -3.95 -52.26 1.83
O3 NAG R . -3.65 -54.41 -0.03
O4 NAG R . -0.85 -55.40 -0.05
O5 NAG R . -0.55 -51.78 0.43
O6 NAG R . 2.20 -52.94 -0.65
O7 NAG R . -5.35 -51.08 0.47
C1 NAG S . 11.89 -23.60 -20.59
C2 NAG S . 12.13 -23.15 -22.03
C3 NAG S . 12.78 -24.23 -22.88
C4 NAG S . 14.04 -24.83 -22.20
C5 NAG S . 13.77 -25.14 -20.71
C6 NAG S . 15.06 -25.50 -19.96
C7 NAG S . 10.70 -21.44 -23.02
C8 NAG S . 9.42 -21.15 -23.76
N2 NAG S . 10.93 -22.72 -22.72
O3 NAG S . 13.08 -23.58 -24.10
O4 NAG S . 14.50 -26.01 -22.86
O5 NAG S . 13.13 -24.05 -20.06
O6 NAG S . 15.87 -24.34 -19.90
O7 NAG S . 11.47 -20.51 -22.73
C1 NAG T . -1.94 -41.63 -5.14
C2 NAG T . -3.24 -42.39 -5.44
C3 NAG T . -3.18 -43.06 -6.81
C4 NAG T . -2.89 -42.01 -7.89
C5 NAG T . -1.58 -41.27 -7.57
C6 NAG T . -1.33 -40.10 -8.51
C7 NAG T . -4.65 -43.41 -3.72
C8 NAG T . -4.80 -44.54 -2.76
N2 NAG T . -3.53 -43.40 -4.45
O3 NAG T . -4.38 -43.75 -7.09
O4 NAG T . -2.83 -42.63 -9.16
O5 NAG T . -1.55 -40.79 -6.22
O6 NAG T . -1.30 -40.50 -9.87
O7 NAG T . -5.53 -42.55 -3.82
CA CA U . 10.44 -40.07 4.96
C1 SIA V . 27.83 7.13 -15.12
C2 SIA V . 27.09 8.33 -15.68
C3 SIA V . 25.63 8.43 -15.17
C4 SIA V . 25.34 9.51 -14.12
C5 SIA V . 26.15 10.77 -14.39
C6 SIA V . 27.63 10.39 -14.40
C7 SIA V . 28.49 11.63 -14.57
C8 SIA V . 29.88 11.41 -13.97
C9 SIA V . 30.95 12.19 -14.72
C10 SIA V . 25.22 12.90 -13.67
C11 SIA V . 24.98 13.82 -12.50
N5 SIA V . 25.85 11.77 -13.37
O1A SIA V . 29.08 7.20 -15.01
O1B SIA V . 27.19 6.10 -14.81
O2 SIA V . 26.97 7.95 -17.07
O4 SIA V . 23.97 9.90 -14.10
O6 SIA V . 27.91 9.49 -15.48
O7 SIA V . 28.54 12.03 -15.95
O8 SIA V . 29.84 11.85 -12.60
O9 SIA V . 30.77 13.58 -14.43
O10 SIA V . 24.85 13.19 -14.80
C1 NAG W . 24.71 18.34 20.18
C2 NAG W . 25.73 17.86 21.26
C3 NAG W . 25.23 18.33 22.63
C4 NAG W . 25.24 19.86 22.62
C5 NAG W . 24.21 20.27 21.54
C6 NAG W . 24.02 21.79 21.40
C7 NAG W . 27.16 15.90 21.57
C8 NAG W . 27.25 14.40 21.51
N2 NAG W . 25.97 16.42 21.24
O3 NAG W . 25.99 17.77 23.70
O4 NAG W . 24.97 20.40 23.89
O5 NAG W . 24.59 19.76 20.27
O6 NAG W . 22.63 22.08 21.46
O7 NAG W . 28.14 16.55 21.92
C1 NAG X . 36.16 -7.36 -19.87
C2 NAG X . 36.79 -8.57 -20.55
C3 NAG X . 36.80 -8.59 -22.11
C4 NAG X . 35.69 -7.80 -22.79
C5 NAG X . 35.41 -6.52 -22.00
C6 NAG X . 34.34 -5.63 -22.63
C7 NAG X . 38.58 -9.21 -18.97
C8 NAG X . 40.07 -9.29 -18.80
N2 NAG X . 38.18 -8.74 -20.15
O3 NAG X . 36.80 -9.91 -22.61
O4 NAG X . 36.06 -7.52 -24.13
O5 NAG X . 35.08 -6.86 -20.65
O6 NAG X . 33.12 -6.33 -22.81
O7 NAG X . 37.82 -9.55 -18.05
CA CA Y . 38.88 7.40 -12.50
C1 SIA Z . -12.14 24.57 -17.55
C2 SIA Z . -13.52 23.93 -17.46
C3 SIA Z . -13.49 22.55 -16.76
C4 SIA Z . -13.80 22.56 -15.26
C5 SIA Z . -15.03 23.42 -15.01
C6 SIA Z . -14.74 24.83 -15.47
C7 SIA Z . -15.94 25.72 -15.20
C8 SIA Z . -15.53 27.19 -15.19
C9 SIA Z . -16.62 28.11 -15.73
C10 SIA Z . -16.76 22.80 -13.40
C11 SIA Z . -17.17 22.74 -11.95
N5 SIA Z . -15.54 23.30 -13.64
O1A SIA Z . -12.05 25.81 -17.73
O1B SIA Z . -11.12 23.83 -17.48
O2 SIA Z . -13.77 23.57 -18.82
O4 SIA Z . -14.10 21.23 -14.82
O6 SIA Z . -14.48 24.85 -16.90
O7 SIA Z . -16.95 25.46 -16.21
O8 SIA Z . -15.19 27.54 -13.84
O9 SIA Z . -17.36 28.68 -14.65
O10 SIA Z . -17.52 22.40 -14.27
C1 NAG AA . -0.22 42.97 -29.21
C2 NAG AA . 0.84 43.14 -30.29
C3 NAG AA . 0.40 44.09 -31.41
C4 NAG AA . -1.01 43.74 -31.89
C5 NAG AA . -2.04 43.70 -30.74
C6 NAG AA . -3.07 42.59 -31.00
C7 NAG AA . 3.05 42.80 -29.33
C8 NAG AA . 4.24 43.45 -28.68
N2 NAG AA . 2.06 43.62 -29.67
O3 NAG AA . 1.31 44.01 -32.49
O4 NAG AA . -1.43 44.69 -32.86
O5 NAG AA . -1.50 43.59 -29.42
O6 NAG AA . -4.36 43.07 -30.73
O7 NAG AA . 3.02 41.57 -29.52
C1 NAG BA . 0.08 32.10 -28.68
C2 NAG BA . 1.38 32.86 -28.95
C3 NAG BA . 1.22 33.61 -30.26
C4 NAG BA . 1.09 32.54 -31.34
C5 NAG BA . -0.14 31.65 -31.04
C6 NAG BA . -0.24 30.51 -32.03
C7 NAG BA . 3.12 33.72 -27.45
C8 NAG BA . 3.52 34.66 -26.36
N2 NAG BA . 1.85 33.76 -27.88
O3 NAG BA . 2.26 34.52 -30.54
O4 NAG BA . 1.02 33.17 -32.60
O5 NAG BA . -0.10 31.12 -29.70
O6 NAG BA . -1.57 30.04 -32.07
O7 NAG BA . 3.95 32.93 -27.91
CA CA CA . -11.29 35.89 -17.77
#